data_2EUH
#
_entry.id   2EUH
#
_cell.length_a   144.800
_cell.length_b   154.800
_cell.length_c   114.300
_cell.angle_alpha   90.00
_cell.angle_beta   90.00
_cell.angle_gamma   90.00
#
_symmetry.space_group_name_H-M   'P 21 21 2'
#
loop_
_entity.id
_entity.type
_entity.pdbx_description
1 polymer 'NADP DEPENDENT NON PHOSPHORYLATING GLYCERALDEHYDE-3-PHOSPHATE DEHYDROGENASE'
2 non-polymer 'NADP NICOTINAMIDE-ADENINE-DINUCLEOTIDE PHOSPHATE'
3 non-polymer 'SULFATE ION'
4 water water
#
_entity_poly.entity_id   1
_entity_poly.type   'polypeptide(L)'
_entity_poly.pdbx_seq_one_letter_code
;MTKQYKNYVNGEWKLSENEIKIYEPASGAELGSVPAMSTEEVDYVYASAKKAQPAWRALSYIERAAYLHKVADILMRDKE
KIGAILSKEVAKGYKSAVSEVVRTAEIINYAAEEGLRMEGEVLEGGSFEAASKKKIAVVRREPVGLVLAISPFNYPVNLA
GSKIAPALIAGNVIAFKPPTQGSISGLLLAEAFAEAGLPAGVFNTITGRGSEIGDYIVEHQAVNFINFTGSTGIGERIGK
MAGMRPIMLELGGKDSAIVLEDADLELTAKNIIAGAFGYSGQRCTAVKRVLVMESVADELVEKIREKVLALTIGNPEDDA
DITPLIDTKSADYVEGLINDANDKGATALTEIKREGNLICPILFDKVTTDMRLAWEEPFGPVLPIIRVTSVEEAIEISNK
SEYGLQASIFTNDFPRAFGIAEQLEVGTVHINNKTQRGTDNFPFLGAKKSGAGIQGVKYSIEAMTTVKSVVFDIK
;
_entity_poly.pdbx_strand_id   A,B,C,D
#
loop_
_chem_comp.id
_chem_comp.type
_chem_comp.name
_chem_comp.formula
NAP non-polymer 'NADP NICOTINAMIDE-ADENINE-DINUCLEOTIDE PHOSPHATE' 'C21 H28 N7 O17 P3'
SO4 non-polymer 'SULFATE ION' 'O4 S -2'
#
# COMPACT_ATOMS: atom_id res chain seq x y z
N THR A 2 -32.75 -29.64 -32.84
CA THR A 2 -32.55 -28.34 -32.12
C THR A 2 -31.06 -28.03 -32.04
N LYS A 3 -30.73 -26.74 -31.95
CA LYS A 3 -29.33 -26.35 -31.86
C LYS A 3 -28.94 -26.61 -30.41
N GLN A 4 -28.21 -27.70 -30.19
CA GLN A 4 -27.80 -28.09 -28.85
C GLN A 4 -26.40 -27.65 -28.46
N TYR A 5 -26.34 -26.75 -27.49
CA TYR A 5 -25.08 -26.24 -27.01
C TYR A 5 -24.52 -27.25 -26.02
N LYS A 6 -23.21 -27.22 -25.81
CA LYS A 6 -22.57 -28.15 -24.91
C LYS A 6 -21.76 -27.46 -23.82
N ASN A 7 -21.53 -28.17 -22.74
CA ASN A 7 -20.76 -27.64 -21.64
C ASN A 7 -19.29 -27.90 -21.91
N TYR A 8 -18.43 -27.00 -21.45
CA TYR A 8 -17.00 -27.16 -21.64
C TYR A 8 -16.52 -27.80 -20.36
N VAL A 9 -16.11 -29.06 -20.47
CA VAL A 9 -15.65 -29.81 -19.31
C VAL A 9 -14.33 -30.46 -19.61
N ASN A 10 -13.35 -30.16 -18.77
CA ASN A 10 -12.01 -30.72 -18.92
C ASN A 10 -11.51 -30.73 -20.35
N GLY A 11 -11.52 -29.58 -21.00
CA GLY A 11 -11.02 -29.49 -22.36
C GLY A 11 -11.92 -30.06 -23.44
N GLU A 12 -13.10 -30.52 -23.05
CA GLU A 12 -14.02 -31.08 -24.02
C GLU A 12 -15.41 -30.50 -23.87
N TRP A 13 -16.16 -30.56 -24.96
CA TRP A 13 -17.54 -30.06 -24.99
C TRP A 13 -18.45 -31.25 -24.76
N LYS A 14 -19.38 -31.12 -23.82
CA LYS A 14 -20.25 -32.25 -23.50
C LYS A 14 -21.74 -31.96 -23.40
N LEU A 15 -22.53 -32.84 -23.99
CA LEU A 15 -23.98 -32.73 -23.93
C LEU A 15 -24.35 -33.62 -22.74
N SER A 16 -25.60 -33.57 -22.33
CA SER A 16 -26.07 -34.40 -21.24
C SER A 16 -27.25 -35.22 -21.77
N GLU A 17 -27.72 -36.20 -21.01
CA GLU A 17 -28.84 -36.99 -21.49
C GLU A 17 -30.07 -36.11 -21.67
N ASN A 18 -30.17 -35.08 -20.85
CA ASN A 18 -31.30 -34.19 -20.92
C ASN A 18 -30.86 -32.80 -21.28
N GLU A 19 -31.78 -32.00 -21.82
CA GLU A 19 -31.48 -30.65 -22.24
C GLU A 19 -32.58 -29.71 -21.78
N ILE A 20 -32.31 -28.42 -21.91
CA ILE A 20 -33.27 -27.39 -21.54
C ILE A 20 -33.34 -26.46 -22.73
N LYS A 21 -34.54 -26.27 -23.26
CA LYS A 21 -34.74 -25.40 -24.41
C LYS A 21 -34.96 -23.96 -23.97
N ILE A 22 -34.23 -23.06 -24.62
CA ILE A 22 -34.26 -21.64 -24.34
C ILE A 22 -35.04 -20.91 -25.43
N TYR A 23 -35.88 -19.96 -25.01
CA TYR A 23 -36.68 -19.17 -25.94
C TYR A 23 -36.35 -17.69 -25.79
N GLU A 24 -36.68 -16.90 -26.80
CA GLU A 24 -36.43 -15.47 -26.73
C GLU A 24 -37.57 -14.82 -25.95
N PRO A 25 -37.25 -14.12 -24.85
CA PRO A 25 -38.29 -13.46 -24.05
C PRO A 25 -39.21 -12.49 -24.78
N ALA A 26 -38.78 -11.96 -25.91
CA ALA A 26 -39.60 -11.01 -26.67
C ALA A 26 -40.52 -11.65 -27.71
N SER A 27 -40.08 -12.74 -28.34
CA SER A 27 -40.89 -13.40 -29.37
C SER A 27 -41.34 -14.82 -29.05
N GLY A 28 -40.66 -15.48 -28.13
CA GLY A 28 -41.04 -16.84 -27.80
C GLY A 28 -40.33 -17.86 -28.67
N ALA A 29 -39.58 -17.37 -29.65
CA ALA A 29 -38.86 -18.23 -30.57
C ALA A 29 -37.81 -19.06 -29.86
N GLU A 30 -37.67 -20.32 -30.25
CA GLU A 30 -36.68 -21.20 -29.65
C GLU A 30 -35.31 -20.72 -30.08
N LEU A 31 -34.39 -20.61 -29.12
CA LEU A 31 -33.02 -20.17 -29.39
C LEU A 31 -32.05 -21.33 -29.53
N GLY A 32 -32.34 -22.44 -28.85
CA GLY A 32 -31.51 -23.61 -28.89
C GLY A 32 -31.73 -24.29 -27.57
N SER A 33 -30.82 -25.16 -27.16
CA SER A 33 -30.97 -25.84 -25.88
C SER A 33 -29.64 -25.93 -25.18
N VAL A 34 -29.68 -26.10 -23.86
CA VAL A 34 -28.46 -26.23 -23.08
C VAL A 34 -28.60 -27.50 -22.25
N PRO A 35 -27.48 -28.17 -21.94
CA PRO A 35 -27.57 -29.40 -21.14
C PRO A 35 -28.16 -29.21 -19.75
N ALA A 36 -28.79 -30.28 -19.26
CA ALA A 36 -29.35 -30.31 -17.92
C ALA A 36 -28.46 -31.36 -17.23
N MET A 37 -27.32 -30.91 -16.72
CA MET A 37 -26.35 -31.77 -16.06
C MET A 37 -26.86 -32.58 -14.87
N SER A 38 -26.29 -33.77 -14.72
CA SER A 38 -26.62 -34.66 -13.62
C SER A 38 -25.57 -34.40 -12.54
N THR A 39 -25.89 -34.68 -11.29
CA THR A 39 -24.96 -34.46 -10.20
C THR A 39 -23.64 -35.17 -10.47
N GLU A 40 -23.70 -36.27 -11.21
CA GLU A 40 -22.51 -37.04 -11.53
C GLU A 40 -21.65 -36.24 -12.49
N GLU A 41 -22.31 -35.48 -13.36
CA GLU A 41 -21.59 -34.67 -14.32
C GLU A 41 -20.97 -33.47 -13.61
N VAL A 42 -21.65 -32.99 -12.57
CA VAL A 42 -21.15 -31.87 -11.77
C VAL A 42 -19.87 -32.32 -11.03
N ASP A 43 -19.89 -33.57 -10.56
CA ASP A 43 -18.76 -34.17 -9.85
C ASP A 43 -17.54 -34.26 -10.74
N TYR A 44 -17.76 -34.53 -12.02
CA TYR A 44 -16.66 -34.65 -12.97
C TYR A 44 -16.07 -33.30 -13.33
N VAL A 45 -16.89 -32.26 -13.32
CA VAL A 45 -16.39 -30.93 -13.62
C VAL A 45 -15.46 -30.54 -12.49
N TYR A 46 -15.92 -30.77 -11.27
CA TYR A 46 -15.16 -30.42 -10.07
C TYR A 46 -13.90 -31.25 -9.93
N ALA A 47 -13.99 -32.54 -10.23
CA ALA A 47 -12.83 -33.43 -10.12
C ALA A 47 -11.78 -33.00 -11.14
N SER A 48 -12.25 -32.54 -12.30
CA SER A 48 -11.38 -32.10 -13.37
C SER A 48 -10.59 -30.86 -12.96
N ALA A 49 -11.29 -29.90 -12.37
CA ALA A 49 -10.70 -28.65 -11.93
C ALA A 49 -9.67 -28.80 -10.80
N LYS A 50 -9.98 -29.62 -9.78
CA LYS A 50 -9.05 -29.81 -8.66
C LYS A 50 -7.78 -30.50 -9.15
N LYS A 51 -7.95 -31.29 -10.20
CA LYS A 51 -6.84 -32.02 -10.77
C LYS A 51 -5.91 -31.07 -11.54
N ALA A 52 -6.51 -30.10 -12.22
CA ALA A 52 -5.76 -29.15 -13.02
C ALA A 52 -5.18 -27.96 -12.27
N GLN A 53 -5.74 -27.65 -11.10
CA GLN A 53 -5.28 -26.51 -10.33
C GLN A 53 -3.78 -26.41 -10.04
N PRO A 54 -3.17 -27.47 -9.47
CA PRO A 54 -1.74 -27.42 -9.19
C PRO A 54 -0.85 -26.94 -10.33
N ALA A 55 -1.08 -27.47 -11.53
CA ALA A 55 -0.28 -27.09 -12.70
C ALA A 55 -0.59 -25.70 -13.19
N TRP A 56 -1.82 -25.25 -12.95
CA TRP A 56 -2.24 -23.91 -13.36
C TRP A 56 -1.55 -22.95 -12.38
N ARG A 57 -1.60 -23.30 -11.10
CA ARG A 57 -0.96 -22.49 -10.07
C ARG A 57 0.54 -22.44 -10.29
N ALA A 58 1.08 -23.49 -10.89
CA ALA A 58 2.52 -23.57 -11.14
C ALA A 58 3.02 -22.66 -12.26
N LEU A 59 2.11 -22.19 -13.10
CA LEU A 59 2.48 -21.30 -14.18
C LEU A 59 2.90 -19.95 -13.58
N SER A 60 3.52 -19.10 -14.40
CA SER A 60 3.92 -17.79 -13.94
C SER A 60 2.70 -16.88 -14.06
N TYR A 61 2.67 -15.80 -13.29
CA TYR A 61 1.56 -14.87 -13.34
C TYR A 61 1.38 -14.35 -14.75
N ILE A 62 2.48 -13.96 -15.37
CA ILE A 62 2.41 -13.44 -16.72
C ILE A 62 1.84 -14.44 -17.73
N GLU A 63 2.13 -15.73 -17.55
CA GLU A 63 1.58 -16.73 -18.47
C GLU A 63 0.06 -16.77 -18.34
N ARG A 64 -0.44 -16.62 -17.11
CA ARG A 64 -1.88 -16.64 -16.89
C ARG A 64 -2.56 -15.36 -17.39
N ALA A 65 -1.84 -14.25 -17.35
CA ALA A 65 -2.40 -13.00 -17.85
C ALA A 65 -2.45 -13.03 -19.38
N ALA A 66 -1.50 -13.74 -19.98
CA ALA A 66 -1.46 -13.84 -21.45
C ALA A 66 -2.64 -14.64 -21.98
N TYR A 67 -3.04 -15.66 -21.21
CA TYR A 67 -4.17 -16.50 -21.57
C TYR A 67 -5.43 -15.65 -21.55
N LEU A 68 -5.58 -14.88 -20.48
CA LEU A 68 -6.73 -14.01 -20.30
C LEU A 68 -6.80 -12.89 -21.32
N HIS A 69 -5.65 -12.37 -21.73
CA HIS A 69 -5.61 -11.30 -22.75
C HIS A 69 -6.08 -11.90 -24.06
N LYS A 70 -5.79 -13.18 -24.27
CA LYS A 70 -6.22 -13.86 -25.48
C LYS A 70 -7.76 -13.94 -25.50
N VAL A 71 -8.34 -14.35 -24.37
CA VAL A 71 -9.79 -14.49 -24.22
C VAL A 71 -10.49 -13.17 -24.50
N ALA A 72 -9.96 -12.08 -23.94
CA ALA A 72 -10.54 -10.75 -24.15
C ALA A 72 -10.44 -10.36 -25.63
N ASP A 73 -9.30 -10.61 -26.24
CA ASP A 73 -9.09 -10.29 -27.65
C ASP A 73 -10.12 -11.04 -28.50
N ILE A 74 -10.37 -12.31 -28.15
CA ILE A 74 -11.33 -13.11 -28.89
C ILE A 74 -12.76 -12.55 -28.74
N LEU A 75 -13.09 -12.08 -27.54
CA LEU A 75 -14.41 -11.53 -27.25
C LEU A 75 -14.66 -10.28 -28.07
N MET A 76 -13.62 -9.48 -28.27
CA MET A 76 -13.73 -8.25 -29.03
C MET A 76 -13.98 -8.56 -30.50
N ARG A 77 -13.30 -9.59 -30.97
CA ARG A 77 -13.41 -10.04 -32.35
C ARG A 77 -14.82 -10.52 -32.65
N ASP A 78 -15.36 -11.34 -31.76
CA ASP A 78 -16.70 -11.90 -31.90
C ASP A 78 -17.79 -11.15 -31.12
N LYS A 79 -17.57 -9.89 -30.80
CA LYS A 79 -18.58 -9.14 -30.03
C LYS A 79 -19.96 -8.97 -30.69
N GLU A 80 -20.00 -8.92 -32.01
CA GLU A 80 -21.28 -8.77 -32.72
C GLU A 80 -21.98 -10.11 -32.72
N LYS A 81 -21.20 -11.18 -32.87
CA LYS A 81 -21.73 -12.54 -32.89
C LYS A 81 -22.40 -12.85 -31.55
N ILE A 82 -21.61 -12.77 -30.48
CA ILE A 82 -22.08 -13.03 -29.13
C ILE A 82 -23.21 -12.06 -28.75
N GLY A 83 -23.06 -10.79 -29.14
CA GLY A 83 -24.08 -9.78 -28.84
C GLY A 83 -25.42 -10.01 -29.51
N ALA A 84 -25.42 -10.59 -30.70
CA ALA A 84 -26.68 -10.85 -31.40
C ALA A 84 -27.52 -11.92 -30.68
N ILE A 85 -26.85 -12.92 -30.09
CA ILE A 85 -27.55 -13.98 -29.38
C ILE A 85 -27.92 -13.55 -27.95
N LEU A 86 -27.03 -12.80 -27.31
CA LEU A 86 -27.28 -12.33 -25.97
C LEU A 86 -28.53 -11.42 -26.01
N SER A 87 -28.57 -10.55 -27.00
CA SER A 87 -29.69 -9.62 -27.18
C SER A 87 -30.99 -10.41 -27.24
N LYS A 88 -30.99 -11.49 -28.01
CA LYS A 88 -32.16 -12.38 -28.18
C LYS A 88 -32.52 -13.21 -26.95
N GLU A 89 -31.51 -13.73 -26.26
CA GLU A 89 -31.75 -14.56 -25.09
C GLU A 89 -32.30 -13.84 -23.87
N VAL A 90 -31.89 -12.61 -23.62
CA VAL A 90 -32.42 -11.91 -22.45
C VAL A 90 -33.23 -10.65 -22.78
N ALA A 91 -33.68 -10.55 -24.03
CA ALA A 91 -34.48 -9.41 -24.50
C ALA A 91 -33.92 -8.04 -24.13
N LYS A 92 -32.61 -7.88 -24.36
CA LYS A 92 -31.97 -6.62 -24.06
C LYS A 92 -31.56 -6.06 -25.40
N GLY A 93 -31.64 -4.74 -25.55
CA GLY A 93 -31.26 -4.10 -26.80
C GLY A 93 -29.99 -4.67 -27.40
N TYR A 94 -29.92 -4.68 -28.73
CA TYR A 94 -28.77 -5.23 -29.41
C TYR A 94 -27.44 -4.51 -29.12
N LYS A 95 -27.42 -3.19 -29.28
CA LYS A 95 -26.20 -2.42 -29.05
C LYS A 95 -25.66 -2.54 -27.63
N SER A 96 -26.57 -2.58 -26.67
CA SER A 96 -26.21 -2.70 -25.27
C SER A 96 -25.71 -4.11 -24.99
N ALA A 97 -26.18 -5.07 -25.78
CA ALA A 97 -25.78 -6.46 -25.64
C ALA A 97 -24.32 -6.57 -26.08
N VAL A 98 -24.01 -5.90 -27.18
CA VAL A 98 -22.66 -5.88 -27.74
C VAL A 98 -21.76 -5.17 -26.74
N SER A 99 -22.34 -4.20 -26.01
CA SER A 99 -21.60 -3.44 -25.02
C SER A 99 -21.27 -4.27 -23.81
N GLU A 100 -22.10 -5.26 -23.53
CA GLU A 100 -21.85 -6.11 -22.38
C GLU A 100 -20.59 -6.92 -22.68
N VAL A 101 -20.52 -7.48 -23.88
CA VAL A 101 -19.38 -8.27 -24.32
C VAL A 101 -18.12 -7.42 -24.27
N VAL A 102 -18.22 -6.21 -24.78
CA VAL A 102 -17.09 -5.30 -24.79
C VAL A 102 -16.60 -5.00 -23.38
N ARG A 103 -17.55 -4.78 -22.47
CA ARG A 103 -17.22 -4.47 -21.08
C ARG A 103 -16.61 -5.66 -20.39
N THR A 104 -16.96 -6.85 -20.86
CA THR A 104 -16.42 -8.09 -20.31
C THR A 104 -14.95 -8.17 -20.69
N ALA A 105 -14.64 -7.97 -21.96
CA ALA A 105 -13.26 -8.03 -22.41
C ALA A 105 -12.42 -7.05 -21.58
N GLU A 106 -12.98 -5.88 -21.34
CA GLU A 106 -12.29 -4.84 -20.59
C GLU A 106 -11.95 -5.26 -19.18
N ILE A 107 -12.89 -5.89 -18.50
CA ILE A 107 -12.64 -6.31 -17.13
C ILE A 107 -11.70 -7.51 -17.09
N ILE A 108 -11.74 -8.36 -18.12
CA ILE A 108 -10.84 -9.51 -18.21
C ILE A 108 -9.40 -9.01 -18.41
N ASN A 109 -9.25 -8.01 -19.28
CA ASN A 109 -7.93 -7.43 -19.55
C ASN A 109 -7.41 -6.67 -18.33
N TYR A 110 -8.29 -5.98 -17.60
CA TYR A 110 -7.88 -5.21 -16.42
C TYR A 110 -7.47 -6.14 -15.25
N ALA A 111 -8.28 -7.17 -15.02
CA ALA A 111 -7.99 -8.12 -13.95
C ALA A 111 -6.69 -8.85 -14.28
N ALA A 112 -6.41 -9.04 -15.57
CA ALA A 112 -5.20 -9.72 -15.99
C ALA A 112 -3.95 -8.94 -15.60
N GLU A 113 -4.01 -7.62 -15.76
CA GLU A 113 -2.87 -6.77 -15.44
C GLU A 113 -2.81 -6.39 -13.96
N GLU A 114 -3.94 -6.49 -13.28
CA GLU A 114 -4.02 -6.17 -11.87
C GLU A 114 -3.47 -7.34 -11.08
N GLY A 115 -3.80 -8.55 -11.51
CA GLY A 115 -3.37 -9.75 -10.83
C GLY A 115 -1.89 -10.07 -10.84
N LEU A 116 -1.18 -9.66 -11.88
CA LEU A 116 0.24 -9.95 -11.89
C LEU A 116 0.98 -8.86 -11.12
N ARG A 117 0.21 -8.02 -10.42
CA ARG A 117 0.79 -6.92 -9.65
C ARG A 117 0.36 -6.94 -8.17
N MET A 118 -0.03 -8.10 -7.67
CA MET A 118 -0.41 -8.19 -6.27
C MET A 118 0.90 -8.49 -5.55
N GLU A 119 1.26 -7.67 -4.57
CA GLU A 119 2.53 -7.87 -3.88
C GLU A 119 2.40 -8.44 -2.49
N GLY A 120 3.49 -8.99 -1.98
CA GLY A 120 3.49 -9.54 -0.65
C GLY A 120 4.14 -8.55 0.31
N GLU A 121 4.32 -8.97 1.55
CA GLU A 121 4.93 -8.09 2.53
C GLU A 121 5.98 -8.83 3.31
N VAL A 122 6.88 -8.05 3.91
CA VAL A 122 7.94 -8.58 4.78
C VAL A 122 7.73 -7.79 6.05
N LEU A 123 7.38 -8.48 7.13
CA LEU A 123 7.13 -7.82 8.41
C LEU A 123 8.25 -8.10 9.41
N GLU A 124 8.46 -7.16 10.33
CA GLU A 124 9.50 -7.29 11.36
C GLU A 124 8.97 -7.63 12.75
N GLY A 125 9.59 -8.60 13.41
CA GLY A 125 9.16 -8.96 14.74
C GLY A 125 9.52 -7.82 15.68
N GLY A 126 10.54 -7.06 15.31
CA GLY A 126 10.99 -5.94 16.15
C GLY A 126 10.01 -4.80 16.31
N SER A 127 8.96 -4.80 15.49
CA SER A 127 7.93 -3.78 15.56
C SER A 127 7.08 -4.07 16.78
N PHE A 128 6.93 -5.35 17.11
CA PHE A 128 6.11 -5.77 18.26
C PHE A 128 6.92 -6.04 19.52
N GLU A 129 8.07 -6.68 19.38
CA GLU A 129 8.88 -7.00 20.54
C GLU A 129 10.33 -7.10 20.19
N ALA A 130 11.17 -6.45 20.99
CA ALA A 130 12.61 -6.45 20.79
C ALA A 130 13.19 -7.85 20.69
N ALA A 131 12.72 -8.76 21.54
CA ALA A 131 13.22 -10.13 21.53
C ALA A 131 13.07 -10.80 20.16
N SER A 132 12.09 -10.39 19.37
CA SER A 132 11.86 -11.00 18.05
C SER A 132 12.35 -10.12 16.91
N LYS A 133 13.31 -9.26 17.22
CA LYS A 133 13.84 -8.34 16.22
C LYS A 133 14.59 -8.99 15.04
N LYS A 134 15.02 -10.24 15.21
CA LYS A 134 15.71 -10.94 14.13
C LYS A 134 14.73 -11.81 13.36
N LYS A 135 13.48 -11.84 13.80
CA LYS A 135 12.44 -12.63 13.17
C LYS A 135 11.66 -11.80 12.15
N ILE A 136 11.65 -12.25 10.91
CA ILE A 136 10.92 -11.55 9.85
C ILE A 136 9.92 -12.49 9.17
N ALA A 137 8.83 -11.91 8.68
CA ALA A 137 7.81 -12.72 8.03
C ALA A 137 7.70 -12.36 6.56
N VAL A 138 7.84 -13.36 5.70
CA VAL A 138 7.69 -13.16 4.27
C VAL A 138 6.29 -13.65 3.90
N VAL A 139 5.38 -12.70 3.68
CA VAL A 139 4.00 -13.02 3.35
C VAL A 139 3.67 -12.90 1.85
N ARG A 140 3.22 -14.01 1.27
CA ARG A 140 2.86 -14.05 -0.15
C ARG A 140 1.45 -14.62 -0.38
N ARG A 141 0.75 -14.09 -1.37
CA ARG A 141 -0.62 -14.52 -1.69
C ARG A 141 -0.69 -15.88 -2.37
N GLU A 142 -1.85 -16.53 -2.29
CA GLU A 142 -2.06 -17.86 -2.88
C GLU A 142 -3.53 -18.02 -3.21
N PRO A 143 -3.85 -18.82 -4.24
CA PRO A 143 -5.24 -19.04 -4.63
C PRO A 143 -6.01 -19.79 -3.55
N VAL A 144 -7.32 -19.64 -3.55
CA VAL A 144 -8.14 -20.34 -2.57
C VAL A 144 -8.37 -21.78 -3.05
N GLY A 145 -8.31 -21.97 -4.36
CA GLY A 145 -8.51 -23.29 -4.92
C GLY A 145 -9.49 -23.28 -6.08
N LEU A 146 -10.60 -24.00 -5.92
CA LEU A 146 -11.62 -24.08 -6.95
C LEU A 146 -12.75 -23.10 -6.61
N VAL A 147 -12.99 -22.15 -7.52
CA VAL A 147 -14.02 -21.13 -7.33
C VAL A 147 -15.25 -21.41 -8.20
N LEU A 148 -16.43 -21.31 -7.59
CA LEU A 148 -17.68 -21.51 -8.30
C LEU A 148 -18.25 -20.12 -8.57
N ALA A 149 -18.43 -19.81 -9.84
CA ALA A 149 -18.94 -18.50 -10.24
C ALA A 149 -20.34 -18.65 -10.82
N ILE A 150 -21.25 -17.76 -10.40
CA ILE A 150 -22.64 -17.78 -10.85
C ILE A 150 -23.12 -16.37 -11.22
N SER A 151 -23.44 -16.16 -12.49
CA SER A 151 -23.90 -14.87 -12.99
C SER A 151 -25.42 -14.80 -13.07
N PRO A 152 -26.00 -13.58 -13.12
CA PRO A 152 -27.44 -13.38 -13.20
C PRO A 152 -27.89 -13.23 -14.65
N PHE A 153 -29.20 -13.26 -14.88
CA PHE A 153 -29.74 -13.15 -16.23
C PHE A 153 -29.55 -11.80 -16.92
N ASN A 154 -29.48 -10.71 -16.16
CA ASN A 154 -29.32 -9.40 -16.79
C ASN A 154 -27.90 -9.09 -17.27
N TYR A 155 -26.92 -9.84 -16.76
CA TYR A 155 -25.52 -9.72 -17.14
C TYR A 155 -24.84 -11.07 -16.99
N PRO A 156 -25.28 -12.04 -17.82
CA PRO A 156 -24.76 -13.41 -17.81
C PRO A 156 -23.30 -13.55 -18.24
N VAL A 157 -22.88 -12.65 -19.13
CA VAL A 157 -21.50 -12.66 -19.63
C VAL A 157 -20.64 -11.73 -18.79
N ASN A 158 -20.98 -10.45 -18.77
CA ASN A 158 -20.26 -9.46 -18.00
C ASN A 158 -20.04 -9.89 -16.54
N LEU A 159 -21.14 -10.24 -15.86
CA LEU A 159 -21.02 -10.62 -14.46
C LEU A 159 -20.54 -12.05 -14.21
N ALA A 160 -19.96 -12.65 -15.25
CA ALA A 160 -19.37 -13.98 -15.17
C ALA A 160 -17.89 -13.64 -15.27
N GLY A 161 -17.54 -12.92 -16.34
CA GLY A 161 -16.16 -12.49 -16.54
C GLY A 161 -15.63 -11.69 -15.35
N SER A 162 -16.52 -10.97 -14.67
CA SER A 162 -16.13 -10.18 -13.52
C SER A 162 -15.69 -11.08 -12.36
N LYS A 163 -15.93 -12.38 -12.49
CA LYS A 163 -15.56 -13.34 -11.46
C LYS A 163 -14.48 -14.29 -11.96
N ILE A 164 -14.59 -14.70 -13.21
CA ILE A 164 -13.62 -15.62 -13.80
C ILE A 164 -12.20 -15.08 -13.92
N ALA A 165 -12.04 -13.91 -14.53
CA ALA A 165 -10.72 -13.31 -14.70
C ALA A 165 -9.96 -13.08 -13.37
N PRO A 166 -10.58 -12.37 -12.42
CA PRO A 166 -9.88 -12.16 -11.14
C PRO A 166 -9.46 -13.47 -10.47
N ALA A 167 -10.28 -14.49 -10.63
CA ALA A 167 -10.02 -15.79 -10.03
C ALA A 167 -8.88 -16.52 -10.69
N LEU A 168 -8.91 -16.57 -12.02
CA LEU A 168 -7.89 -17.27 -12.79
C LEU A 168 -6.50 -16.68 -12.70
N ILE A 169 -6.41 -15.36 -12.81
CA ILE A 169 -5.10 -14.70 -12.75
C ILE A 169 -4.33 -15.06 -11.49
N ALA A 170 -5.03 -15.27 -10.39
CA ALA A 170 -4.40 -15.60 -9.12
C ALA A 170 -4.02 -17.06 -8.93
N GLY A 171 -4.37 -17.90 -9.88
CA GLY A 171 -4.05 -19.32 -9.76
C GLY A 171 -5.23 -20.24 -9.44
N ASN A 172 -6.40 -19.68 -9.15
CA ASN A 172 -7.58 -20.48 -8.85
C ASN A 172 -8.08 -21.11 -10.13
N VAL A 173 -8.89 -22.16 -10.02
CA VAL A 173 -9.49 -22.78 -11.20
C VAL A 173 -10.97 -22.41 -11.12
N ILE A 174 -11.68 -22.54 -12.22
CA ILE A 174 -13.07 -22.10 -12.27
C ILE A 174 -14.14 -23.12 -12.69
N ALA A 175 -15.32 -22.97 -12.09
CA ALA A 175 -16.51 -23.77 -12.38
C ALA A 175 -17.53 -22.67 -12.56
N PHE A 176 -17.95 -22.45 -13.81
CA PHE A 176 -18.91 -21.41 -14.12
C PHE A 176 -20.30 -21.90 -14.45
N LYS A 177 -21.29 -21.32 -13.77
CA LYS A 177 -22.69 -21.69 -13.99
C LYS A 177 -23.50 -20.45 -14.30
N PRO A 178 -23.90 -20.29 -15.57
CA PRO A 178 -24.71 -19.12 -15.95
C PRO A 178 -26.16 -19.31 -15.57
N PRO A 179 -27.00 -18.29 -15.78
CA PRO A 179 -28.40 -18.50 -15.41
C PRO A 179 -29.00 -19.32 -16.56
N THR A 180 -30.04 -20.10 -16.30
CA THR A 180 -30.60 -20.89 -17.39
C THR A 180 -31.06 -19.96 -18.52
N GLN A 181 -31.77 -18.89 -18.19
CA GLN A 181 -32.18 -17.93 -19.20
C GLN A 181 -30.95 -17.04 -19.34
N GLY A 182 -30.08 -17.42 -20.28
CA GLY A 182 -28.84 -16.70 -20.52
C GLY A 182 -27.68 -17.68 -20.51
N SER A 183 -28.01 -18.97 -20.48
CA SER A 183 -26.97 -20.01 -20.47
C SER A 183 -26.32 -20.22 -21.86
N ILE A 184 -27.07 -19.90 -22.91
CA ILE A 184 -26.51 -20.07 -24.25
C ILE A 184 -25.38 -19.04 -24.41
N SER A 185 -25.59 -17.83 -23.92
CA SER A 185 -24.60 -16.76 -23.99
C SER A 185 -23.42 -17.09 -23.08
N GLY A 186 -23.72 -17.74 -21.97
CA GLY A 186 -22.67 -18.11 -21.04
C GLY A 186 -21.75 -19.12 -21.69
N LEU A 187 -22.31 -19.96 -22.57
CA LEU A 187 -21.52 -20.96 -23.26
C LEU A 187 -20.79 -20.36 -24.46
N LEU A 188 -21.26 -19.21 -24.93
CA LEU A 188 -20.59 -18.54 -26.04
C LEU A 188 -19.31 -17.90 -25.47
N LEU A 189 -19.34 -17.53 -24.20
CA LEU A 189 -18.18 -16.94 -23.52
C LEU A 189 -17.19 -18.09 -23.27
N ALA A 190 -17.73 -19.26 -22.98
CA ALA A 190 -16.95 -20.46 -22.73
C ALA A 190 -16.13 -20.79 -23.95
N GLU A 191 -16.69 -20.50 -25.11
CA GLU A 191 -16.01 -20.75 -26.38
C GLU A 191 -14.71 -19.95 -26.45
N ALA A 192 -14.74 -18.73 -25.95
CA ALA A 192 -13.57 -17.87 -25.97
C ALA A 192 -12.46 -18.46 -25.11
N PHE A 193 -12.83 -19.00 -23.95
CA PHE A 193 -11.82 -19.59 -23.09
C PHE A 193 -11.26 -20.83 -23.75
N ALA A 194 -12.10 -21.50 -24.53
CA ALA A 194 -11.69 -22.71 -25.24
C ALA A 194 -10.68 -22.37 -26.33
N GLU A 195 -11.01 -21.35 -27.13
CA GLU A 195 -10.12 -20.92 -28.20
C GLU A 195 -8.82 -20.34 -27.65
N ALA A 196 -8.88 -19.61 -26.54
CA ALA A 196 -7.65 -19.05 -25.97
C ALA A 196 -6.69 -20.19 -25.60
N GLY A 197 -7.26 -21.40 -25.42
CA GLY A 197 -6.46 -22.57 -25.10
C GLY A 197 -5.95 -22.76 -23.68
N LEU A 198 -6.75 -22.44 -22.68
CA LEU A 198 -6.31 -22.63 -21.30
C LEU A 198 -6.27 -24.14 -21.06
N PRO A 199 -5.35 -24.61 -20.22
CA PRO A 199 -5.25 -26.04 -19.95
C PRO A 199 -6.56 -26.69 -19.51
N ALA A 200 -6.78 -27.94 -19.96
CA ALA A 200 -7.98 -28.68 -19.62
C ALA A 200 -8.22 -28.73 -18.11
N GLY A 201 -9.45 -28.43 -17.71
CA GLY A 201 -9.79 -28.44 -16.29
C GLY A 201 -9.71 -27.09 -15.59
N VAL A 202 -8.95 -26.15 -16.16
CA VAL A 202 -8.80 -24.82 -15.55
C VAL A 202 -10.11 -24.04 -15.59
N PHE A 203 -10.84 -24.14 -16.69
CA PHE A 203 -12.12 -23.45 -16.82
C PHE A 203 -13.18 -24.41 -17.34
N ASN A 204 -14.29 -24.53 -16.63
CA ASN A 204 -15.37 -25.42 -17.03
C ASN A 204 -16.69 -24.74 -16.77
N THR A 205 -17.74 -25.25 -17.41
CA THR A 205 -19.07 -24.70 -17.22
C THR A 205 -20.06 -25.75 -16.71
N ILE A 206 -21.11 -25.27 -16.07
CA ILE A 206 -22.16 -26.14 -15.54
C ILE A 206 -23.49 -25.56 -16.01
N THR A 207 -24.43 -26.41 -16.40
CA THR A 207 -25.75 -25.95 -16.81
C THR A 207 -26.84 -26.88 -16.30
N GLY A 208 -27.97 -26.27 -15.94
CA GLY A 208 -29.10 -26.99 -15.38
C GLY A 208 -29.84 -25.96 -14.55
N ARG A 209 -31.07 -26.25 -14.17
CA ARG A 209 -31.82 -25.27 -13.38
C ARG A 209 -31.32 -25.13 -11.94
N GLY A 210 -30.90 -23.91 -11.58
CA GLY A 210 -30.41 -23.67 -10.25
C GLY A 210 -31.42 -24.14 -9.22
N SER A 211 -32.70 -24.06 -9.58
CA SER A 211 -33.76 -24.49 -8.68
C SER A 211 -33.75 -26.01 -8.51
N GLU A 212 -32.91 -26.69 -9.30
CA GLU A 212 -32.84 -28.13 -9.22
C GLU A 212 -31.45 -28.70 -8.87
N ILE A 213 -30.38 -28.14 -9.43
CA ILE A 213 -29.03 -28.62 -9.10
C ILE A 213 -28.21 -27.56 -8.39
N GLY A 214 -28.81 -26.38 -8.20
CA GLY A 214 -28.11 -25.30 -7.53
C GLY A 214 -27.58 -25.61 -6.14
N ASP A 215 -28.42 -26.15 -5.27
CA ASP A 215 -28.00 -26.47 -3.90
C ASP A 215 -26.87 -27.47 -3.94
N TYR A 216 -26.93 -28.38 -4.92
CA TYR A 216 -25.92 -29.42 -5.07
C TYR A 216 -24.54 -28.86 -5.40
N ILE A 217 -24.48 -28.01 -6.42
CA ILE A 217 -23.22 -27.42 -6.85
C ILE A 217 -22.59 -26.51 -5.81
N VAL A 218 -23.41 -25.91 -4.95
CA VAL A 218 -22.91 -25.01 -3.92
C VAL A 218 -22.46 -25.77 -2.68
N GLU A 219 -23.22 -26.79 -2.31
CA GLU A 219 -22.91 -27.58 -1.11
C GLU A 219 -21.74 -28.53 -1.34
N HIS A 220 -21.43 -28.78 -2.60
CA HIS A 220 -20.32 -29.68 -2.93
C HIS A 220 -19.01 -29.27 -2.24
N GLN A 221 -18.48 -30.18 -1.42
CA GLN A 221 -17.26 -29.90 -0.67
C GLN A 221 -16.00 -29.65 -1.48
N ALA A 222 -16.03 -29.93 -2.78
CA ALA A 222 -14.89 -29.71 -3.65
C ALA A 222 -14.77 -28.22 -3.95
N VAL A 223 -15.83 -27.48 -3.69
CA VAL A 223 -15.86 -26.04 -3.94
C VAL A 223 -15.25 -25.31 -2.76
N ASN A 224 -14.25 -24.47 -3.06
CA ASN A 224 -13.53 -23.70 -2.03
C ASN A 224 -14.01 -22.26 -1.85
N PHE A 225 -14.74 -21.74 -2.82
CA PHE A 225 -15.20 -20.36 -2.74
C PHE A 225 -16.42 -20.18 -3.65
N ILE A 226 -17.39 -19.41 -3.19
CA ILE A 226 -18.59 -19.15 -3.99
C ILE A 226 -18.79 -17.66 -4.25
N ASN A 227 -18.72 -17.28 -5.52
CA ASN A 227 -18.90 -15.91 -5.98
C ASN A 227 -20.25 -15.91 -6.69
N PHE A 228 -21.23 -15.23 -6.10
CA PHE A 228 -22.58 -15.22 -6.64
C PHE A 228 -23.19 -13.84 -6.85
N THR A 229 -23.97 -13.72 -7.92
CA THR A 229 -24.67 -12.49 -8.26
C THR A 229 -26.10 -12.92 -8.58
N GLY A 230 -27.06 -12.38 -7.84
CA GLY A 230 -28.43 -12.73 -8.06
C GLY A 230 -29.34 -12.18 -6.96
N SER A 231 -30.45 -12.88 -6.72
CA SER A 231 -31.43 -12.46 -5.73
C SER A 231 -30.98 -12.64 -4.29
N THR A 232 -31.54 -11.83 -3.41
CA THR A 232 -31.24 -11.88 -1.98
C THR A 232 -31.61 -13.23 -1.38
N GLY A 233 -32.78 -13.73 -1.76
CA GLY A 233 -33.24 -15.01 -1.27
C GLY A 233 -32.26 -16.14 -1.51
N ILE A 234 -31.69 -16.20 -2.71
CA ILE A 234 -30.74 -17.25 -3.05
C ILE A 234 -29.42 -16.94 -2.38
N GLY A 235 -29.09 -15.66 -2.26
CA GLY A 235 -27.85 -15.31 -1.60
C GLY A 235 -27.91 -15.81 -0.16
N GLU A 236 -29.03 -15.59 0.52
CA GLU A 236 -29.19 -16.02 1.91
C GLU A 236 -28.93 -17.52 1.98
N ARG A 237 -29.51 -18.23 1.03
CA ARG A 237 -29.37 -19.67 0.90
C ARG A 237 -27.90 -20.06 0.85
N ILE A 238 -27.21 -19.55 -0.18
CA ILE A 238 -25.80 -19.82 -0.40
C ILE A 238 -24.97 -19.44 0.84
N GLY A 239 -25.28 -18.30 1.47
CA GLY A 239 -24.55 -17.91 2.66
C GLY A 239 -24.52 -19.04 3.68
N LYS A 240 -25.65 -19.73 3.81
CA LYS A 240 -25.75 -20.85 4.75
C LYS A 240 -25.12 -22.11 4.21
N MET A 241 -25.36 -22.41 2.93
CA MET A 241 -24.81 -23.61 2.28
C MET A 241 -23.28 -23.53 2.17
N ALA A 242 -22.73 -22.34 2.37
CA ALA A 242 -21.31 -22.14 2.29
C ALA A 242 -20.58 -22.62 3.56
N GLY A 243 -21.29 -22.65 4.69
CA GLY A 243 -20.67 -23.08 5.92
C GLY A 243 -19.66 -22.05 6.39
N MET A 244 -18.40 -22.44 6.59
CA MET A 244 -17.38 -21.48 7.00
C MET A 244 -16.52 -21.15 5.78
N ARG A 245 -16.97 -21.63 4.62
CA ARG A 245 -16.29 -21.39 3.35
C ARG A 245 -16.49 -19.94 2.92
N PRO A 246 -15.49 -19.35 2.25
CA PRO A 246 -15.57 -17.96 1.79
C PRO A 246 -16.53 -17.76 0.62
N ILE A 247 -17.21 -16.62 0.61
CA ILE A 247 -18.17 -16.31 -0.44
C ILE A 247 -18.21 -14.81 -0.73
N MET A 248 -18.78 -14.47 -1.87
CA MET A 248 -18.92 -13.09 -2.27
C MET A 248 -20.31 -13.04 -2.89
N LEU A 249 -21.20 -12.25 -2.28
CA LEU A 249 -22.56 -12.13 -2.78
C LEU A 249 -22.89 -10.72 -3.23
N GLU A 250 -23.49 -10.63 -4.41
CA GLU A 250 -23.92 -9.37 -4.98
C GLU A 250 -25.41 -9.60 -5.12
N LEU A 251 -26.19 -9.02 -4.21
CA LEU A 251 -27.62 -9.23 -4.23
C LEU A 251 -28.48 -8.05 -4.65
N GLY A 252 -29.72 -8.03 -4.19
CA GLY A 252 -30.63 -6.97 -4.56
C GLY A 252 -30.27 -5.56 -4.14
N GLY A 253 -30.97 -4.60 -4.76
CA GLY A 253 -30.76 -3.20 -4.47
C GLY A 253 -32.06 -2.45 -4.69
N LYS A 254 -32.20 -1.31 -4.00
CA LYS A 254 -33.37 -0.44 -4.11
C LYS A 254 -32.79 0.98 -3.97
N ASP A 255 -31.81 1.28 -4.82
CA ASP A 255 -31.13 2.57 -4.79
C ASP A 255 -32.05 3.78 -4.75
N SER A 256 -31.77 4.68 -3.82
CA SER A 256 -32.55 5.89 -3.68
C SER A 256 -31.76 7.08 -4.18
N ALA A 257 -32.49 8.06 -4.71
CA ALA A 257 -31.92 9.29 -5.22
C ALA A 257 -32.46 10.41 -4.33
N ILE A 258 -31.61 10.89 -3.43
CA ILE A 258 -31.98 11.96 -2.54
C ILE A 258 -31.74 13.28 -3.26
N VAL A 259 -32.81 14.05 -3.45
CA VAL A 259 -32.75 15.33 -4.14
C VAL A 259 -33.03 16.49 -3.20
N LEU A 260 -31.98 17.23 -2.86
CA LEU A 260 -32.10 18.35 -1.95
C LEU A 260 -32.60 19.56 -2.74
N GLU A 261 -32.93 20.63 -2.03
CA GLU A 261 -33.48 21.84 -2.64
C GLU A 261 -32.56 22.69 -3.50
N ASP A 262 -31.25 22.43 -3.45
CA ASP A 262 -30.31 23.23 -4.25
C ASP A 262 -29.76 22.44 -5.42
N ALA A 263 -30.46 21.39 -5.81
CA ALA A 263 -30.02 20.54 -6.89
C ALA A 263 -30.33 21.15 -8.25
N ASP A 264 -29.58 20.75 -9.27
CA ASP A 264 -29.82 21.20 -10.64
C ASP A 264 -30.88 20.19 -11.08
N LEU A 265 -32.15 20.60 -11.03
CA LEU A 265 -33.25 19.71 -11.36
C LEU A 265 -33.22 19.07 -12.75
N GLU A 266 -32.73 19.80 -13.75
CA GLU A 266 -32.71 19.22 -15.09
C GLU A 266 -31.65 18.12 -15.17
N LEU A 267 -30.50 18.37 -14.57
CA LEU A 267 -29.43 17.37 -14.56
C LEU A 267 -29.86 16.18 -13.70
N THR A 268 -30.62 16.46 -12.65
CA THR A 268 -31.09 15.44 -11.76
C THR A 268 -32.14 14.58 -12.47
N ALA A 269 -33.05 15.23 -13.19
CA ALA A 269 -34.11 14.55 -13.93
C ALA A 269 -33.56 13.58 -14.99
N LYS A 270 -32.50 13.99 -15.67
CA LYS A 270 -31.91 13.15 -16.71
C LYS A 270 -31.18 11.94 -16.13
N ASN A 271 -30.52 12.12 -14.99
CA ASN A 271 -29.80 11.01 -14.37
C ASN A 271 -30.78 9.98 -13.81
N ILE A 272 -31.79 10.45 -13.12
CA ILE A 272 -32.79 9.54 -12.57
C ILE A 272 -33.45 8.73 -13.69
N ILE A 273 -33.77 9.39 -14.81
CA ILE A 273 -34.38 8.71 -15.92
C ILE A 273 -33.44 7.63 -16.45
N ALA A 274 -32.18 8.00 -16.63
CA ALA A 274 -31.16 7.09 -17.14
C ALA A 274 -31.00 5.88 -16.25
N GLY A 275 -30.77 6.12 -14.97
CA GLY A 275 -30.59 5.00 -14.06
C GLY A 275 -31.84 4.21 -13.70
N ALA A 276 -33.00 4.86 -13.69
CA ALA A 276 -34.23 4.18 -13.35
C ALA A 276 -34.78 3.27 -14.43
N PHE A 277 -34.77 3.73 -15.68
CA PHE A 277 -35.34 2.95 -16.77
C PHE A 277 -34.38 2.15 -17.62
N GLY A 278 -33.10 2.14 -17.26
CA GLY A 278 -32.14 1.36 -18.03
C GLY A 278 -32.50 -0.12 -18.02
N TYR A 279 -32.51 -0.74 -19.20
CA TYR A 279 -32.83 -2.15 -19.35
C TYR A 279 -34.18 -2.45 -18.67
N SER A 280 -35.14 -1.55 -18.88
CA SER A 280 -36.48 -1.71 -18.32
C SER A 280 -36.47 -1.81 -16.81
N GLY A 281 -35.49 -1.18 -16.17
CA GLY A 281 -35.41 -1.22 -14.73
C GLY A 281 -34.86 -2.54 -14.22
N GLN A 282 -34.37 -3.38 -15.13
CA GLN A 282 -33.82 -4.68 -14.78
C GLN A 282 -32.33 -4.59 -14.49
N ARG A 283 -31.97 -3.67 -13.61
CA ARG A 283 -30.59 -3.44 -13.20
C ARG A 283 -30.55 -3.31 -11.67
N CYS A 284 -29.55 -3.93 -11.04
CA CYS A 284 -29.41 -3.89 -9.58
C CYS A 284 -29.05 -2.50 -9.09
N THR A 285 -28.09 -1.87 -9.78
CA THR A 285 -27.65 -0.53 -9.45
C THR A 285 -28.50 0.33 -10.35
N ALA A 286 -29.59 0.84 -9.79
CA ALA A 286 -30.51 1.66 -10.54
C ALA A 286 -31.33 2.47 -9.56
N VAL A 287 -31.58 3.74 -9.88
CA VAL A 287 -32.36 4.59 -9.00
C VAL A 287 -33.72 3.91 -8.98
N LYS A 288 -34.10 3.36 -7.82
CA LYS A 288 -35.39 2.66 -7.72
C LYS A 288 -36.40 3.40 -6.84
N ARG A 289 -36.01 4.55 -6.34
CA ARG A 289 -36.88 5.39 -5.51
C ARG A 289 -36.27 6.78 -5.29
N VAL A 290 -37.06 7.80 -5.55
CA VAL A 290 -36.62 9.18 -5.42
C VAL A 290 -37.19 9.79 -4.12
N LEU A 291 -36.30 10.27 -3.26
CA LEU A 291 -36.71 10.91 -2.00
C LEU A 291 -36.36 12.37 -2.17
N VAL A 292 -37.32 13.15 -2.65
CA VAL A 292 -37.13 14.57 -2.94
C VAL A 292 -37.81 15.56 -1.98
N MET A 293 -37.18 16.71 -1.80
CA MET A 293 -37.71 17.76 -0.93
C MET A 293 -38.97 18.34 -1.55
N GLU A 294 -40.06 18.34 -0.78
CA GLU A 294 -41.32 18.85 -1.27
C GLU A 294 -41.23 20.14 -2.10
N SER A 295 -40.49 21.11 -1.61
CA SER A 295 -40.40 22.38 -2.32
C SER A 295 -39.90 22.31 -3.77
N VAL A 296 -39.18 21.25 -4.14
CA VAL A 296 -38.67 21.14 -5.51
C VAL A 296 -39.29 19.95 -6.25
N ALA A 297 -40.09 19.17 -5.53
CA ALA A 297 -40.74 17.99 -6.07
C ALA A 297 -41.62 18.18 -7.32
N ASP A 298 -42.52 19.15 -7.30
CA ASP A 298 -43.41 19.35 -8.43
C ASP A 298 -42.61 19.58 -9.70
N GLU A 299 -41.60 20.42 -9.60
CA GLU A 299 -40.77 20.74 -10.75
C GLU A 299 -39.97 19.55 -11.27
N LEU A 300 -39.37 18.80 -10.35
CA LEU A 300 -38.58 17.64 -10.74
C LEU A 300 -39.46 16.57 -11.38
N VAL A 301 -40.63 16.34 -10.79
CA VAL A 301 -41.56 15.34 -11.27
C VAL A 301 -42.07 15.62 -12.69
N GLU A 302 -42.36 16.88 -12.99
CA GLU A 302 -42.86 17.23 -14.32
C GLU A 302 -41.80 16.96 -15.38
N LYS A 303 -40.55 17.27 -15.06
CA LYS A 303 -39.43 17.04 -15.96
C LYS A 303 -39.32 15.53 -16.20
N ILE A 304 -39.26 14.79 -15.11
CA ILE A 304 -39.18 13.33 -15.18
C ILE A 304 -40.37 12.78 -15.98
N ARG A 305 -41.54 13.36 -15.77
CA ARG A 305 -42.75 12.93 -16.48
C ARG A 305 -42.56 13.10 -17.99
N GLU A 306 -42.09 14.26 -18.41
CA GLU A 306 -41.89 14.51 -19.83
C GLU A 306 -40.87 13.56 -20.43
N LYS A 307 -39.77 13.35 -19.71
CA LYS A 307 -38.71 12.46 -20.18
C LYS A 307 -39.14 11.01 -20.31
N VAL A 308 -39.98 10.55 -19.38
CA VAL A 308 -40.46 9.17 -19.44
C VAL A 308 -41.21 8.97 -20.74
N LEU A 309 -41.98 9.98 -21.13
CA LEU A 309 -42.74 9.89 -22.37
C LEU A 309 -41.86 9.85 -23.64
N ALA A 310 -40.58 10.22 -23.50
CA ALA A 310 -39.68 10.24 -24.64
C ALA A 310 -38.96 8.92 -24.82
N LEU A 311 -39.03 8.06 -23.81
CA LEU A 311 -38.39 6.76 -23.89
C LEU A 311 -39.03 5.95 -25.02
N THR A 312 -38.23 5.10 -25.66
CA THR A 312 -38.76 4.26 -26.73
C THR A 312 -39.16 2.95 -26.09
N ILE A 313 -40.14 2.30 -26.71
CA ILE A 313 -40.69 1.03 -26.23
C ILE A 313 -40.78 0.09 -27.42
N GLY A 314 -40.27 -1.14 -27.27
CA GLY A 314 -40.32 -2.07 -28.38
C GLY A 314 -39.42 -3.28 -28.25
N ASN A 315 -38.97 -3.79 -29.39
CA ASN A 315 -38.12 -4.99 -29.42
C ASN A 315 -36.64 -4.74 -29.30
N PRO A 316 -35.91 -5.71 -28.72
CA PRO A 316 -34.47 -5.59 -28.54
C PRO A 316 -33.72 -5.27 -29.82
N GLU A 317 -34.14 -5.89 -30.92
CA GLU A 317 -33.48 -5.66 -32.20
C GLU A 317 -33.63 -4.23 -32.68
N ASP A 318 -34.61 -3.51 -32.15
CA ASP A 318 -34.81 -2.13 -32.56
C ASP A 318 -34.13 -1.19 -31.60
N ASP A 319 -33.41 -1.75 -30.63
CA ASP A 319 -32.68 -0.97 -29.63
C ASP A 319 -33.60 -0.06 -28.81
N ALA A 320 -34.82 -0.53 -28.52
CA ALA A 320 -35.77 0.25 -27.76
C ALA A 320 -35.29 0.45 -26.33
N ASP A 321 -35.67 1.56 -25.71
CA ASP A 321 -35.28 1.84 -24.33
C ASP A 321 -35.94 0.80 -23.43
N ILE A 322 -37.24 0.63 -23.61
CA ILE A 322 -38.03 -0.31 -22.85
C ILE A 322 -38.37 -1.53 -23.71
N THR A 323 -37.87 -2.68 -23.27
CA THR A 323 -38.09 -3.95 -23.96
C THR A 323 -38.87 -4.92 -23.05
N PRO A 324 -39.34 -6.04 -23.59
CA PRO A 324 -40.09 -6.98 -22.75
C PRO A 324 -39.29 -7.55 -21.57
N LEU A 325 -39.93 -7.64 -20.41
CA LEU A 325 -39.27 -8.19 -19.23
C LEU A 325 -38.82 -9.65 -19.46
N ILE A 326 -37.83 -10.10 -18.70
CA ILE A 326 -37.29 -11.44 -18.87
C ILE A 326 -38.29 -12.60 -18.93
N ASP A 327 -39.40 -12.49 -18.21
CA ASP A 327 -40.43 -13.54 -18.25
C ASP A 327 -41.76 -13.12 -17.66
N THR A 328 -42.78 -13.94 -17.89
CA THR A 328 -44.14 -13.69 -17.45
C THR A 328 -44.31 -13.47 -15.95
N LYS A 329 -43.64 -14.29 -15.16
CA LYS A 329 -43.75 -14.17 -13.71
C LYS A 329 -43.27 -12.80 -13.24
N SER A 330 -42.22 -12.30 -13.90
CA SER A 330 -41.63 -10.99 -13.58
C SER A 330 -42.62 -9.87 -13.91
N ALA A 331 -43.21 -9.91 -15.10
CA ALA A 331 -44.16 -8.89 -15.51
C ALA A 331 -45.38 -8.90 -14.59
N ASP A 332 -45.82 -10.09 -14.19
CA ASP A 332 -46.97 -10.22 -13.30
C ASP A 332 -46.64 -9.61 -11.93
N TYR A 333 -45.44 -9.88 -11.44
CA TYR A 333 -45.00 -9.36 -10.16
C TYR A 333 -45.00 -7.83 -10.18
N VAL A 334 -44.47 -7.26 -11.25
CA VAL A 334 -44.38 -5.82 -11.38
C VAL A 334 -45.76 -5.21 -11.41
N GLU A 335 -46.65 -5.84 -12.18
CA GLU A 335 -48.03 -5.38 -12.27
C GLU A 335 -48.71 -5.30 -10.89
N GLY A 336 -48.44 -6.30 -10.06
CA GLY A 336 -49.02 -6.28 -8.72
C GLY A 336 -48.52 -5.08 -7.93
N LEU A 337 -47.26 -4.69 -8.17
CA LEU A 337 -46.66 -3.56 -7.45
C LEU A 337 -47.36 -2.30 -7.94
N ILE A 338 -47.53 -2.23 -9.25
CA ILE A 338 -48.20 -1.10 -9.89
C ILE A 338 -49.62 -0.95 -9.35
N ASN A 339 -50.32 -2.09 -9.23
CA ASN A 339 -51.67 -2.14 -8.71
C ASN A 339 -51.77 -1.72 -7.25
N ASP A 340 -50.91 -2.27 -6.39
CA ASP A 340 -50.92 -1.93 -4.98
C ASP A 340 -50.77 -0.41 -4.84
N ALA A 341 -49.82 0.16 -5.59
CA ALA A 341 -49.59 1.60 -5.53
C ALA A 341 -50.84 2.36 -5.95
N ASN A 342 -51.31 2.07 -7.16
CA ASN A 342 -52.50 2.69 -7.69
C ASN A 342 -53.72 2.58 -6.74
N ASP A 343 -54.14 1.35 -6.44
CA ASP A 343 -55.26 1.17 -5.53
C ASP A 343 -55.04 1.89 -4.21
N LYS A 344 -53.78 2.11 -3.83
CA LYS A 344 -53.51 2.75 -2.55
C LYS A 344 -53.50 4.28 -2.63
N GLY A 345 -53.64 4.80 -3.84
CA GLY A 345 -53.69 6.24 -4.01
C GLY A 345 -52.53 6.96 -4.67
N ALA A 346 -51.47 6.25 -5.03
CA ALA A 346 -50.34 6.91 -5.68
C ALA A 346 -50.88 7.54 -6.94
N THR A 347 -50.19 8.56 -7.44
CA THR A 347 -50.61 9.24 -8.65
C THR A 347 -49.81 8.75 -9.87
N ALA A 348 -50.46 7.97 -10.73
CA ALA A 348 -49.78 7.46 -11.92
C ALA A 348 -49.70 8.63 -12.90
N LEU A 349 -48.50 9.09 -13.23
CA LEU A 349 -48.35 10.20 -14.16
C LEU A 349 -48.09 9.68 -15.58
N THR A 350 -48.12 8.37 -15.70
CA THR A 350 -47.92 7.72 -16.98
C THR A 350 -48.93 6.58 -17.09
N GLU A 351 -49.34 6.28 -18.30
CA GLU A 351 -50.33 5.25 -18.56
C GLU A 351 -49.87 3.85 -18.16
N ILE A 352 -50.76 3.12 -17.51
CA ILE A 352 -50.47 1.75 -17.10
C ILE A 352 -50.87 0.90 -18.30
N LYS A 353 -49.89 0.28 -18.94
CA LYS A 353 -50.17 -0.54 -20.09
C LYS A 353 -49.17 -1.68 -20.20
N ARG A 354 -49.69 -2.86 -20.51
CA ARG A 354 -48.88 -4.06 -20.66
C ARG A 354 -49.39 -4.85 -21.85
N GLU A 355 -48.45 -5.32 -22.65
CA GLU A 355 -48.76 -6.12 -23.81
C GLU A 355 -47.78 -7.28 -23.73
N GLY A 356 -48.31 -8.50 -23.64
CA GLY A 356 -47.42 -9.64 -23.50
C GLY A 356 -46.73 -9.40 -22.18
N ASN A 357 -45.41 -9.35 -22.19
CA ASN A 357 -44.64 -9.11 -20.99
C ASN A 357 -43.92 -7.77 -21.09
N LEU A 358 -44.36 -6.95 -22.02
CA LEU A 358 -43.80 -5.63 -22.20
C LEU A 358 -44.65 -4.65 -21.40
N ILE A 359 -44.03 -4.01 -20.41
CA ILE A 359 -44.72 -3.06 -19.58
C ILE A 359 -44.19 -1.67 -19.87
N CYS A 360 -45.08 -0.79 -20.31
CA CYS A 360 -44.69 0.57 -20.61
C CYS A 360 -44.14 1.22 -19.34
N PRO A 361 -43.22 2.18 -19.48
CA PRO A 361 -42.66 2.85 -18.30
C PRO A 361 -43.72 3.67 -17.58
N ILE A 362 -43.73 3.60 -16.24
CA ILE A 362 -44.70 4.36 -15.47
C ILE A 362 -44.06 5.12 -14.31
N LEU A 363 -44.45 6.39 -14.17
CA LEU A 363 -43.95 7.25 -13.09
C LEU A 363 -45.07 7.40 -12.07
N PHE A 364 -44.73 7.17 -10.80
CA PHE A 364 -45.71 7.25 -9.73
C PHE A 364 -45.32 8.35 -8.75
N ASP A 365 -46.18 9.33 -8.58
CA ASP A 365 -45.90 10.41 -7.65
C ASP A 365 -46.74 10.14 -6.40
N LYS A 366 -46.45 10.85 -5.32
CA LYS A 366 -47.19 10.63 -4.07
C LYS A 366 -47.12 9.21 -3.52
N VAL A 367 -45.99 8.53 -3.68
CA VAL A 367 -45.83 7.20 -3.14
C VAL A 367 -45.56 7.37 -1.65
N THR A 368 -46.06 6.45 -0.83
CA THR A 368 -45.86 6.51 0.61
C THR A 368 -45.18 5.25 1.09
N THR A 369 -44.65 5.30 2.32
CA THR A 369 -43.96 4.15 2.88
C THR A 369 -44.93 3.03 3.18
N ASP A 370 -46.18 3.25 2.83
CA ASP A 370 -47.23 2.27 3.07
C ASP A 370 -47.45 1.37 1.87
N MET A 371 -46.91 1.77 0.73
CA MET A 371 -47.04 1.01 -0.51
C MET A 371 -45.86 0.08 -0.76
N ARG A 372 -46.14 -1.09 -1.33
CA ARG A 372 -45.09 -2.07 -1.60
C ARG A 372 -43.99 -1.50 -2.47
N LEU A 373 -44.39 -0.73 -3.47
CA LEU A 373 -43.49 -0.11 -4.44
C LEU A 373 -42.42 0.76 -3.81
N ALA A 374 -42.63 1.17 -2.57
CA ALA A 374 -41.67 2.00 -1.87
C ALA A 374 -40.48 1.19 -1.37
N TRP A 375 -40.68 -0.10 -1.16
CA TRP A 375 -39.64 -0.98 -0.64
C TRP A 375 -39.16 -2.13 -1.52
N GLU A 376 -40.09 -2.84 -2.12
CA GLU A 376 -39.73 -3.98 -2.94
C GLU A 376 -39.04 -3.65 -4.26
N GLU A 377 -38.01 -4.44 -4.60
CA GLU A 377 -37.28 -4.27 -5.85
C GLU A 377 -38.19 -4.85 -6.94
N PRO A 378 -38.69 -4.00 -7.84
CA PRO A 378 -39.57 -4.46 -8.92
C PRO A 378 -38.93 -5.20 -10.08
N PHE A 379 -37.83 -4.64 -10.59
CA PHE A 379 -37.11 -5.15 -11.75
C PHE A 379 -38.06 -5.02 -12.95
N GLY A 380 -38.61 -3.81 -13.07
CA GLY A 380 -39.52 -3.46 -14.15
C GLY A 380 -39.46 -1.95 -14.31
N PRO A 381 -40.00 -1.38 -15.40
CA PRO A 381 -39.98 0.08 -15.62
C PRO A 381 -40.99 0.90 -14.81
N VAL A 382 -40.89 0.81 -13.47
CA VAL A 382 -41.78 1.53 -12.57
C VAL A 382 -40.99 2.33 -11.56
N LEU A 383 -41.18 3.65 -11.54
CA LEU A 383 -40.44 4.51 -10.62
C LEU A 383 -41.31 5.31 -9.66
N PRO A 384 -41.15 5.07 -8.35
CA PRO A 384 -41.91 5.77 -7.32
C PRO A 384 -41.19 7.05 -6.84
N ILE A 385 -41.97 8.12 -6.66
CA ILE A 385 -41.43 9.39 -6.18
C ILE A 385 -42.00 9.55 -4.77
N ILE A 386 -41.11 9.73 -3.80
CA ILE A 386 -41.51 9.90 -2.40
C ILE A 386 -41.01 11.26 -1.92
N ARG A 387 -41.94 12.18 -1.67
CA ARG A 387 -41.62 13.53 -1.21
C ARG A 387 -41.38 13.59 0.29
N VAL A 388 -40.26 14.21 0.69
CA VAL A 388 -39.93 14.33 2.11
C VAL A 388 -39.86 15.80 2.49
N THR A 389 -39.85 16.09 3.79
CA THR A 389 -39.80 17.48 4.23
C THR A 389 -38.49 17.87 4.86
N SER A 390 -37.56 16.92 4.95
CA SER A 390 -36.25 17.22 5.51
C SER A 390 -35.21 16.18 5.12
N VAL A 391 -33.95 16.60 5.11
CA VAL A 391 -32.81 15.75 4.76
C VAL A 391 -32.74 14.58 5.74
N GLU A 392 -33.15 14.82 6.98
CA GLU A 392 -33.16 13.80 8.01
C GLU A 392 -34.18 12.70 7.72
N GLU A 393 -35.31 13.08 7.15
CA GLU A 393 -36.36 12.12 6.81
C GLU A 393 -35.90 11.29 5.61
N ALA A 394 -35.26 11.94 4.66
CA ALA A 394 -34.75 11.29 3.46
C ALA A 394 -33.79 10.17 3.87
N ILE A 395 -32.89 10.49 4.80
CA ILE A 395 -31.91 9.54 5.31
C ILE A 395 -32.62 8.42 6.07
N GLU A 396 -33.64 8.77 6.85
CA GLU A 396 -34.42 7.81 7.64
C GLU A 396 -35.09 6.78 6.73
N ILE A 397 -35.83 7.29 5.75
CA ILE A 397 -36.55 6.45 4.79
C ILE A 397 -35.58 5.60 3.98
N SER A 398 -34.44 6.18 3.62
CA SER A 398 -33.41 5.49 2.85
C SER A 398 -32.87 4.29 3.64
N ASN A 399 -32.30 4.57 4.80
CA ASN A 399 -31.72 3.53 5.64
C ASN A 399 -32.77 2.53 6.14
N LYS A 400 -34.04 2.88 5.98
CA LYS A 400 -35.11 1.99 6.42
C LYS A 400 -35.20 0.71 5.59
N SER A 401 -34.73 0.79 4.35
CA SER A 401 -34.73 -0.37 3.49
C SER A 401 -33.68 -1.39 3.96
N GLU A 402 -33.91 -2.66 3.65
CA GLU A 402 -32.98 -3.72 4.02
C GLU A 402 -31.90 -3.81 2.94
N TYR A 403 -32.07 -2.97 1.92
CA TYR A 403 -31.16 -2.91 0.77
C TYR A 403 -30.18 -1.75 0.97
N GLY A 404 -28.96 -1.92 0.48
CA GLY A 404 -27.96 -0.88 0.64
C GLY A 404 -26.82 -1.00 -0.35
N LEU A 405 -27.14 -0.99 -1.63
CA LEU A 405 -26.15 -1.08 -2.69
C LEU A 405 -25.49 0.29 -2.88
N GLN A 406 -26.21 1.22 -3.51
CA GLN A 406 -25.70 2.56 -3.76
C GLN A 406 -26.78 3.61 -3.49
N ALA A 407 -26.42 4.86 -3.71
CA ALA A 407 -27.32 5.99 -3.51
C ALA A 407 -26.76 7.19 -4.24
N SER A 408 -27.63 8.10 -4.63
CA SER A 408 -27.23 9.31 -5.33
C SER A 408 -27.72 10.46 -4.48
N ILE A 409 -26.94 11.53 -4.43
CA ILE A 409 -27.37 12.71 -3.72
C ILE A 409 -27.19 13.84 -4.71
N PHE A 410 -28.29 14.53 -5.00
CA PHE A 410 -28.25 15.64 -5.93
C PHE A 410 -28.34 16.93 -5.13
N THR A 411 -27.22 17.64 -5.12
CA THR A 411 -27.08 18.88 -4.38
C THR A 411 -25.78 19.56 -4.78
N ASN A 412 -25.64 20.83 -4.42
CA ASN A 412 -24.44 21.57 -4.76
C ASN A 412 -23.62 21.86 -3.51
N ASP A 413 -24.05 21.30 -2.38
CA ASP A 413 -23.38 21.46 -1.10
C ASP A 413 -22.61 20.16 -0.82
N PHE A 414 -21.34 20.14 -1.23
CA PHE A 414 -20.49 18.96 -1.07
C PHE A 414 -20.17 18.55 0.35
N PRO A 415 -19.74 19.49 1.20
CA PRO A 415 -19.43 19.10 2.58
C PRO A 415 -20.64 18.46 3.25
N ARG A 416 -21.82 18.97 2.93
CA ARG A 416 -23.06 18.46 3.48
C ARG A 416 -23.33 17.10 2.82
N ALA A 417 -23.15 17.04 1.50
CA ALA A 417 -23.35 15.80 0.76
C ALA A 417 -22.44 14.69 1.34
N PHE A 418 -21.23 15.07 1.74
CA PHE A 418 -20.29 14.10 2.33
C PHE A 418 -20.75 13.65 3.72
N GLY A 419 -21.40 14.56 4.44
CA GLY A 419 -21.90 14.22 5.76
C GLY A 419 -23.06 13.25 5.67
N ILE A 420 -23.91 13.46 4.66
CA ILE A 420 -25.06 12.58 4.43
C ILE A 420 -24.56 11.21 4.00
N ALA A 421 -23.61 11.19 3.06
CA ALA A 421 -23.05 9.94 2.54
C ALA A 421 -22.53 9.05 3.65
N GLU A 422 -22.00 9.67 4.71
CA GLU A 422 -21.47 8.92 5.83
C GLU A 422 -22.57 8.17 6.58
N GLN A 423 -23.78 8.72 6.57
CA GLN A 423 -24.93 8.13 7.26
C GLN A 423 -25.73 7.14 6.41
N LEU A 424 -25.62 7.23 5.09
CA LEU A 424 -26.34 6.33 4.22
C LEU A 424 -25.73 4.94 4.30
N GLU A 425 -26.56 3.96 4.65
CA GLU A 425 -26.09 2.59 4.79
C GLU A 425 -26.00 1.90 3.43
N VAL A 426 -24.99 2.28 2.64
CA VAL A 426 -24.81 1.75 1.28
C VAL A 426 -23.33 1.50 0.97
N GLY A 427 -23.06 1.01 -0.23
CA GLY A 427 -21.69 0.76 -0.61
C GLY A 427 -21.07 1.99 -1.23
N THR A 428 -21.75 2.56 -2.21
CA THR A 428 -21.25 3.74 -2.89
C THR A 428 -22.29 4.84 -2.96
N VAL A 429 -21.83 6.08 -2.84
CA VAL A 429 -22.69 7.25 -2.93
C VAL A 429 -22.23 8.13 -4.06
N HIS A 430 -23.07 8.29 -5.07
CA HIS A 430 -22.74 9.12 -6.21
C HIS A 430 -23.31 10.52 -6.05
N ILE A 431 -22.44 11.53 -6.13
CA ILE A 431 -22.89 12.93 -6.01
C ILE A 431 -23.18 13.55 -7.37
N ASN A 432 -24.46 13.85 -7.62
CA ASN A 432 -24.91 14.46 -8.86
C ASN A 432 -24.76 13.53 -10.07
N ASN A 433 -24.92 12.24 -9.83
CA ASN A 433 -24.85 11.24 -10.88
C ASN A 433 -25.73 10.11 -10.43
N LYS A 434 -26.21 9.33 -11.38
CA LYS A 434 -27.04 8.18 -11.05
C LYS A 434 -26.08 7.13 -10.52
N THR A 435 -26.61 6.12 -9.85
CA THR A 435 -25.79 5.06 -9.29
C THR A 435 -25.29 4.14 -10.43
N GLN A 436 -24.21 3.41 -10.17
CA GLN A 436 -23.66 2.53 -11.19
C GLN A 436 -22.48 1.74 -10.61
N ARG A 437 -22.18 0.59 -11.21
CA ARG A 437 -21.05 -0.24 -10.79
C ARG A 437 -19.83 0.50 -11.33
N GLY A 438 -20.13 1.35 -12.33
CA GLY A 438 -19.20 2.21 -13.03
C GLY A 438 -17.75 2.36 -12.64
N THR A 439 -16.92 2.00 -13.62
CA THR A 439 -15.46 1.99 -13.55
C THR A 439 -15.16 0.89 -12.55
N ASP A 440 -14.83 -0.26 -13.12
CA ASP A 440 -14.55 -1.49 -12.41
C ASP A 440 -13.28 -1.51 -11.57
N ASN A 441 -12.52 -0.42 -11.58
CA ASN A 441 -11.32 -0.37 -10.75
C ASN A 441 -11.78 0.12 -9.38
N PHE A 442 -12.98 0.73 -9.36
CA PHE A 442 -13.62 1.28 -8.16
C PHE A 442 -14.25 0.14 -7.33
N PRO A 443 -14.26 0.29 -6.00
CA PRO A 443 -14.86 -0.78 -5.20
C PRO A 443 -16.34 -0.86 -5.47
N PHE A 444 -16.89 -2.07 -5.39
CA PHE A 444 -18.31 -2.27 -5.60
C PHE A 444 -18.76 -3.24 -4.52
N LEU A 445 -19.62 -2.74 -3.64
CA LEU A 445 -20.12 -3.54 -2.53
C LEU A 445 -21.49 -3.00 -2.13
N GLY A 446 -22.21 -3.78 -1.34
CA GLY A 446 -23.51 -3.37 -0.86
C GLY A 446 -23.62 -3.59 0.64
N ALA A 447 -24.45 -2.80 1.32
CA ALA A 447 -24.63 -2.96 2.76
C ALA A 447 -25.90 -3.78 3.05
N LYS A 448 -26.07 -4.17 4.31
CA LYS A 448 -27.24 -4.93 4.73
C LYS A 448 -27.47 -6.17 3.87
N LYS A 449 -28.68 -6.31 3.33
CA LYS A 449 -29.00 -7.47 2.51
C LYS A 449 -28.75 -7.31 1.03
N SER A 450 -27.80 -6.43 0.70
CA SER A 450 -27.45 -6.20 -0.70
C SER A 450 -26.20 -6.98 -1.07
N GLY A 451 -25.62 -7.68 -0.10
CA GLY A 451 -24.45 -8.48 -0.40
C GLY A 451 -23.43 -8.79 0.70
N ALA A 452 -22.37 -9.46 0.28
CA ALA A 452 -21.27 -9.84 1.15
C ALA A 452 -19.98 -9.71 0.34
N GLY A 453 -18.98 -9.04 0.89
CA GLY A 453 -17.73 -8.90 0.17
C GLY A 453 -17.65 -7.63 -0.64
N ILE A 454 -16.44 -7.23 -0.99
CA ILE A 454 -16.19 -6.02 -1.77
C ILE A 454 -15.61 -6.40 -3.13
N GLN A 455 -16.24 -5.91 -4.20
CA GLN A 455 -15.77 -6.23 -5.53
C GLN A 455 -15.07 -5.05 -6.18
N GLY A 456 -14.93 -5.10 -7.49
CA GLY A 456 -14.17 -4.10 -8.20
C GLY A 456 -12.96 -4.98 -8.46
N VAL A 457 -12.26 -4.81 -9.58
CA VAL A 457 -11.15 -5.70 -9.90
C VAL A 457 -10.17 -6.04 -8.77
N LYS A 458 -9.44 -5.05 -8.26
CA LYS A 458 -8.45 -5.31 -7.21
C LYS A 458 -8.98 -6.02 -5.97
N TYR A 459 -10.17 -5.64 -5.53
CA TYR A 459 -10.77 -6.23 -4.36
C TYR A 459 -11.20 -7.68 -4.60
N SER A 460 -11.69 -7.96 -5.81
CA SER A 460 -12.11 -9.31 -6.20
C SER A 460 -10.94 -10.24 -6.07
N ILE A 461 -9.81 -9.82 -6.63
CA ILE A 461 -8.57 -10.58 -6.61
C ILE A 461 -8.15 -10.81 -5.18
N GLU A 462 -8.11 -9.76 -4.37
CA GLU A 462 -7.72 -9.90 -2.97
C GLU A 462 -8.64 -10.87 -2.24
N ALA A 463 -9.92 -10.80 -2.56
CA ALA A 463 -10.93 -11.65 -1.93
C ALA A 463 -10.85 -13.13 -2.30
N MET A 464 -10.38 -13.44 -3.50
CA MET A 464 -10.28 -14.82 -3.92
C MET A 464 -8.87 -15.39 -3.83
N THR A 465 -8.07 -14.81 -2.93
CA THR A 465 -6.71 -15.29 -2.69
C THR A 465 -6.54 -15.38 -1.18
N THR A 466 -5.53 -16.11 -0.76
CA THR A 466 -5.25 -16.21 0.66
C THR A 466 -3.80 -15.81 0.85
N VAL A 467 -3.29 -16.06 2.04
CA VAL A 467 -1.92 -15.68 2.31
C VAL A 467 -1.13 -16.84 2.88
N LYS A 468 0.16 -16.87 2.58
CA LYS A 468 1.05 -17.92 3.08
C LYS A 468 2.20 -17.17 3.73
N SER A 469 2.31 -17.29 5.05
CA SER A 469 3.35 -16.61 5.81
C SER A 469 4.46 -17.57 6.17
N VAL A 470 5.69 -17.20 5.84
CA VAL A 470 6.88 -18.00 6.14
C VAL A 470 7.77 -17.19 7.05
N VAL A 471 7.91 -17.66 8.28
CA VAL A 471 8.71 -16.96 9.28
C VAL A 471 10.02 -17.65 9.64
N PHE A 472 11.11 -16.90 9.60
CA PHE A 472 12.42 -17.43 9.97
C PHE A 472 13.26 -16.35 10.65
N ASP A 473 14.35 -16.76 11.30
CA ASP A 473 15.23 -15.84 12.01
C ASP A 473 16.56 -15.61 11.27
N ILE A 474 17.02 -14.37 11.28
CA ILE A 474 18.26 -14.02 10.64
C ILE A 474 19.40 -14.07 11.67
N LYS A 475 20.49 -14.69 11.27
CA LYS A 475 21.64 -14.83 12.14
C LYS A 475 22.62 -13.81 11.60
N THR B 2 -21.22 -16.54 48.26
CA THR B 2 -20.19 -16.80 47.20
C THR B 2 -19.76 -15.46 46.60
N LYS B 3 -18.53 -15.43 46.07
CA LYS B 3 -18.03 -14.20 45.44
C LYS B 3 -18.68 -14.14 44.06
N GLN B 4 -19.68 -13.29 43.94
CA GLN B 4 -20.42 -13.17 42.71
C GLN B 4 -19.96 -12.05 41.81
N TYR B 5 -19.42 -12.42 40.66
CA TYR B 5 -18.96 -11.44 39.72
C TYR B 5 -20.17 -10.96 38.94
N LYS B 6 -20.05 -9.78 38.33
CA LYS B 6 -21.13 -9.20 37.55
C LYS B 6 -20.72 -8.87 36.13
N ASN B 7 -21.71 -8.80 35.25
CA ASN B 7 -21.42 -8.45 33.88
C ASN B 7 -21.42 -6.93 33.76
N TYR B 8 -20.62 -6.40 32.85
CA TYR B 8 -20.58 -4.97 32.61
C TYR B 8 -21.54 -4.72 31.46
N VAL B 9 -22.65 -4.04 31.76
CA VAL B 9 -23.64 -3.76 30.75
C VAL B 9 -24.01 -2.30 30.79
N ASN B 10 -23.88 -1.64 29.65
CA ASN B 10 -24.20 -0.23 29.52
C ASN B 10 -23.72 0.62 30.69
N GLY B 11 -22.43 0.52 31.00
CA GLY B 11 -21.88 1.33 32.07
C GLY B 11 -22.17 0.86 33.46
N GLU B 12 -22.88 -0.26 33.58
CA GLU B 12 -23.20 -0.77 34.91
C GLU B 12 -22.86 -2.24 35.04
N TRP B 13 -22.65 -2.66 36.29
CA TRP B 13 -22.33 -4.05 36.60
C TRP B 13 -23.64 -4.73 37.00
N LYS B 14 -23.92 -5.87 36.37
CA LYS B 14 -25.17 -6.54 36.65
C LYS B 14 -25.09 -8.04 36.92
N LEU B 15 -25.83 -8.47 37.94
CA LEU B 15 -25.91 -9.88 38.30
C LEU B 15 -27.16 -10.35 37.57
N SER B 16 -27.37 -11.66 37.54
CA SER B 16 -28.56 -12.20 36.90
C SER B 16 -29.29 -13.04 37.95
N GLU B 17 -30.53 -13.46 37.68
CA GLU B 17 -31.26 -14.24 38.66
C GLU B 17 -30.52 -15.53 38.95
N ASN B 18 -29.83 -16.06 37.95
CA ASN B 18 -29.07 -17.29 38.13
C ASN B 18 -27.58 -17.04 37.96
N GLU B 19 -26.79 -17.94 38.52
CA GLU B 19 -25.33 -17.83 38.47
C GLU B 19 -24.72 -19.17 38.13
N ILE B 20 -23.43 -19.15 37.81
CA ILE B 20 -22.70 -20.35 37.48
C ILE B 20 -21.45 -20.31 38.36
N LYS B 21 -21.24 -21.37 39.13
CA LYS B 21 -20.08 -21.43 40.01
C LYS B 21 -18.88 -22.01 39.31
N ILE B 22 -17.76 -21.31 39.43
CA ILE B 22 -16.50 -21.71 38.81
C ILE B 22 -15.55 -22.34 39.84
N TYR B 23 -14.89 -23.42 39.46
CA TYR B 23 -13.95 -24.07 40.36
C TYR B 23 -12.56 -24.10 39.72
N GLU B 24 -11.53 -24.30 40.53
CA GLU B 24 -10.18 -24.37 40.01
C GLU B 24 -9.93 -25.78 39.48
N PRO B 25 -9.59 -25.91 38.18
CA PRO B 25 -9.35 -27.22 37.60
C PRO B 25 -8.32 -28.11 38.28
N ALA B 26 -7.42 -27.52 39.05
CA ALA B 26 -6.39 -28.32 39.72
C ALA B 26 -6.78 -28.79 41.13
N SER B 27 -7.54 -27.97 41.86
CA SER B 27 -7.91 -28.34 43.22
C SER B 27 -9.41 -28.58 43.45
N GLY B 28 -10.25 -28.03 42.58
CA GLY B 28 -11.68 -28.21 42.75
C GLY B 28 -12.28 -27.11 43.60
N ALA B 29 -11.42 -26.26 44.14
CA ALA B 29 -11.86 -25.16 44.97
C ALA B 29 -12.76 -24.17 44.23
N GLU B 30 -13.82 -23.71 44.88
CA GLU B 30 -14.73 -22.74 44.26
C GLU B 30 -13.97 -21.43 44.12
N LEU B 31 -14.08 -20.81 42.95
CA LEU B 31 -13.40 -19.55 42.67
C LEU B 31 -14.34 -18.36 42.82
N GLY B 32 -15.62 -18.61 42.59
CA GLY B 32 -16.62 -17.57 42.68
C GLY B 32 -17.70 -17.98 41.73
N SER B 33 -18.55 -17.05 41.31
CA SER B 33 -19.61 -17.37 40.37
C SER B 33 -19.76 -16.26 39.35
N VAL B 34 -20.34 -16.59 38.20
CA VAL B 34 -20.57 -15.61 37.14
C VAL B 34 -22.04 -15.71 36.73
N PRO B 35 -22.64 -14.60 36.30
CA PRO B 35 -24.05 -14.64 35.90
C PRO B 35 -24.38 -15.60 34.75
N ALA B 36 -25.62 -16.10 34.77
CA ALA B 36 -26.12 -16.97 33.72
C ALA B 36 -27.23 -16.12 33.13
N MET B 37 -26.83 -15.26 32.19
CA MET B 37 -27.73 -14.32 31.54
C MET B 37 -28.92 -14.93 30.83
N SER B 38 -30.03 -14.21 30.84
CA SER B 38 -31.26 -14.63 30.17
C SER B 38 -31.23 -13.96 28.81
N THR B 39 -31.93 -14.53 27.83
CA THR B 39 -31.95 -13.96 26.49
C THR B 39 -32.39 -12.50 26.51
N GLU B 40 -33.20 -12.14 27.51
CA GLU B 40 -33.70 -10.78 27.63
C GLU B 40 -32.55 -9.90 28.06
N GLU B 41 -31.63 -10.46 28.84
CA GLU B 41 -30.48 -9.69 29.29
C GLU B 41 -29.51 -9.52 28.13
N VAL B 42 -29.46 -10.52 27.25
CA VAL B 42 -28.59 -10.49 26.08
C VAL B 42 -29.11 -9.38 25.14
N ASP B 43 -30.43 -9.26 25.06
CA ASP B 43 -31.09 -8.27 24.22
C ASP B 43 -30.75 -6.86 24.68
N TYR B 44 -30.61 -6.68 25.98
CA TYR B 44 -30.31 -5.37 26.56
C TYR B 44 -28.86 -4.99 26.34
N VAL B 45 -27.98 -5.99 26.33
CA VAL B 45 -26.57 -5.71 26.09
C VAL B 45 -26.45 -5.20 24.66
N TYR B 46 -27.09 -5.90 23.74
CA TYR B 46 -27.06 -5.52 22.32
C TYR B 46 -27.75 -4.19 22.03
N ALA B 47 -28.88 -3.93 22.69
CA ALA B 47 -29.60 -2.69 22.47
C ALA B 47 -28.77 -1.54 22.98
N SER B 48 -28.05 -1.79 24.06
CA SER B 48 -27.17 -0.78 24.65
C SER B 48 -26.05 -0.39 23.70
N ALA B 49 -25.41 -1.39 23.11
CA ALA B 49 -24.30 -1.19 22.18
C ALA B 49 -24.69 -0.46 20.88
N LYS B 50 -25.80 -0.86 20.27
CA LYS B 50 -26.24 -0.24 19.03
C LYS B 50 -26.60 1.22 19.27
N LYS B 51 -27.02 1.50 20.50
CA LYS B 51 -27.40 2.85 20.87
C LYS B 51 -26.16 3.72 21.05
N ALA B 52 -25.11 3.14 21.60
CA ALA B 52 -23.87 3.87 21.85
C ALA B 52 -22.93 3.98 20.66
N GLN B 53 -23.06 3.11 19.68
CA GLN B 53 -22.18 3.09 18.51
C GLN B 53 -21.99 4.42 17.76
N PRO B 54 -23.09 5.07 17.35
CA PRO B 54 -22.97 6.34 16.63
C PRO B 54 -22.04 7.37 17.28
N ALA B 55 -22.23 7.61 18.58
CA ALA B 55 -21.41 8.56 19.31
C ALA B 55 -19.97 8.10 19.49
N TRP B 56 -19.76 6.79 19.54
CA TRP B 56 -18.42 6.23 19.68
C TRP B 56 -17.75 6.44 18.33
N ARG B 57 -18.47 6.12 17.26
CA ARG B 57 -17.95 6.30 15.92
C ARG B 57 -17.68 7.78 15.63
N ALA B 58 -18.39 8.66 16.34
CA ALA B 58 -18.24 10.10 16.13
C ALA B 58 -16.98 10.67 16.76
N LEU B 59 -16.38 9.93 17.66
CA LEU B 59 -15.16 10.38 18.32
C LEU B 59 -14.03 10.36 17.28
N SER B 60 -12.90 10.97 17.61
CA SER B 60 -11.77 10.97 16.70
C SER B 60 -11.00 9.68 16.94
N TYR B 61 -10.25 9.24 15.94
CA TYR B 61 -9.48 8.02 16.09
C TYR B 61 -8.55 8.10 17.30
N ILE B 62 -7.88 9.23 17.44
CA ILE B 62 -6.96 9.40 18.54
C ILE B 62 -7.66 9.32 19.91
N GLU B 63 -8.89 9.81 19.99
CA GLU B 63 -9.61 9.73 21.25
C GLU B 63 -9.86 8.26 21.62
N ARG B 64 -10.15 7.44 20.61
CA ARG B 64 -10.41 6.02 20.85
C ARG B 64 -9.13 5.26 21.19
N ALA B 65 -8.00 5.71 20.65
CA ALA B 65 -6.72 5.05 20.93
C ALA B 65 -6.28 5.41 22.33
N ALA B 66 -6.66 6.60 22.79
CA ALA B 66 -6.30 7.04 24.13
C ALA B 66 -7.02 6.22 25.19
N TYR B 67 -8.27 5.85 24.91
CA TYR B 67 -9.08 5.02 25.80
C TYR B 67 -8.42 3.66 25.93
N LEU B 68 -8.06 3.09 24.78
CA LEU B 68 -7.42 1.78 24.72
C LEU B 68 -6.04 1.76 25.38
N HIS B 69 -5.29 2.85 25.25
CA HIS B 69 -3.98 2.92 25.90
C HIS B 69 -4.17 2.92 27.43
N LYS B 70 -5.27 3.51 27.88
CA LYS B 70 -5.58 3.54 29.29
C LYS B 70 -5.84 2.13 29.79
N VAL B 71 -6.65 1.38 29.05
CA VAL B 71 -6.99 -0.01 29.39
C VAL B 71 -5.74 -0.87 29.51
N ALA B 72 -4.84 -0.75 28.53
CA ALA B 72 -3.60 -1.51 28.54
C ALA B 72 -2.76 -1.12 29.76
N ASP B 73 -2.65 0.18 30.03
CA ASP B 73 -1.89 0.66 31.18
C ASP B 73 -2.45 0.06 32.47
N ILE B 74 -3.76 -0.01 32.57
CA ILE B 74 -4.41 -0.58 33.76
C ILE B 74 -4.09 -2.07 33.89
N LEU B 75 -4.08 -2.78 32.78
CA LEU B 75 -3.78 -4.22 32.75
C LEU B 75 -2.36 -4.49 33.25
N MET B 76 -1.44 -3.61 32.88
CA MET B 76 -0.06 -3.75 33.29
C MET B 76 0.06 -3.55 34.78
N ARG B 77 -0.69 -2.57 35.29
CA ARG B 77 -0.69 -2.24 36.71
C ARG B 77 -1.21 -3.40 37.56
N ASP B 78 -2.31 -4.01 37.10
CA ASP B 78 -2.93 -5.10 37.82
C ASP B 78 -2.61 -6.49 37.24
N LYS B 79 -1.49 -6.61 36.55
CA LYS B 79 -1.14 -7.90 35.94
C LYS B 79 -0.94 -9.07 36.89
N GLU B 80 -0.48 -8.79 38.11
CA GLU B 80 -0.25 -9.85 39.11
C GLU B 80 -1.59 -10.27 39.68
N LYS B 81 -2.46 -9.30 39.88
CA LYS B 81 -3.80 -9.51 40.42
C LYS B 81 -4.59 -10.41 39.47
N ILE B 82 -4.76 -9.95 38.24
CA ILE B 82 -5.48 -10.70 37.22
C ILE B 82 -4.82 -12.05 36.95
N GLY B 83 -3.48 -12.06 36.92
CA GLY B 83 -2.76 -13.29 36.68
C GLY B 83 -2.88 -14.36 37.76
N ALA B 84 -3.12 -13.93 39.00
CA ALA B 84 -3.28 -14.88 40.11
C ALA B 84 -4.60 -15.67 39.99
N ILE B 85 -5.64 -14.99 39.52
CA ILE B 85 -6.95 -15.62 39.34
C ILE B 85 -7.01 -16.41 38.05
N LEU B 86 -6.41 -15.88 37.00
CA LEU B 86 -6.40 -16.57 35.71
C LEU B 86 -5.67 -17.90 35.85
N SER B 87 -4.55 -17.87 36.58
CA SER B 87 -3.76 -19.06 36.81
C SER B 87 -4.63 -20.14 37.47
N LYS B 88 -5.41 -19.73 38.46
CA LYS B 88 -6.31 -20.63 39.20
C LYS B 88 -7.54 -21.09 38.40
N GLU B 89 -8.12 -20.20 37.62
CA GLU B 89 -9.30 -20.55 36.85
C GLU B 89 -9.06 -21.54 35.71
N VAL B 90 -7.92 -21.46 35.02
CA VAL B 90 -7.68 -22.40 33.93
C VAL B 90 -6.48 -23.33 34.12
N ALA B 91 -6.04 -23.46 35.37
CA ALA B 91 -4.93 -24.33 35.75
C ALA B 91 -3.71 -24.16 34.88
N LYS B 92 -3.35 -22.92 34.63
CA LYS B 92 -2.18 -22.62 33.84
C LYS B 92 -1.16 -21.99 34.80
N GLY B 93 0.12 -22.29 34.60
CA GLY B 93 1.16 -21.75 35.46
C GLY B 93 0.95 -20.28 35.78
N TYR B 94 1.34 -19.87 36.98
CA TYR B 94 1.18 -18.49 37.40
C TYR B 94 1.94 -17.47 36.54
N LYS B 95 3.22 -17.68 36.32
CA LYS B 95 4.01 -16.72 35.54
C LYS B 95 3.53 -16.58 34.11
N SER B 96 3.07 -17.68 33.53
CA SER B 96 2.56 -17.65 32.17
C SER B 96 1.20 -16.98 32.12
N ALA B 97 0.50 -17.01 33.25
CA ALA B 97 -0.80 -16.38 33.38
C ALA B 97 -0.59 -14.87 33.38
N VAL B 98 0.41 -14.43 34.11
CA VAL B 98 0.76 -13.02 34.19
C VAL B 98 1.23 -12.57 32.81
N SER B 99 1.87 -13.47 32.08
CA SER B 99 2.35 -13.17 30.75
C SER B 99 1.20 -13.01 29.77
N GLU B 100 0.08 -13.70 30.00
CA GLU B 100 -1.04 -13.56 29.10
C GLU B 100 -1.56 -12.13 29.21
N VAL B 101 -1.71 -11.66 30.44
CA VAL B 101 -2.19 -10.31 30.71
C VAL B 101 -1.28 -9.28 30.06
N VAL B 102 0.02 -9.50 30.22
CA VAL B 102 1.02 -8.60 29.66
C VAL B 102 0.90 -8.57 28.13
N ARG B 103 0.75 -9.74 27.53
CA ARG B 103 0.63 -9.84 26.08
C ARG B 103 -0.65 -9.18 25.58
N THR B 104 -1.68 -9.19 26.43
CA THR B 104 -2.95 -8.57 26.10
C THR B 104 -2.74 -7.08 26.01
N ALA B 105 -2.14 -6.49 27.04
CA ALA B 105 -1.88 -5.04 27.04
C ALA B 105 -1.12 -4.65 25.79
N GLU B 106 -0.14 -5.47 25.42
CA GLU B 106 0.69 -5.22 24.24
C GLU B 106 -0.10 -5.19 22.95
N ILE B 107 -1.05 -6.12 22.79
CA ILE B 107 -1.84 -6.15 21.57
C ILE B 107 -2.87 -5.02 21.57
N ILE B 108 -3.32 -4.62 22.75
CA ILE B 108 -4.28 -3.53 22.88
C ILE B 108 -3.60 -2.22 22.50
N ASN B 109 -2.36 -2.05 22.96
CA ASN B 109 -1.58 -0.84 22.65
C ASN B 109 -1.16 -0.80 21.18
N TYR B 110 -0.88 -1.96 20.59
CA TYR B 110 -0.48 -2.04 19.19
C TYR B 110 -1.67 -1.78 18.26
N ALA B 111 -2.81 -2.40 18.57
CA ALA B 111 -3.99 -2.20 17.76
C ALA B 111 -4.43 -0.73 17.83
N ALA B 112 -4.21 -0.11 18.98
CA ALA B 112 -4.58 1.29 19.18
C ALA B 112 -3.81 2.22 18.25
N GLU B 113 -2.53 1.94 18.06
CA GLU B 113 -1.70 2.77 17.18
C GLU B 113 -1.80 2.38 15.70
N GLU B 114 -2.20 1.13 15.45
CA GLU B 114 -2.36 0.63 14.11
C GLU B 114 -3.65 1.20 13.53
N GLY B 115 -4.70 1.20 14.35
CA GLY B 115 -6.00 1.69 13.92
C GLY B 115 -6.12 3.15 13.54
N LEU B 116 -5.35 4.02 14.18
CA LEU B 116 -5.43 5.42 13.84
C LEU B 116 -4.56 5.70 12.63
N ARG B 117 -4.08 4.65 11.99
CA ARG B 117 -3.22 4.78 10.82
C ARG B 117 -3.75 4.03 9.60
N MET B 118 -5.05 3.72 9.58
CA MET B 118 -5.62 3.01 8.44
C MET B 118 -5.98 4.14 7.47
N GLU B 119 -5.46 4.07 6.25
CA GLU B 119 -5.73 5.12 5.28
C GLU B 119 -6.74 4.74 4.21
N GLY B 120 -7.29 5.74 3.53
CA GLY B 120 -8.24 5.48 2.47
C GLY B 120 -7.54 5.67 1.14
N GLU B 121 -8.30 5.59 0.06
CA GLU B 121 -7.73 5.76 -1.26
C GLU B 121 -8.53 6.71 -2.13
N VAL B 122 -7.88 7.26 -3.14
CA VAL B 122 -8.51 8.13 -4.10
C VAL B 122 -8.18 7.45 -5.41
N LEU B 123 -9.21 7.01 -6.11
CA LEU B 123 -9.05 6.31 -7.38
C LEU B 123 -9.51 7.14 -8.55
N GLU B 124 -8.89 6.93 -9.70
CA GLU B 124 -9.19 7.69 -10.92
C GLU B 124 -10.02 6.91 -11.94
N GLY B 125 -11.05 7.54 -12.48
CA GLY B 125 -11.84 6.84 -13.47
C GLY B 125 -11.04 6.71 -14.76
N GLY B 126 -10.09 7.63 -14.97
CA GLY B 126 -9.27 7.59 -16.17
C GLY B 126 -8.36 6.39 -16.30
N SER B 127 -8.21 5.62 -15.22
CA SER B 127 -7.38 4.42 -15.21
C SER B 127 -8.12 3.34 -15.99
N PHE B 128 -9.46 3.39 -15.91
CA PHE B 128 -10.30 2.42 -16.60
C PHE B 128 -10.88 2.91 -17.92
N GLU B 129 -11.31 4.16 -17.98
CA GLU B 129 -11.86 4.68 -19.23
C GLU B 129 -11.68 6.17 -19.34
N ALA B 130 -11.26 6.61 -20.51
CA ALA B 130 -11.01 8.03 -20.76
C ALA B 130 -12.22 8.89 -20.45
N ALA B 131 -13.40 8.40 -20.81
CA ALA B 131 -14.64 9.13 -20.59
C ALA B 131 -14.90 9.47 -19.12
N SER B 132 -14.36 8.69 -18.20
CA SER B 132 -14.52 8.94 -16.77
C SER B 132 -13.25 9.53 -16.12
N LYS B 133 -12.41 10.19 -16.92
CA LYS B 133 -11.18 10.76 -16.41
C LYS B 133 -11.36 11.88 -15.38
N LYS B 134 -12.55 12.50 -15.34
CA LYS B 134 -12.81 13.58 -14.40
C LYS B 134 -13.50 13.02 -13.15
N LYS B 135 -13.76 11.73 -13.17
CA LYS B 135 -14.43 11.07 -12.07
C LYS B 135 -13.45 10.42 -11.13
N ILE B 136 -13.48 10.81 -9.86
CA ILE B 136 -12.59 10.27 -8.85
C ILE B 136 -13.36 9.68 -7.69
N ALA B 137 -12.80 8.66 -7.06
CA ALA B 137 -13.45 8.01 -5.94
C ALA B 137 -12.68 8.18 -4.63
N VAL B 138 -13.33 8.77 -3.63
CA VAL B 138 -12.72 8.98 -2.33
C VAL B 138 -13.22 7.82 -1.44
N VAL B 139 -12.36 6.84 -1.20
CA VAL B 139 -12.74 5.68 -0.40
C VAL B 139 -12.19 5.70 1.02
N ARG B 140 -13.08 5.69 2.01
CA ARG B 140 -12.70 5.72 3.41
C ARG B 140 -13.32 4.54 4.19
N ARG B 141 -12.57 4.02 5.17
CA ARG B 141 -13.05 2.91 5.99
C ARG B 141 -14.14 3.29 7.00
N GLU B 142 -14.91 2.30 7.43
CA GLU B 142 -16.00 2.51 8.39
C GLU B 142 -16.23 1.24 9.20
N PRO B 143 -16.68 1.38 10.46
CA PRO B 143 -16.92 0.19 11.30
C PRO B 143 -18.06 -0.66 10.75
N VAL B 144 -18.07 -1.94 11.11
CA VAL B 144 -19.13 -2.84 10.66
C VAL B 144 -20.34 -2.64 11.54
N GLY B 145 -20.09 -2.19 12.77
CA GLY B 145 -21.18 -1.97 13.71
C GLY B 145 -20.92 -2.60 15.06
N LEU B 146 -21.78 -3.54 15.44
CA LEU B 146 -21.64 -4.24 16.71
C LEU B 146 -20.96 -5.58 16.48
N VAL B 147 -19.82 -5.77 17.13
CA VAL B 147 -19.03 -6.99 17.01
C VAL B 147 -19.17 -7.90 18.23
N LEU B 148 -19.40 -9.18 17.99
CA LEU B 148 -19.51 -10.15 19.07
C LEU B 148 -18.18 -10.87 19.11
N ALA B 149 -17.52 -10.82 20.26
CA ALA B 149 -16.22 -11.46 20.43
C ALA B 149 -16.33 -12.59 21.42
N ILE B 150 -15.71 -13.72 21.09
CA ILE B 150 -15.75 -14.92 21.93
C ILE B 150 -14.38 -15.56 22.03
N SER B 151 -13.81 -15.58 23.23
CA SER B 151 -12.48 -16.16 23.47
C SER B 151 -12.58 -17.57 23.99
N PRO B 152 -11.48 -18.36 23.88
CA PRO B 152 -11.44 -19.76 24.34
C PRO B 152 -10.89 -19.86 25.76
N PHE B 153 -11.00 -21.03 26.38
CA PHE B 153 -10.54 -21.21 27.74
C PHE B 153 -9.01 -21.11 27.95
N ASN B 154 -8.21 -21.45 26.95
CA ASN B 154 -6.76 -21.40 27.14
C ASN B 154 -6.16 -20.02 27.04
N TYR B 155 -6.92 -19.07 26.49
CA TYR B 155 -6.51 -17.66 26.39
C TYR B 155 -7.77 -16.79 26.42
N PRO B 156 -8.46 -16.79 27.56
CA PRO B 156 -9.71 -16.03 27.77
C PRO B 156 -9.53 -14.52 27.75
N VAL B 157 -8.37 -14.06 28.19
CA VAL B 157 -8.03 -12.64 28.24
C VAL B 157 -7.31 -12.21 26.96
N ASN B 158 -6.18 -12.82 26.70
CA ASN B 158 -5.40 -12.52 25.51
C ASN B 158 -6.25 -12.59 24.25
N LEU B 159 -6.88 -13.73 24.03
CA LEU B 159 -7.68 -13.90 22.82
C LEU B 159 -9.06 -13.23 22.84
N ALA B 160 -9.22 -12.30 23.78
CA ALA B 160 -10.43 -11.50 23.88
C ALA B 160 -9.91 -10.13 23.43
N GLY B 161 -8.84 -9.68 24.09
CA GLY B 161 -8.24 -8.41 23.75
C GLY B 161 -7.80 -8.36 22.29
N SER B 162 -7.46 -9.52 21.73
CA SER B 162 -7.02 -9.59 20.33
C SER B 162 -8.17 -9.27 19.39
N LYS B 163 -9.38 -9.25 19.94
CA LYS B 163 -10.55 -8.97 19.15
C LYS B 163 -11.17 -7.62 19.52
N ILE B 164 -11.16 -7.29 20.81
CA ILE B 164 -11.75 -6.07 21.32
C ILE B 164 -11.04 -4.81 20.85
N ALA B 165 -9.73 -4.74 21.05
CA ALA B 165 -8.98 -3.54 20.64
C ALA B 165 -9.10 -3.23 19.15
N PRO B 166 -8.79 -4.19 18.25
CA PRO B 166 -8.91 -3.91 16.82
C PRO B 166 -10.30 -3.45 16.44
N ALA B 167 -11.32 -3.98 17.11
CA ALA B 167 -12.70 -3.62 16.84
C ALA B 167 -13.03 -2.20 17.27
N LEU B 168 -12.70 -1.88 18.52
CA LEU B 168 -13.00 -0.59 19.10
C LEU B 168 -12.30 0.59 18.43
N ILE B 169 -11.00 0.45 18.15
CA ILE B 169 -10.25 1.54 17.52
C ILE B 169 -10.88 2.02 16.22
N ALA B 170 -11.53 1.10 15.50
CA ALA B 170 -12.16 1.44 14.22
C ALA B 170 -13.56 2.04 14.33
N GLY B 171 -14.09 2.13 15.55
CA GLY B 171 -15.42 2.69 15.70
C GLY B 171 -16.52 1.68 16.00
N ASN B 172 -16.22 0.38 15.96
CA ASN B 172 -17.21 -0.65 16.27
C ASN B 172 -17.46 -0.69 17.78
N VAL B 173 -18.57 -1.28 18.18
CA VAL B 173 -18.86 -1.41 19.60
C VAL B 173 -18.70 -2.90 19.88
N ILE B 174 -18.55 -3.26 21.15
CA ILE B 174 -18.30 -4.65 21.49
C ILE B 174 -19.25 -5.34 22.47
N ALA B 175 -19.42 -6.64 22.23
CA ALA B 175 -20.24 -7.53 23.06
C ALA B 175 -19.26 -8.69 23.26
N PHE B 176 -18.72 -8.81 24.47
CA PHE B 176 -17.74 -9.84 24.75
C PHE B 176 -18.27 -10.99 25.60
N LYS B 177 -18.03 -12.21 25.14
CA LYS B 177 -18.48 -13.39 25.85
C LYS B 177 -17.29 -14.34 26.05
N PRO B 178 -16.79 -14.42 27.29
CA PRO B 178 -15.66 -15.31 27.56
C PRO B 178 -16.12 -16.75 27.72
N PRO B 179 -15.19 -17.70 27.90
CA PRO B 179 -15.66 -19.07 28.05
C PRO B 179 -16.14 -19.17 29.49
N THR B 180 -17.07 -20.08 29.78
CA THR B 180 -17.55 -20.17 31.15
C THR B 180 -16.35 -20.48 32.06
N GLN B 181 -15.55 -21.47 31.69
CA GLN B 181 -14.36 -21.78 32.47
C GLN B 181 -13.32 -20.76 32.00
N GLY B 182 -13.31 -19.62 32.69
CA GLY B 182 -12.41 -18.54 32.34
C GLY B 182 -13.21 -17.25 32.25
N SER B 183 -14.47 -17.29 32.68
CA SER B 183 -15.34 -16.12 32.64
C SER B 183 -15.03 -15.12 33.75
N ILE B 184 -14.49 -15.61 34.86
CA ILE B 184 -14.15 -14.71 35.96
C ILE B 184 -13.01 -13.80 35.50
N SER B 185 -12.05 -14.38 34.78
CA SER B 185 -10.90 -13.64 34.26
C SER B 185 -11.38 -12.70 33.17
N GLY B 186 -12.36 -13.14 32.39
CA GLY B 186 -12.88 -12.30 31.34
C GLY B 186 -13.50 -11.05 31.93
N LEU B 187 -14.10 -11.18 33.11
CA LEU B 187 -14.74 -10.05 33.78
C LEU B 187 -13.70 -9.16 34.50
N LEU B 188 -12.52 -9.72 34.78
CA LEU B 188 -11.45 -8.96 35.40
C LEU B 188 -10.87 -8.03 34.33
N LEU B 189 -10.95 -8.47 33.07
CA LEU B 189 -10.47 -7.65 31.94
C LEU B 189 -11.52 -6.53 31.72
N ALA B 190 -12.78 -6.90 31.91
CA ALA B 190 -13.90 -5.98 31.76
C ALA B 190 -13.73 -4.83 32.73
N GLU B 191 -13.17 -5.12 33.89
CA GLU B 191 -12.94 -4.11 34.90
C GLU B 191 -12.02 -3.01 34.37
N ALA B 192 -11.01 -3.41 33.59
CA ALA B 192 -10.06 -2.46 33.02
C ALA B 192 -10.75 -1.51 32.05
N PHE B 193 -11.66 -2.04 31.24
CA PHE B 193 -12.39 -1.20 30.30
C PHE B 193 -13.32 -0.26 31.08
N ALA B 194 -13.80 -0.73 32.23
CA ALA B 194 -14.67 0.08 33.08
C ALA B 194 -13.88 1.24 33.70
N GLU B 195 -12.69 0.93 34.23
CA GLU B 195 -11.86 1.96 34.83
C GLU B 195 -11.34 2.96 33.79
N ALA B 196 -11.00 2.47 32.60
CA ALA B 196 -10.50 3.38 31.55
C ALA B 196 -11.59 4.40 31.23
N GLY B 197 -12.84 4.07 31.58
CA GLY B 197 -13.93 4.98 31.34
C GLY B 197 -14.49 5.13 29.92
N LEU B 198 -14.61 4.06 29.17
CA LEU B 198 -15.16 4.18 27.83
C LEU B 198 -16.65 4.45 28.02
N PRO B 199 -17.28 5.19 27.09
CA PRO B 199 -18.71 5.50 27.19
C PRO B 199 -19.63 4.29 27.35
N ALA B 200 -20.65 4.44 28.16
CA ALA B 200 -21.60 3.35 28.42
C ALA B 200 -22.12 2.75 27.13
N GLY B 201 -22.08 1.42 27.04
CA GLY B 201 -22.58 0.73 25.87
C GLY B 201 -21.54 0.36 24.84
N VAL B 202 -20.41 1.05 24.86
CA VAL B 202 -19.34 0.77 23.90
C VAL B 202 -18.74 -0.62 24.12
N PHE B 203 -18.56 -1.01 25.37
CA PHE B 203 -18.03 -2.33 25.70
C PHE B 203 -18.89 -3.00 26.77
N ASN B 204 -19.34 -4.22 26.49
CA ASN B 204 -20.18 -4.95 27.42
C ASN B 204 -19.78 -6.40 27.41
N THR B 205 -20.17 -7.14 28.44
CA THR B 205 -19.86 -8.55 28.51
C THR B 205 -21.13 -9.40 28.63
N ILE B 206 -21.02 -10.66 28.25
CA ILE B 206 -22.12 -11.61 28.31
C ILE B 206 -21.58 -12.87 28.98
N THR B 207 -22.37 -13.49 29.84
CA THR B 207 -21.93 -14.72 30.50
C THR B 207 -23.11 -15.68 30.60
N GLY B 208 -22.80 -16.97 30.43
CA GLY B 208 -23.78 -18.03 30.44
C GLY B 208 -23.15 -19.14 29.63
N ARG B 209 -23.67 -20.37 29.75
CA ARG B 209 -23.05 -21.46 29.02
C ARG B 209 -23.31 -21.40 27.53
N GLY B 210 -22.22 -21.35 26.75
CA GLY B 210 -22.33 -21.28 25.31
C GLY B 210 -23.23 -22.39 24.77
N SER B 211 -23.22 -23.53 25.47
CA SER B 211 -24.04 -24.68 25.11
C SER B 211 -25.53 -24.41 25.36
N GLU B 212 -25.82 -23.28 26.00
CA GLU B 212 -27.21 -22.95 26.27
C GLU B 212 -27.67 -21.61 25.67
N ILE B 213 -26.84 -20.58 25.73
CA ILE B 213 -27.23 -19.28 25.15
C ILE B 213 -26.37 -18.90 23.97
N GLY B 214 -25.38 -19.74 23.66
CA GLY B 214 -24.49 -19.47 22.53
C GLY B 214 -25.16 -19.25 21.19
N ASP B 215 -26.03 -20.16 20.79
CA ASP B 215 -26.73 -20.05 19.51
C ASP B 215 -27.54 -18.74 19.49
N TYR B 216 -28.13 -18.41 20.63
CA TYR B 216 -28.93 -17.20 20.74
C TYR B 216 -28.13 -15.92 20.48
N ILE B 217 -27.01 -15.77 21.17
CA ILE B 217 -26.16 -14.58 21.03
C ILE B 217 -25.56 -14.42 19.63
N VAL B 218 -25.36 -15.54 18.94
CA VAL B 218 -24.79 -15.51 17.60
C VAL B 218 -25.84 -15.25 16.54
N GLU B 219 -27.00 -15.88 16.68
CA GLU B 219 -28.09 -15.71 15.71
C GLU B 219 -28.80 -14.36 15.83
N HIS B 220 -28.56 -13.68 16.93
CA HIS B 220 -29.19 -12.38 17.16
C HIS B 220 -28.88 -11.41 16.03
N GLN B 221 -29.93 -10.93 15.36
CA GLN B 221 -29.77 -10.02 14.23
C GLN B 221 -29.13 -8.67 14.52
N ALA B 222 -28.99 -8.34 15.81
CA ALA B 222 -28.37 -7.06 16.19
C ALA B 222 -26.87 -7.17 16.01
N VAL B 223 -26.37 -8.40 15.90
CA VAL B 223 -24.94 -8.63 15.75
C VAL B 223 -24.54 -8.49 14.29
N ASN B 224 -23.54 -7.65 14.03
CA ASN B 224 -23.06 -7.37 12.68
C ASN B 224 -21.83 -8.17 12.27
N PHE B 225 -21.11 -8.69 13.25
CA PHE B 225 -19.88 -9.42 12.95
C PHE B 225 -19.55 -10.38 14.11
N ILE B 226 -19.08 -11.59 13.77
CA ILE B 226 -18.73 -12.56 14.80
C ILE B 226 -17.28 -13.00 14.67
N ASN B 227 -16.52 -12.69 15.72
CA ASN B 227 -15.09 -13.01 15.81
C ASN B 227 -15.03 -14.11 16.88
N PHE B 228 -14.67 -15.32 16.46
CA PHE B 228 -14.66 -16.45 17.39
C PHE B 228 -13.36 -17.25 17.39
N THR B 229 -12.98 -17.73 18.57
CA THR B 229 -11.80 -18.56 18.75
C THR B 229 -12.25 -19.76 19.59
N GLY B 230 -12.07 -20.97 19.06
CA GLY B 230 -12.50 -22.15 19.78
C GLY B 230 -12.45 -23.38 18.91
N SER B 231 -13.27 -24.37 19.22
CA SER B 231 -13.33 -25.62 18.47
C SER B 231 -13.93 -25.53 17.06
N THR B 232 -13.48 -26.43 16.19
CA THR B 232 -13.95 -26.49 14.81
C THR B 232 -15.45 -26.73 14.75
N GLY B 233 -15.93 -27.65 15.58
CA GLY B 233 -17.36 -27.96 15.62
C GLY B 233 -18.25 -26.75 15.86
N ILE B 234 -17.85 -25.88 16.78
CA ILE B 234 -18.63 -24.69 17.09
C ILE B 234 -18.41 -23.65 16.01
N GLY B 235 -17.22 -23.64 15.43
CA GLY B 235 -16.94 -22.69 14.37
C GLY B 235 -17.83 -23.02 13.21
N GLU B 236 -17.97 -24.31 12.88
CA GLU B 236 -18.83 -24.73 11.77
C GLU B 236 -20.22 -24.19 12.01
N ARG B 237 -20.67 -24.33 13.26
CA ARG B 237 -21.98 -23.89 13.72
C ARG B 237 -22.15 -22.41 13.43
N ILE B 238 -21.28 -21.62 14.01
CA ILE B 238 -21.29 -20.18 13.85
C ILE B 238 -21.26 -19.77 12.37
N GLY B 239 -20.43 -20.47 11.59
CA GLY B 239 -20.34 -20.15 10.18
C GLY B 239 -21.72 -20.15 9.55
N LYS B 240 -22.55 -21.11 9.95
CA LYS B 240 -23.89 -21.23 9.42
C LYS B 240 -24.85 -20.23 10.05
N MET B 241 -24.75 -20.08 11.37
CA MET B 241 -25.63 -19.15 12.11
C MET B 241 -25.33 -17.70 11.73
N ALA B 242 -24.21 -17.49 11.07
CA ALA B 242 -23.82 -16.16 10.65
C ALA B 242 -24.58 -15.68 9.39
N GLY B 243 -25.07 -16.63 8.59
CA GLY B 243 -25.79 -16.26 7.38
C GLY B 243 -24.84 -15.64 6.38
N MET B 244 -25.13 -14.42 5.93
CA MET B 244 -24.25 -13.74 4.98
C MET B 244 -23.44 -12.71 5.75
N ARG B 245 -23.59 -12.73 7.08
CA ARG B 245 -22.89 -11.82 7.98
C ARG B 245 -21.41 -12.19 8.04
N PRO B 246 -20.53 -11.19 8.18
CA PRO B 246 -19.08 -11.42 8.26
C PRO B 246 -18.63 -12.06 9.58
N ILE B 247 -17.62 -12.93 9.48
CA ILE B 247 -17.11 -13.63 10.64
C ILE B 247 -15.61 -13.89 10.53
N MET B 248 -15.00 -14.19 11.66
CA MET B 248 -13.59 -14.53 11.69
C MET B 248 -13.51 -15.69 12.65
N LEU B 249 -13.07 -16.84 12.16
CA LEU B 249 -12.95 -18.02 12.99
C LEU B 249 -11.52 -18.50 13.12
N GLU B 250 -11.13 -18.78 14.35
CA GLU B 250 -9.82 -19.30 14.69
C GLU B 250 -10.15 -20.64 15.33
N LEU B 251 -9.98 -21.72 14.56
CA LEU B 251 -10.34 -23.03 15.05
C LEU B 251 -9.20 -23.98 15.40
N GLY B 252 -9.47 -25.28 15.35
CA GLY B 252 -8.44 -26.24 15.70
C GLY B 252 -7.19 -26.27 14.84
N GLY B 253 -6.18 -26.95 15.36
CA GLY B 253 -4.92 -27.11 14.67
C GLY B 253 -4.28 -28.44 15.05
N LYS B 254 -3.46 -28.98 14.15
CA LYS B 254 -2.75 -30.24 14.36
C LYS B 254 -1.40 -30.02 13.67
N ASP B 255 -0.73 -28.95 14.07
CA ASP B 255 0.56 -28.57 13.50
C ASP B 255 1.59 -29.68 13.42
N SER B 256 2.16 -29.83 12.23
CA SER B 256 3.17 -30.85 12.03
C SER B 256 4.55 -30.23 11.94
N ALA B 257 5.54 -30.98 12.38
CA ALA B 257 6.92 -30.55 12.34
C ALA B 257 7.63 -31.49 11.39
N ILE B 258 7.91 -31.01 10.18
CA ILE B 258 8.59 -31.81 9.19
C ILE B 258 10.09 -31.67 9.44
N VAL B 259 10.75 -32.78 9.71
CA VAL B 259 12.18 -32.81 9.99
C VAL B 259 12.93 -33.55 8.89
N LEU B 260 13.66 -32.80 8.07
CA LEU B 260 14.44 -33.36 6.97
C LEU B 260 15.76 -33.87 7.52
N GLU B 261 16.50 -34.60 6.69
CA GLU B 261 17.78 -35.19 7.09
C GLU B 261 18.96 -34.28 7.38
N ASP B 262 18.85 -33.00 7.00
CA ASP B 262 19.95 -32.06 7.24
C ASP B 262 19.63 -31.09 8.37
N ALA B 263 18.68 -31.46 9.21
CA ALA B 263 18.28 -30.60 10.32
C ALA B 263 19.23 -30.66 11.50
N ASP B 264 19.25 -29.60 12.30
CA ASP B 264 20.08 -29.56 13.49
C ASP B 264 19.16 -30.24 14.48
N LEU B 265 19.39 -31.54 14.69
CA LEU B 265 18.54 -32.33 15.57
C LEU B 265 18.37 -31.84 17.01
N GLU B 266 19.42 -31.26 17.58
CA GLU B 266 19.31 -30.76 18.94
C GLU B 266 18.40 -29.53 19.00
N LEU B 267 18.57 -28.63 18.05
CA LEU B 267 17.75 -27.42 17.99
C LEU B 267 16.32 -27.84 17.65
N THR B 268 16.20 -28.87 16.83
CA THR B 268 14.89 -29.35 16.44
C THR B 268 14.17 -29.98 17.62
N ALA B 269 14.90 -30.79 18.39
CA ALA B 269 14.35 -31.46 19.56
C ALA B 269 13.85 -30.48 20.62
N LYS B 270 14.59 -29.39 20.82
CA LYS B 270 14.18 -28.40 21.81
C LYS B 270 12.93 -27.64 21.38
N ASN B 271 12.83 -27.30 20.10
CA ASN B 271 11.67 -26.57 19.62
C ASN B 271 10.42 -27.43 19.69
N ILE B 272 10.52 -28.67 19.24
CA ILE B 272 9.38 -29.58 19.27
C ILE B 272 8.89 -29.76 20.71
N ILE B 273 9.83 -29.90 21.64
CA ILE B 273 9.45 -30.05 23.04
C ILE B 273 8.73 -28.81 23.52
N ALA B 274 9.28 -27.65 23.20
CA ALA B 274 8.69 -26.38 23.62
C ALA B 274 7.27 -26.22 23.07
N GLY B 275 7.11 -26.38 21.76
CA GLY B 275 5.81 -26.21 21.15
C GLY B 275 4.80 -27.31 21.44
N ALA B 276 5.29 -28.53 21.61
CA ALA B 276 4.41 -29.66 21.85
C ALA B 276 3.84 -29.72 23.25
N PHE B 277 4.67 -29.49 24.26
CA PHE B 277 4.22 -29.59 25.64
C PHE B 277 3.82 -28.31 26.35
N GLY B 278 3.82 -27.19 25.65
CA GLY B 278 3.43 -25.94 26.26
C GLY B 278 2.00 -25.98 26.76
N TYR B 279 1.80 -25.57 28.00
CA TYR B 279 0.48 -25.55 28.62
C TYR B 279 -0.18 -26.93 28.50
N SER B 280 0.62 -27.96 28.73
CA SER B 280 0.15 -29.34 28.66
C SER B 280 -0.41 -29.70 27.30
N GLY B 281 0.09 -29.06 26.26
CA GLY B 281 -0.41 -29.35 24.92
C GLY B 281 -1.75 -28.69 24.65
N GLN B 282 -2.21 -27.84 25.56
CA GLN B 282 -3.47 -27.16 25.39
C GLN B 282 -3.30 -25.84 24.67
N ARG B 283 -2.65 -25.90 23.51
CA ARG B 283 -2.41 -24.74 22.64
C ARG B 283 -2.78 -25.11 21.20
N CYS B 284 -3.42 -24.19 20.49
CA CYS B 284 -3.82 -24.44 19.11
C CYS B 284 -2.63 -24.48 18.18
N THR B 285 -1.73 -23.52 18.37
CA THR B 285 -0.52 -23.46 17.56
C THR B 285 0.46 -24.22 18.43
N ALA B 286 0.67 -25.48 18.07
CA ALA B 286 1.57 -26.33 18.82
C ALA B 286 1.93 -27.52 17.94
N VAL B 287 3.20 -27.94 17.98
CA VAL B 287 3.63 -29.08 17.21
C VAL B 287 2.83 -30.24 17.78
N LYS B 288 1.90 -30.78 17.00
CA LYS B 288 1.06 -31.89 17.46
C LYS B 288 1.35 -33.21 16.74
N ARG B 289 2.37 -33.20 15.90
CA ARG B 289 2.78 -34.40 15.16
C ARG B 289 4.09 -34.14 14.42
N VAL B 290 5.04 -35.05 14.61
CA VAL B 290 6.34 -34.93 13.97
C VAL B 290 6.43 -35.90 12.80
N LEU B 291 6.74 -35.38 11.62
CA LEU B 291 6.89 -36.21 10.42
C LEU B 291 8.36 -36.13 10.08
N VAL B 292 9.13 -37.06 10.60
CA VAL B 292 10.60 -37.11 10.43
C VAL B 292 11.15 -38.20 9.52
N MET B 293 12.25 -37.87 8.82
CA MET B 293 12.90 -38.80 7.91
C MET B 293 13.51 -39.98 8.69
N GLU B 294 13.12 -41.19 8.34
CA GLU B 294 13.61 -42.37 9.04
C GLU B 294 15.09 -42.35 9.42
N SER B 295 15.95 -41.95 8.49
CA SER B 295 17.38 -41.95 8.76
C SER B 295 17.84 -41.11 9.96
N VAL B 296 17.05 -40.11 10.35
CA VAL B 296 17.42 -39.25 11.48
C VAL B 296 16.45 -39.42 12.67
N ALA B 297 15.40 -40.21 12.45
CA ALA B 297 14.37 -40.45 13.47
C ALA B 297 14.82 -40.99 14.82
N ASP B 298 15.62 -42.06 14.82
CA ASP B 298 16.07 -42.63 16.09
C ASP B 298 16.79 -41.61 16.95
N GLU B 299 17.69 -40.83 16.32
CA GLU B 299 18.44 -39.83 17.05
C GLU B 299 17.57 -38.69 17.57
N LEU B 300 16.63 -38.22 16.75
CA LEU B 300 15.76 -37.14 17.18
C LEU B 300 14.85 -37.59 18.31
N VAL B 301 14.34 -38.81 18.20
CA VAL B 301 13.43 -39.36 19.19
C VAL B 301 14.05 -39.52 20.57
N GLU B 302 15.30 -39.99 20.62
CA GLU B 302 15.98 -40.19 21.89
C GLU B 302 16.20 -38.85 22.58
N LYS B 303 16.55 -37.81 21.82
CA LYS B 303 16.76 -36.48 22.38
C LYS B 303 15.42 -36.02 22.96
N ILE B 304 14.36 -36.10 22.15
CA ILE B 304 13.03 -35.71 22.58
C ILE B 304 12.63 -36.52 23.82
N ARG B 305 12.98 -37.80 23.82
CA ARG B 305 12.67 -38.67 24.94
C ARG B 305 13.31 -38.13 26.22
N GLU B 306 14.60 -37.82 26.17
CA GLU B 306 15.28 -37.31 27.35
C GLU B 306 14.67 -36.01 27.86
N LYS B 307 14.42 -35.09 26.94
CA LYS B 307 13.86 -33.79 27.29
C LYS B 307 12.46 -33.88 27.91
N VAL B 308 11.65 -34.82 27.44
CA VAL B 308 10.30 -34.99 27.98
C VAL B 308 10.43 -35.32 29.45
N LEU B 309 11.42 -36.13 29.79
CA LEU B 309 11.64 -36.52 31.17
C LEU B 309 12.12 -35.37 32.06
N ALA B 310 12.56 -34.28 31.44
CA ALA B 310 13.05 -33.14 32.22
C ALA B 310 11.93 -32.14 32.53
N LEU B 311 10.80 -32.29 31.86
CA LEU B 311 9.66 -31.40 32.08
C LEU B 311 9.16 -31.57 33.49
N THR B 312 8.69 -30.49 34.08
CA THR B 312 8.14 -30.55 35.43
C THR B 312 6.65 -30.82 35.33
N ILE B 313 6.12 -31.48 36.36
CA ILE B 313 4.71 -31.87 36.43
C ILE B 313 4.17 -31.45 37.79
N GLY B 314 3.03 -30.76 37.82
CA GLY B 314 2.50 -30.34 39.10
C GLY B 314 1.42 -29.28 39.03
N ASN B 315 1.35 -28.46 40.07
CA ASN B 315 0.34 -27.41 40.16
C ASN B 315 0.71 -26.10 39.53
N PRO B 316 -0.30 -25.35 39.06
CA PRO B 316 -0.08 -24.07 38.42
C PRO B 316 0.73 -23.10 39.30
N GLU B 317 0.43 -23.09 40.59
CA GLU B 317 1.11 -22.19 41.49
C GLU B 317 2.60 -22.48 41.62
N ASP B 318 3.00 -23.68 41.22
CA ASP B 318 4.41 -24.05 41.29
C ASP B 318 5.08 -23.85 39.94
N ASP B 319 4.32 -23.29 38.99
CA ASP B 319 4.81 -23.01 37.65
C ASP B 319 5.32 -24.27 36.94
N ALA B 320 4.66 -25.40 37.18
CA ALA B 320 5.05 -26.66 36.57
C ALA B 320 4.83 -26.59 35.06
N ASP B 321 5.62 -27.34 34.30
CA ASP B 321 5.50 -27.38 32.84
C ASP B 321 4.17 -28.03 32.50
N ILE B 322 3.93 -29.19 33.10
CA ILE B 322 2.69 -29.94 32.90
C ILE B 322 1.77 -29.82 34.11
N THR B 323 0.63 -29.18 33.89
CA THR B 323 -0.37 -28.97 34.93
C THR B 323 -1.64 -29.77 34.57
N PRO B 324 -2.62 -29.85 35.50
CA PRO B 324 -3.86 -30.58 35.21
C PRO B 324 -4.68 -30.00 34.04
N LEU B 325 -5.23 -30.89 33.21
CA LEU B 325 -6.04 -30.47 32.07
C LEU B 325 -7.29 -29.72 32.53
N ILE B 326 -7.83 -28.87 31.66
CA ILE B 326 -8.97 -28.03 32.00
C ILE B 326 -10.14 -28.72 32.68
N ASP B 327 -10.41 -29.97 32.32
CA ASP B 327 -11.50 -30.71 32.94
C ASP B 327 -11.45 -32.21 32.69
N THR B 328 -12.26 -32.94 33.44
CA THR B 328 -12.33 -34.41 33.38
C THR B 328 -12.61 -34.98 32.01
N LYS B 329 -13.55 -34.39 31.30
CA LYS B 329 -13.89 -34.88 29.97
C LYS B 329 -12.70 -34.82 29.03
N SER B 330 -11.89 -33.78 29.18
CA SER B 330 -10.70 -33.57 28.36
C SER B 330 -9.68 -34.64 28.65
N ALA B 331 -9.40 -34.86 29.93
CA ALA B 331 -8.42 -35.88 30.30
C ALA B 331 -8.87 -37.27 29.82
N ASP B 332 -10.17 -37.54 29.91
CA ASP B 332 -10.69 -38.83 29.48
C ASP B 332 -10.49 -39.00 27.97
N TYR B 333 -10.77 -37.93 27.24
CA TYR B 333 -10.62 -37.94 25.79
C TYR B 333 -9.17 -38.22 25.37
N VAL B 334 -8.22 -37.60 26.06
CA VAL B 334 -6.82 -37.76 25.75
C VAL B 334 -6.42 -39.19 26.05
N GLU B 335 -6.91 -39.70 27.19
CA GLU B 335 -6.59 -41.08 27.58
C GLU B 335 -7.02 -42.07 26.49
N GLY B 336 -8.20 -41.85 25.92
CA GLY B 336 -8.65 -42.73 24.86
C GLY B 336 -7.71 -42.69 23.65
N LEU B 337 -7.11 -41.52 23.39
CA LEU B 337 -6.19 -41.38 22.25
C LEU B 337 -4.94 -42.16 22.59
N ILE B 338 -4.46 -42.00 23.83
CA ILE B 338 -3.29 -42.70 24.30
C ILE B 338 -3.53 -44.21 24.17
N ASN B 339 -4.72 -44.66 24.56
CA ASN B 339 -5.10 -46.07 24.52
C ASN B 339 -5.16 -46.64 23.11
N ASP B 340 -5.84 -45.93 22.22
CA ASP B 340 -5.94 -46.36 20.83
C ASP B 340 -4.54 -46.53 20.24
N ALA B 341 -3.65 -45.58 20.52
CA ALA B 341 -2.30 -45.66 20.02
C ALA B 341 -1.60 -46.89 20.58
N ASN B 342 -1.59 -46.98 21.91
CA ASN B 342 -0.93 -48.09 22.58
C ASN B 342 -1.46 -49.42 22.08
N ASP B 343 -2.75 -49.65 22.26
CA ASP B 343 -3.33 -50.91 21.82
C ASP B 343 -3.07 -51.20 20.35
N LYS B 344 -2.79 -50.15 19.57
CA LYS B 344 -2.54 -50.35 18.15
C LYS B 344 -1.08 -50.62 17.80
N GLY B 345 -0.21 -50.59 18.80
CA GLY B 345 1.21 -50.86 18.54
C GLY B 345 2.19 -49.71 18.63
N ALA B 346 1.74 -48.48 18.87
CA ALA B 346 2.68 -47.37 18.98
C ALA B 346 3.60 -47.68 20.14
N THR B 347 4.80 -47.09 20.12
CA THR B 347 5.77 -47.32 21.18
C THR B 347 5.80 -46.16 22.17
N ALA B 348 5.24 -46.36 23.35
CA ALA B 348 5.23 -45.32 24.37
C ALA B 348 6.63 -45.27 24.95
N LEU B 349 7.33 -44.16 24.76
CA LEU B 349 8.69 -44.04 25.28
C LEU B 349 8.68 -43.34 26.63
N THR B 350 7.47 -43.02 27.09
CA THR B 350 7.29 -42.35 28.37
C THR B 350 6.15 -43.04 29.08
N GLU B 351 6.22 -43.08 30.41
CA GLU B 351 5.20 -43.73 31.20
C GLU B 351 3.82 -43.13 31.08
N ILE B 352 2.81 -44.00 30.92
CA ILE B 352 1.43 -43.54 30.83
C ILE B 352 0.96 -43.46 32.29
N LYS B 353 0.68 -42.26 32.74
CA LYS B 353 0.22 -42.09 34.11
C LYS B 353 -0.72 -40.89 34.21
N ARG B 354 -1.80 -41.08 34.96
CA ARG B 354 -2.79 -40.04 35.16
C ARG B 354 -3.23 -40.01 36.60
N GLU B 355 -3.28 -38.83 37.19
CA GLU B 355 -3.72 -38.68 38.56
C GLU B 355 -4.73 -37.54 38.51
N GLY B 356 -5.96 -37.83 38.90
CA GLY B 356 -6.97 -36.80 38.81
C GLY B 356 -7.08 -36.52 37.32
N ASN B 357 -6.86 -35.27 36.93
CA ASN B 357 -6.94 -34.90 35.52
C ASN B 357 -5.57 -34.48 35.03
N LEU B 358 -4.55 -34.83 35.80
CA LEU B 358 -3.18 -34.50 35.44
C LEU B 358 -2.61 -35.70 34.71
N ILE B 359 -2.25 -35.49 33.45
CA ILE B 359 -1.68 -36.55 32.65
C ILE B 359 -0.21 -36.25 32.38
N CYS B 360 0.66 -37.15 32.82
CA CYS B 360 2.08 -36.96 32.62
C CYS B 360 2.35 -36.92 31.12
N PRO B 361 3.42 -36.21 30.72
CA PRO B 361 3.75 -36.12 29.28
C PRO B 361 4.17 -37.46 28.71
N ILE B 362 3.65 -37.81 27.54
CA ILE B 362 4.01 -39.07 26.92
C ILE B 362 4.43 -38.92 25.45
N LEU B 363 5.55 -39.57 25.11
CA LEU B 363 6.08 -39.54 23.75
C LEU B 363 5.77 -40.88 23.11
N PHE B 364 5.18 -40.83 21.91
CA PHE B 364 4.81 -42.05 21.19
C PHE B 364 5.59 -42.13 19.90
N ASP B 365 6.36 -43.20 19.74
CA ASP B 365 7.12 -43.39 18.51
C ASP B 365 6.37 -44.44 17.70
N LYS B 366 6.72 -44.57 16.42
CA LYS B 366 6.07 -45.56 15.55
C LYS B 366 4.58 -45.35 15.41
N VAL B 367 4.13 -44.10 15.39
CA VAL B 367 2.71 -43.83 15.22
C VAL B 367 2.45 -43.99 13.74
N THR B 368 1.25 -44.46 13.38
CA THR B 368 0.89 -44.65 11.98
C THR B 368 -0.37 -43.86 11.66
N THR B 369 -0.65 -43.68 10.38
CA THR B 369 -1.83 -42.95 9.95
C THR B 369 -3.10 -43.75 10.22
N ASP B 370 -2.94 -44.89 10.88
CA ASP B 370 -4.07 -45.74 11.22
C ASP B 370 -4.59 -45.43 12.62
N MET B 371 -3.78 -44.73 13.42
CA MET B 371 -4.12 -44.40 14.80
C MET B 371 -4.80 -43.04 14.89
N ARG B 372 -5.73 -42.90 15.83
CA ARG B 372 -6.46 -41.63 16.00
C ARG B 372 -5.51 -40.48 16.34
N LEU B 373 -4.53 -40.78 17.20
CA LEU B 373 -3.52 -39.80 17.65
C LEU B 373 -2.77 -39.11 16.51
N ALA B 374 -2.80 -39.72 15.33
CA ALA B 374 -2.11 -39.16 14.17
C ALA B 374 -2.87 -37.99 13.58
N TRP B 375 -4.19 -37.98 13.77
CA TRP B 375 -5.08 -36.95 13.21
C TRP B 375 -5.84 -36.04 14.17
N GLU B 376 -6.43 -36.61 15.20
CA GLU B 376 -7.21 -35.85 16.16
C GLU B 376 -6.39 -34.94 17.08
N GLU B 377 -6.89 -33.71 17.27
CA GLU B 377 -6.25 -32.74 18.16
C GLU B 377 -6.58 -33.20 19.60
N PRO B 378 -5.56 -33.60 20.36
CA PRO B 378 -5.75 -34.07 21.72
C PRO B 378 -6.00 -33.02 22.79
N PHE B 379 -5.19 -31.97 22.75
CA PHE B 379 -5.25 -30.94 23.75
C PHE B 379 -4.87 -31.58 25.09
N GLY B 380 -3.73 -32.28 25.06
CA GLY B 380 -3.18 -32.96 26.21
C GLY B 380 -1.70 -33.15 25.93
N PRO B 381 -0.88 -33.49 26.94
CA PRO B 381 0.56 -33.69 26.75
C PRO B 381 0.98 -35.00 26.09
N VAL B 382 0.48 -35.24 24.88
CA VAL B 382 0.79 -36.46 24.13
C VAL B 382 1.33 -36.11 22.74
N LEU B 383 2.54 -36.57 22.43
CA LEU B 383 3.15 -36.28 21.15
C LEU B 383 3.49 -37.50 20.30
N PRO B 384 2.86 -37.64 19.12
CA PRO B 384 3.12 -38.76 18.23
C PRO B 384 4.27 -38.47 17.25
N ILE B 385 5.12 -39.45 17.03
CA ILE B 385 6.24 -39.33 16.08
C ILE B 385 5.90 -40.26 14.91
N ILE B 386 5.84 -39.70 13.71
CA ILE B 386 5.53 -40.46 12.52
C ILE B 386 6.71 -40.39 11.56
N ARG B 387 7.38 -41.52 11.36
CA ARG B 387 8.55 -41.61 10.48
C ARG B 387 8.14 -41.76 9.01
N VAL B 388 8.74 -40.95 8.15
CA VAL B 388 8.45 -41.01 6.72
C VAL B 388 9.74 -41.35 5.96
N THR B 389 9.62 -41.72 4.70
CA THR B 389 10.80 -42.07 3.91
C THR B 389 11.12 -41.05 2.82
N SER B 390 10.33 -39.99 2.73
CA SER B 390 10.56 -38.97 1.72
C SER B 390 9.81 -37.68 2.04
N VAL B 391 10.36 -36.57 1.56
CA VAL B 391 9.80 -35.25 1.76
C VAL B 391 8.39 -35.20 1.17
N GLU B 392 8.18 -35.94 0.10
CA GLU B 392 6.89 -35.98 -0.58
C GLU B 392 5.83 -36.67 0.30
N GLU B 393 6.24 -37.68 1.04
CA GLU B 393 5.31 -38.38 1.91
C GLU B 393 4.95 -37.48 3.09
N ALA B 394 5.95 -36.77 3.59
CA ALA B 394 5.77 -35.85 4.71
C ALA B 394 4.71 -34.82 4.36
N ILE B 395 4.80 -34.29 3.14
CA ILE B 395 3.87 -33.29 2.64
C ILE B 395 2.48 -33.90 2.47
N GLU B 396 2.45 -35.14 1.95
CA GLU B 396 1.21 -35.89 1.73
C GLU B 396 0.45 -36.09 3.04
N ILE B 397 1.15 -36.63 4.04
CA ILE B 397 0.58 -36.91 5.36
C ILE B 397 0.16 -35.62 6.05
N SER B 398 0.93 -34.56 5.81
CA SER B 398 0.63 -33.25 6.41
C SER B 398 -0.69 -32.70 5.86
N ASN B 399 -0.69 -32.49 4.54
CA ASN B 399 -1.86 -31.98 3.87
C ASN B 399 -3.08 -32.87 4.00
N LYS B 400 -2.88 -34.12 4.44
CA LYS B 400 -3.97 -35.08 4.59
C LYS B 400 -4.92 -34.69 5.73
N SER B 401 -4.42 -33.90 6.68
CA SER B 401 -5.21 -33.45 7.81
C SER B 401 -6.21 -32.39 7.34
N GLU B 402 -7.35 -32.30 8.02
CA GLU B 402 -8.36 -31.30 7.67
C GLU B 402 -7.99 -30.00 8.38
N TYR B 403 -6.90 -30.06 9.14
CA TYR B 403 -6.38 -28.92 9.90
C TYR B 403 -5.24 -28.26 9.11
N GLY B 404 -5.10 -26.95 9.22
CA GLY B 404 -4.06 -26.26 8.50
C GLY B 404 -3.71 -24.92 9.10
N LEU B 405 -3.35 -24.91 10.38
CA LEU B 405 -2.98 -23.67 11.07
C LEU B 405 -1.55 -23.27 10.69
N GLN B 406 -0.57 -23.99 11.23
CA GLN B 406 0.83 -23.71 10.95
C GLN B 406 1.62 -25.00 10.74
N ALA B 407 2.92 -24.84 10.49
CA ALA B 407 3.80 -25.97 10.28
C ALA B 407 5.22 -25.49 10.47
N SER B 408 6.10 -26.42 10.82
CA SER B 408 7.52 -26.11 11.02
C SER B 408 8.29 -27.02 10.08
N ILE B 409 9.37 -26.49 9.52
CA ILE B 409 10.21 -27.30 8.66
C ILE B 409 11.61 -27.12 9.22
N PHE B 410 12.23 -28.22 9.63
CA PHE B 410 13.56 -28.17 10.19
C PHE B 410 14.53 -28.72 9.15
N THR B 411 15.32 -27.81 8.59
CA THR B 411 16.28 -28.14 7.54
C THR B 411 17.18 -26.93 7.36
N ASN B 412 18.26 -27.12 6.62
CA ASN B 412 19.21 -26.04 6.36
C ASN B 412 19.18 -25.65 4.89
N ASP B 413 18.26 -26.24 4.14
CA ASP B 413 18.09 -25.94 2.72
C ASP B 413 16.87 -25.03 2.57
N PHE B 414 17.12 -23.72 2.59
CA PHE B 414 16.06 -22.72 2.51
C PHE B 414 15.26 -22.70 1.20
N PRO B 415 15.93 -22.72 0.05
CA PRO B 415 15.17 -22.69 -1.21
C PRO B 415 14.22 -23.88 -1.29
N ARG B 416 14.67 -25.01 -0.77
CA ARG B 416 13.88 -26.23 -0.75
C ARG B 416 12.77 -26.04 0.30
N ALA B 417 13.14 -25.52 1.46
CA ALA B 417 12.17 -25.27 2.52
C ALA B 417 11.06 -24.32 2.04
N PHE B 418 11.42 -23.38 1.17
CA PHE B 418 10.44 -22.44 0.63
C PHE B 418 9.54 -23.16 -0.37
N GLY B 419 10.07 -24.13 -1.08
CA GLY B 419 9.29 -24.86 -2.05
C GLY B 419 8.27 -25.73 -1.34
N ILE B 420 8.69 -26.33 -0.24
CA ILE B 420 7.81 -27.18 0.57
C ILE B 420 6.70 -26.32 1.17
N ALA B 421 7.08 -25.19 1.76
CA ALA B 421 6.14 -24.27 2.39
C ALA B 421 5.02 -23.88 1.45
N GLU B 422 5.33 -23.78 0.16
CA GLU B 422 4.33 -23.41 -0.83
C GLU B 422 3.24 -24.48 -0.97
N GLN B 423 3.62 -25.74 -0.77
CA GLN B 423 2.72 -26.88 -0.89
C GLN B 423 1.99 -27.21 0.39
N LEU B 424 2.49 -26.75 1.53
CA LEU B 424 1.84 -27.04 2.80
C LEU B 424 0.56 -26.22 2.93
N GLU B 425 -0.57 -26.91 3.12
CA GLU B 425 -1.85 -26.23 3.23
C GLU B 425 -2.07 -25.67 4.63
N VAL B 426 -1.32 -24.61 4.94
CA VAL B 426 -1.38 -23.96 6.24
C VAL B 426 -1.35 -22.44 6.14
N GLY B 427 -1.41 -21.78 7.28
CA GLY B 427 -1.38 -20.33 7.28
C GLY B 427 0.05 -19.85 7.34
N THR B 428 0.80 -20.36 8.30
CA THR B 428 2.19 -19.95 8.47
C THR B 428 3.13 -21.13 8.56
N VAL B 429 4.31 -20.98 7.98
CA VAL B 429 5.35 -22.02 8.00
C VAL B 429 6.57 -21.43 8.66
N HIS B 430 6.97 -22.03 9.77
CA HIS B 430 8.15 -21.58 10.52
C HIS B 430 9.36 -22.44 10.16
N ILE B 431 10.43 -21.81 9.71
CA ILE B 431 11.65 -22.53 9.37
C ILE B 431 12.61 -22.58 10.54
N ASN B 432 12.85 -23.79 11.05
CA ASN B 432 13.76 -24.02 12.17
C ASN B 432 13.28 -23.39 13.47
N ASN B 433 11.97 -23.37 13.66
CA ASN B 433 11.36 -22.81 14.86
C ASN B 433 10.07 -23.55 15.01
N LYS B 434 9.56 -23.59 16.23
CA LYS B 434 8.28 -24.24 16.49
C LYS B 434 7.24 -23.25 16.00
N THR B 435 6.00 -23.72 15.83
CA THR B 435 4.92 -22.87 15.36
C THR B 435 4.48 -21.91 16.48
N GLN B 436 3.82 -20.82 16.12
CA GLN B 436 3.37 -19.84 17.11
C GLN B 436 2.60 -18.72 16.46
N ARG B 437 1.75 -18.05 17.22
CA ARG B 437 0.96 -16.94 16.71
C ARG B 437 1.95 -15.79 16.63
N GLY B 438 3.03 -16.00 17.39
CA GLY B 438 4.18 -15.11 17.53
C GLY B 438 4.38 -13.87 16.72
N THR B 439 4.41 -12.76 17.46
CA THR B 439 4.55 -11.40 16.96
C THR B 439 3.24 -11.13 16.24
N ASP B 440 2.37 -10.46 16.97
CA ASP B 440 1.02 -10.12 16.56
C ASP B 440 0.87 -9.12 15.40
N ASN B 441 1.99 -8.62 14.89
CA ASN B 441 1.92 -7.72 13.76
C ASN B 441 1.94 -8.61 12.51
N PHE B 442 2.35 -9.86 12.69
CA PHE B 442 2.42 -10.88 11.62
C PHE B 442 1.01 -11.45 11.38
N PRO B 443 0.72 -11.85 10.13
CA PRO B 443 -0.60 -12.40 9.86
C PRO B 443 -0.76 -13.73 10.59
N PHE B 444 -1.99 -14.02 11.00
CA PHE B 444 -2.29 -15.27 11.68
C PHE B 444 -3.60 -15.77 11.08
N LEU B 445 -3.51 -16.90 10.39
CA LEU B 445 -4.67 -17.50 9.75
C LEU B 445 -4.44 -18.99 9.65
N GLY B 446 -5.50 -19.74 9.34
CA GLY B 446 -5.38 -21.17 9.18
C GLY B 446 -6.07 -21.59 7.90
N ALA B 447 -5.68 -22.73 7.34
CA ALA B 447 -6.28 -23.22 6.12
C ALA B 447 -7.29 -24.33 6.47
N LYS B 448 -8.05 -24.76 5.47
CA LYS B 448 -9.06 -25.81 5.64
C LYS B 448 -9.98 -25.55 6.82
N LYS B 449 -10.09 -26.53 7.72
CA LYS B 449 -10.98 -26.39 8.87
C LYS B 449 -10.32 -25.79 10.11
N SER B 450 -9.27 -25.00 9.88
CA SER B 450 -8.57 -24.38 10.99
C SER B 450 -9.06 -22.95 11.18
N GLY B 451 -9.94 -22.50 10.28
CA GLY B 451 -10.45 -21.15 10.41
C GLY B 451 -10.97 -20.41 9.19
N ALA B 452 -11.34 -19.16 9.43
CA ALA B 452 -11.85 -18.28 8.39
C ALA B 452 -11.34 -16.89 8.74
N GLY B 453 -10.78 -16.20 7.74
CA GLY B 453 -10.29 -14.86 8.00
C GLY B 453 -8.82 -14.84 8.37
N ILE B 454 -8.19 -13.68 8.21
CA ILE B 454 -6.78 -13.49 8.52
C ILE B 454 -6.62 -12.53 9.69
N GLN B 455 -5.94 -12.96 10.73
CA GLN B 455 -5.75 -12.09 11.88
C GLN B 455 -4.34 -11.49 11.94
N GLY B 456 -3.96 -11.03 13.13
CA GLY B 456 -2.71 -10.33 13.26
C GLY B 456 -3.30 -8.92 13.36
N VAL B 457 -2.73 -8.03 14.15
CA VAL B 457 -3.33 -6.71 14.32
C VAL B 457 -3.91 -6.02 13.10
N LYS B 458 -3.06 -5.64 12.15
CA LYS B 458 -3.52 -4.92 10.97
C LYS B 458 -4.64 -5.62 10.19
N TYR B 459 -4.53 -6.91 10.04
CA TYR B 459 -5.54 -7.66 9.30
C TYR B 459 -6.88 -7.71 10.06
N SER B 460 -6.82 -7.80 11.40
CA SER B 460 -8.00 -7.83 12.22
C SER B 460 -8.80 -6.54 11.98
N ILE B 461 -8.10 -5.42 12.08
CA ILE B 461 -8.70 -4.12 11.88
C ILE B 461 -9.33 -4.05 10.48
N GLU B 462 -8.58 -4.42 9.45
CA GLU B 462 -9.11 -4.38 8.10
C GLU B 462 -10.36 -5.24 7.97
N ALA B 463 -10.35 -6.39 8.64
CA ALA B 463 -11.44 -7.36 8.59
C ALA B 463 -12.73 -6.90 9.29
N MET B 464 -12.59 -6.09 10.33
CA MET B 464 -13.75 -5.59 11.05
C MET B 464 -14.14 -4.17 10.68
N THR B 465 -13.79 -3.75 9.47
CA THR B 465 -14.16 -2.44 8.96
C THR B 465 -14.69 -2.65 7.57
N THR B 466 -15.41 -1.66 7.07
CA THR B 466 -15.92 -1.73 5.72
C THR B 466 -15.44 -0.50 4.99
N VAL B 467 -16.00 -0.26 3.82
CA VAL B 467 -15.57 0.89 3.04
C VAL B 467 -16.75 1.73 2.60
N LYS B 468 -16.53 3.03 2.49
CA LYS B 468 -17.56 3.95 2.05
C LYS B 468 -16.93 4.72 0.90
N SER B 469 -17.43 4.48 -0.31
CA SER B 469 -16.92 5.13 -1.50
C SER B 469 -17.82 6.30 -1.91
N VAL B 470 -17.24 7.48 -2.07
CA VAL B 470 -17.97 8.68 -2.50
C VAL B 470 -17.36 9.10 -3.82
N VAL B 471 -18.17 9.05 -4.87
CA VAL B 471 -17.72 9.40 -6.21
C VAL B 471 -18.37 10.69 -6.76
N PHE B 472 -17.52 11.58 -7.28
CA PHE B 472 -17.98 12.84 -7.86
C PHE B 472 -17.10 13.23 -9.04
N ASP B 473 -17.54 14.20 -9.82
CA ASP B 473 -16.79 14.66 -10.99
C ASP B 473 -16.19 16.06 -10.79
N ILE B 474 -14.97 16.24 -11.26
CA ILE B 474 -14.28 17.51 -11.14
C ILE B 474 -14.54 18.32 -12.40
N LYS B 475 -14.89 19.59 -12.20
CA LYS B 475 -15.13 20.49 -13.32
C LYS B 475 -13.90 21.36 -13.39
N THR C 2 25.72 10.84 -47.37
CA THR C 2 25.69 10.00 -46.14
C THR C 2 24.24 9.79 -45.70
N LYS C 3 23.97 8.70 -44.98
CA LYS C 3 22.63 8.43 -44.49
C LYS C 3 22.45 9.31 -43.27
N GLN C 4 21.72 10.40 -43.45
CA GLN C 4 21.52 11.36 -42.38
C GLN C 4 20.23 11.18 -41.60
N TYR C 5 20.38 10.80 -40.33
CA TYR C 5 19.23 10.61 -39.48
C TYR C 5 18.80 11.98 -38.98
N LYS C 6 17.55 12.09 -38.55
CA LYS C 6 17.01 13.35 -38.07
C LYS C 6 16.43 13.22 -36.68
N ASN C 7 16.34 14.34 -35.99
CA ASN C 7 15.78 14.34 -34.64
C ASN C 7 14.27 14.50 -34.78
N TYR C 8 13.54 13.94 -33.81
CA TYR C 8 12.09 14.07 -33.82
C TYR C 8 11.80 15.22 -32.89
N VAL C 9 11.33 16.32 -33.46
CA VAL C 9 11.03 17.51 -32.70
C VAL C 9 9.64 18.01 -33.03
N ASN C 10 8.83 18.16 -31.99
CA ASN C 10 7.47 18.64 -32.16
C ASN C 10 6.72 18.02 -33.35
N GLY C 11 6.68 16.70 -33.41
CA GLY C 11 5.98 16.06 -34.51
C GLY C 11 6.67 16.07 -35.85
N GLU C 12 7.88 16.60 -35.90
CA GLU C 12 8.61 16.63 -37.15
C GLU C 12 10.02 16.12 -37.00
N TRP C 13 10.58 15.68 -38.12
CA TRP C 13 11.95 15.17 -38.16
C TRP C 13 12.84 16.31 -38.63
N LYS C 14 13.89 16.61 -37.89
CA LYS C 14 14.76 17.72 -38.24
C LYS C 14 16.27 17.45 -38.25
N LEU C 15 16.92 17.95 -39.30
CA LEU C 15 18.36 17.82 -39.45
C LEU C 15 18.87 19.12 -38.86
N SER C 16 20.18 19.22 -38.68
CA SER C 16 20.79 20.43 -38.14
C SER C 16 21.83 20.89 -39.16
N GLU C 17 22.36 22.10 -39.01
CA GLU C 17 23.36 22.57 -39.97
C GLU C 17 24.57 21.65 -39.94
N ASN C 18 24.86 21.10 -38.77
CA ASN C 18 26.00 20.21 -38.63
C ASN C 18 25.55 18.81 -38.27
N GLU C 19 26.42 17.85 -38.57
CA GLU C 19 26.13 16.45 -38.30
C GLU C 19 27.31 15.78 -37.64
N ILE C 20 27.09 14.56 -37.14
CA ILE C 20 28.14 13.78 -36.52
C ILE C 20 28.06 12.42 -37.18
N LYS C 21 29.17 11.98 -37.76
CA LYS C 21 29.22 10.68 -38.40
C LYS C 21 29.55 9.58 -37.42
N ILE C 22 28.76 8.53 -37.48
CA ILE C 22 28.90 7.35 -36.62
C ILE C 22 29.54 6.19 -37.38
N TYR C 23 30.45 5.48 -36.72
CA TYR C 23 31.12 4.34 -37.34
C TYR C 23 30.89 3.10 -36.50
N GLU C 24 31.07 1.93 -37.09
CA GLU C 24 30.91 0.68 -36.35
C GLU C 24 32.20 0.41 -35.57
N PRO C 25 32.09 0.28 -34.24
CA PRO C 25 33.28 0.02 -33.42
C PRO C 25 34.13 -1.20 -33.78
N ALA C 26 33.53 -2.16 -34.49
CA ALA C 26 34.27 -3.38 -34.87
C ALA C 26 34.96 -3.29 -36.23
N SER C 27 34.37 -2.60 -37.19
CA SER C 27 34.96 -2.49 -38.51
C SER C 27 35.40 -1.10 -38.94
N GLY C 28 34.85 -0.06 -38.30
CA GLY C 28 35.22 1.30 -38.64
C GLY C 28 34.33 1.85 -39.73
N ALA C 29 33.47 1.00 -40.26
CA ALA C 29 32.55 1.39 -41.33
C ALA C 29 31.59 2.51 -40.90
N GLU C 30 31.37 3.46 -41.79
CA GLU C 30 30.45 4.55 -41.50
C GLU C 30 29.05 3.97 -41.45
N LEU C 31 28.29 4.33 -40.43
CA LEU C 31 26.92 3.84 -40.24
C LEU C 31 25.89 4.87 -40.71
N GLY C 32 26.25 6.13 -40.66
CA GLY C 32 25.37 7.20 -41.08
C GLY C 32 25.78 8.38 -40.23
N SER C 33 24.91 9.38 -40.09
CA SER C 33 25.24 10.54 -39.28
C SER C 33 24.03 10.96 -38.47
N VAL C 34 24.26 11.72 -37.41
CA VAL C 34 23.19 12.23 -36.57
C VAL C 34 23.41 13.74 -36.41
N PRO C 35 22.33 14.51 -36.27
CA PRO C 35 22.49 15.96 -36.10
C PRO C 35 23.32 16.39 -34.89
N ALA C 36 23.97 17.54 -35.02
CA ALA C 36 24.74 18.13 -33.94
C ALA C 36 23.94 19.41 -33.66
N MET C 37 22.91 19.26 -32.84
CA MET C 37 22.02 20.35 -32.48
C MET C 37 22.67 21.59 -31.87
N SER C 38 22.09 22.75 -32.17
CA SER C 38 22.56 24.02 -31.64
C SER C 38 21.72 24.29 -30.39
N THR C 39 22.23 25.11 -29.48
CA THR C 39 21.49 25.41 -28.27
C THR C 39 20.11 25.96 -28.59
N GLU C 40 20.01 26.64 -29.74
CA GLU C 40 18.74 27.21 -30.17
C GLU C 40 17.77 26.09 -30.53
N GLU C 41 18.31 25.01 -31.08
CA GLU C 41 17.48 23.88 -31.43
C GLU C 41 17.03 23.16 -30.16
N VAL C 42 17.88 23.16 -29.14
CA VAL C 42 17.58 22.52 -27.87
C VAL C 42 16.42 23.31 -27.21
N ASP C 43 16.47 24.63 -27.34
CA ASP C 43 15.46 25.51 -26.80
C ASP C 43 14.10 25.22 -27.42
N TYR C 44 14.10 24.90 -28.72
CA TYR C 44 12.85 24.63 -29.41
C TYR C 44 12.27 23.29 -29.01
N VAL C 45 13.14 22.33 -28.69
CA VAL C 45 12.66 21.03 -28.28
C VAL C 45 11.93 21.19 -26.95
N TYR C 46 12.56 21.93 -26.04
CA TYR C 46 12.01 22.17 -24.72
C TYR C 46 10.76 23.04 -24.75
N ALA C 47 10.75 24.05 -25.61
CA ALA C 47 9.58 24.91 -25.72
C ALA C 47 8.39 24.10 -26.26
N SER C 48 8.69 23.18 -27.17
CA SER C 48 7.67 22.33 -27.78
C SER C 48 7.02 21.44 -26.74
N ALA C 49 7.85 20.80 -25.91
CA ALA C 49 7.40 19.90 -24.85
C ALA C 49 6.56 20.58 -23.75
N LYS C 50 7.00 21.74 -23.26
CA LYS C 50 6.25 22.46 -22.21
C LYS C 50 4.88 22.91 -22.75
N LYS C 51 4.85 23.15 -24.06
CA LYS C 51 3.63 23.57 -24.70
C LYS C 51 2.65 22.41 -24.83
N ALA C 52 3.17 21.22 -25.10
CA ALA C 52 2.33 20.03 -25.25
C ALA C 52 1.94 19.33 -23.96
N GLN C 53 2.70 19.55 -22.88
CA GLN C 53 2.42 18.89 -21.61
C GLN C 53 0.99 18.96 -21.06
N PRO C 54 0.42 20.17 -20.92
CA PRO C 54 -0.95 20.30 -20.41
C PRO C 54 -1.99 19.40 -21.07
N ALA C 55 -2.00 19.35 -22.40
CA ALA C 55 -2.94 18.52 -23.14
C ALA C 55 -2.65 17.03 -23.01
N TRP C 56 -1.39 16.68 -22.81
CA TRP C 56 -0.98 15.30 -22.65
C TRP C 56 -1.45 14.90 -21.24
N ARG C 57 -1.21 15.76 -20.28
CA ARG C 57 -1.63 15.51 -18.91
C ARG C 57 -3.15 15.43 -18.81
N ALA C 58 -3.83 16.12 -19.72
CA ALA C 58 -5.29 16.13 -19.75
C ALA C 58 -5.92 14.84 -20.25
N LEU C 59 -5.13 14.01 -20.92
CA LEU C 59 -5.63 12.74 -21.43
C LEU C 59 -5.90 11.81 -20.25
N SER C 60 -6.60 10.71 -20.49
CA SER C 60 -6.85 9.76 -19.43
C SER C 60 -5.63 8.85 -19.34
N TYR C 61 -5.43 8.24 -18.19
CA TYR C 61 -4.29 7.35 -18.01
C TYR C 61 -4.32 6.24 -19.05
N ILE C 62 -5.51 5.66 -19.26
CA ILE C 62 -5.62 4.59 -20.22
C ILE C 62 -5.26 5.02 -21.65
N GLU C 63 -5.58 6.26 -22.00
CA GLU C 63 -5.25 6.73 -23.33
C GLU C 63 -3.74 6.76 -23.50
N ARG C 64 -3.03 7.16 -22.44
CA ARG C 64 -1.58 7.23 -22.50
C ARG C 64 -0.94 5.84 -22.50
N ALA C 65 -1.59 4.88 -21.84
CA ALA C 65 -1.06 3.52 -21.82
C ALA C 65 -1.25 2.89 -23.19
N ALA C 66 -2.31 3.27 -23.88
CA ALA C 66 -2.61 2.71 -25.20
C ALA C 66 -1.56 3.16 -26.22
N TYR C 67 -1.11 4.40 -26.08
CA TYR C 67 -0.08 4.96 -26.95
C TYR C 67 1.19 4.14 -26.75
N LEU C 68 1.56 3.96 -25.48
CA LEU C 68 2.76 3.23 -25.12
C LEU C 68 2.72 1.76 -25.54
N HIS C 69 1.53 1.14 -25.49
CA HIS C 69 1.38 -0.25 -25.90
C HIS C 69 1.60 -0.34 -27.41
N LYS C 70 1.23 0.73 -28.11
CA LYS C 70 1.43 0.79 -29.56
C LYS C 70 2.95 0.81 -29.86
N VAL C 71 3.68 1.67 -29.15
CA VAL C 71 5.13 1.80 -29.32
C VAL C 71 5.83 0.47 -29.11
N ALA C 72 5.47 -0.23 -28.03
CA ALA C 72 6.05 -1.53 -27.72
C ALA C 72 5.74 -2.54 -28.84
N ASP C 73 4.50 -2.52 -29.31
CA ASP C 73 4.07 -3.43 -30.38
C ASP C 73 4.90 -3.18 -31.63
N ILE C 74 5.15 -1.91 -31.93
CA ILE C 74 5.96 -1.54 -33.09
C ILE C 74 7.41 -2.01 -32.94
N LEU C 75 7.96 -1.89 -31.73
CA LEU C 75 9.33 -2.33 -31.44
C LEU C 75 9.49 -3.84 -31.66
N MET C 76 8.47 -4.61 -31.28
CA MET C 76 8.49 -6.04 -31.44
C MET C 76 8.48 -6.41 -32.92
N ARG C 77 7.69 -5.67 -33.68
CA ARG C 77 7.55 -5.88 -35.12
C ARG C 77 8.85 -5.62 -35.85
N ASP C 78 9.52 -4.53 -35.49
CA ASP C 78 10.77 -4.15 -36.11
C ASP C 78 12.00 -4.51 -35.28
N LYS C 79 11.91 -5.52 -34.42
CA LYS C 79 13.05 -5.87 -33.56
C LYS C 79 14.31 -6.37 -34.26
N GLU C 80 14.15 -6.99 -35.42
CA GLU C 80 15.29 -7.48 -36.21
C GLU C 80 15.96 -6.30 -36.92
N LYS C 81 15.13 -5.37 -37.38
CA LYS C 81 15.59 -4.18 -38.08
C LYS C 81 16.41 -3.33 -37.14
N ILE C 82 15.82 -2.93 -36.02
CA ILE C 82 16.50 -2.11 -35.01
C ILE C 82 17.72 -2.84 -34.44
N GLY C 83 17.56 -4.14 -34.19
CA GLY C 83 18.66 -4.93 -33.66
C GLY C 83 19.87 -5.09 -34.59
N ALA C 84 19.67 -5.05 -35.90
CA ALA C 84 20.77 -5.17 -36.84
C ALA C 84 21.67 -3.93 -36.79
N ILE C 85 21.06 -2.76 -36.64
CA ILE C 85 21.81 -1.52 -36.58
C ILE C 85 22.42 -1.31 -35.20
N LEU C 86 21.67 -1.64 -34.15
CA LEU C 86 22.17 -1.49 -32.79
C LEU C 86 23.43 -2.34 -32.62
N SER C 87 23.36 -3.59 -33.09
CA SER C 87 24.48 -4.52 -33.04
C SER C 87 25.73 -3.90 -33.66
N LYS C 88 25.54 -3.25 -34.81
CA LYS C 88 26.63 -2.59 -35.55
C LYS C 88 27.12 -1.31 -34.90
N GLU C 89 26.21 -0.51 -34.35
CA GLU C 89 26.60 0.75 -33.75
C GLU C 89 27.40 0.63 -32.44
N VAL C 90 27.08 -0.35 -31.60
CA VAL C 90 27.83 -0.49 -30.34
C VAL C 90 28.63 -1.80 -30.22
N ALA C 91 28.88 -2.45 -31.35
CA ALA C 91 29.64 -3.70 -31.40
C ALA C 91 29.20 -4.74 -30.37
N LYS C 92 27.90 -4.94 -30.29
CA LYS C 92 27.36 -5.91 -29.37
C LYS C 92 26.75 -7.02 -30.24
N GLY C 93 26.89 -8.25 -29.79
CA GLY C 93 26.34 -9.37 -30.56
C GLY C 93 24.97 -9.07 -31.12
N TYR C 94 24.67 -9.65 -32.30
CA TYR C 94 23.39 -9.43 -32.93
C TYR C 94 22.18 -9.90 -32.15
N LYS C 95 22.19 -11.15 -31.69
CA LYS C 95 21.05 -11.69 -30.95
C LYS C 95 20.75 -10.95 -29.66
N SER C 96 21.80 -10.51 -28.97
CA SER C 96 21.65 -9.77 -27.73
C SER C 96 21.15 -8.37 -28.03
N ALA C 97 21.44 -7.87 -29.23
CA ALA C 97 21.00 -6.55 -29.65
C ALA C 97 19.49 -6.61 -29.87
N VAL C 98 19.03 -7.70 -30.48
CA VAL C 98 17.61 -7.91 -30.73
C VAL C 98 16.91 -8.09 -29.39
N SER C 99 17.64 -8.66 -28.43
CA SER C 99 17.10 -8.87 -27.07
C SER C 99 16.94 -7.56 -26.33
N GLU C 100 17.78 -6.58 -26.64
CA GLU C 100 17.66 -5.30 -25.96
C GLU C 100 16.33 -4.68 -26.38
N VAL C 101 16.04 -4.73 -27.68
CA VAL C 101 14.82 -4.15 -28.22
C VAL C 101 13.61 -4.83 -27.62
N VAL C 102 13.69 -6.15 -27.55
CA VAL C 102 12.60 -6.92 -26.98
C VAL C 102 12.40 -6.53 -25.51
N ARG C 103 13.49 -6.38 -24.78
CA ARG C 103 13.38 -6.03 -23.37
C ARG C 103 12.83 -4.64 -23.17
N THR C 104 13.07 -3.79 -24.15
CA THR C 104 12.59 -2.41 -24.12
C THR C 104 11.06 -2.45 -24.25
N ALA C 105 10.57 -3.20 -25.24
CA ALA C 105 9.14 -3.30 -25.45
C ALA C 105 8.47 -3.77 -24.15
N GLU C 106 9.08 -4.77 -23.50
CA GLU C 106 8.58 -5.33 -22.27
C GLU C 106 8.47 -4.32 -21.13
N ILE C 107 9.47 -3.48 -20.97
CA ILE C 107 9.44 -2.48 -19.90
C ILE C 107 8.47 -1.36 -20.24
N ILE C 108 8.30 -1.08 -21.55
CA ILE C 108 7.35 -0.05 -21.99
C ILE C 108 5.93 -0.54 -21.72
N ASN C 109 5.68 -1.82 -22.00
CA ASN C 109 4.36 -2.41 -21.76
C ASN C 109 4.07 -2.54 -20.26
N TYR C 110 5.09 -2.87 -19.48
CA TYR C 110 4.92 -3.01 -18.02
C TYR C 110 4.67 -1.66 -17.35
N ALA C 111 5.45 -0.64 -17.74
CA ALA C 111 5.30 0.69 -17.17
C ALA C 111 3.93 1.27 -17.54
N ALA C 112 3.43 0.88 -18.71
CA ALA C 112 2.13 1.35 -19.18
C ALA C 112 1.00 0.85 -18.31
N GLU C 113 1.09 -0.40 -17.86
CA GLU C 113 0.05 -0.98 -17.02
C GLU C 113 0.25 -0.66 -15.54
N GLU C 114 1.48 -0.34 -15.17
CA GLU C 114 1.81 0.01 -13.79
C GLU C 114 1.35 1.43 -13.53
N GLY C 115 1.55 2.30 -14.51
CA GLY C 115 1.18 3.71 -14.39
C GLY C 115 -0.30 4.03 -14.26
N LEU C 116 -1.16 3.22 -14.86
CA LEU C 116 -2.57 3.51 -14.76
C LEU C 116 -3.11 2.89 -13.49
N ARG C 117 -2.21 2.42 -12.63
CA ARG C 117 -2.60 1.81 -11.37
C ARG C 117 -1.95 2.47 -10.15
N MET C 118 -1.52 3.72 -10.29
CA MET C 118 -0.92 4.41 -9.16
C MET C 118 -2.11 5.05 -8.44
N GLU C 119 -2.28 4.74 -7.16
CA GLU C 119 -3.42 5.28 -6.43
C GLU C 119 -3.08 6.41 -5.48
N GLY C 120 -4.10 7.15 -5.06
CA GLY C 120 -3.90 8.23 -4.14
C GLY C 120 -4.34 7.79 -2.76
N GLU C 121 -4.33 8.71 -1.82
CA GLU C 121 -4.74 8.39 -0.46
C GLU C 121 -5.68 9.42 0.09
N VAL C 122 -6.45 9.01 1.09
CA VAL C 122 -7.37 9.90 1.81
C VAL C 122 -6.93 9.75 3.26
N LEU C 123 -6.44 10.84 3.84
CA LEU C 123 -5.97 10.84 5.20
C LEU C 123 -6.92 11.56 6.16
N GLU C 124 -6.92 11.13 7.42
CA GLU C 124 -7.79 11.72 8.44
C GLU C 124 -7.06 12.63 9.43
N GLY C 125 -7.61 13.82 9.68
CA GLY C 125 -6.98 14.71 10.64
C GLY C 125 -7.12 14.15 12.04
N GLY C 126 -8.15 13.33 12.24
CA GLY C 126 -8.40 12.70 13.53
C GLY C 126 -7.35 11.72 14.00
N SER C 127 -6.46 11.32 13.10
CA SER C 127 -5.39 10.40 13.43
C SER C 127 -4.35 11.17 14.23
N PHE C 128 -4.23 12.46 13.96
CA PHE C 128 -3.25 13.31 14.64
C PHE C 128 -3.85 14.15 15.75
N GLU C 129 -5.03 14.70 15.53
CA GLU C 129 -5.65 15.51 16.57
C GLU C 129 -7.16 15.51 16.44
N ALA C 130 -7.82 15.31 17.57
CA ALA C 130 -9.29 15.26 17.64
C ALA C 130 -9.93 16.51 17.02
N ALA C 131 -9.37 17.67 17.29
CA ALA C 131 -9.92 18.90 16.76
C ALA C 131 -10.03 18.92 15.24
N SER C 132 -9.17 18.16 14.54
CA SER C 132 -9.18 18.12 13.07
C SER C 132 -9.82 16.82 12.56
N LYS C 133 -10.69 16.22 13.36
CA LYS C 133 -11.32 14.97 12.97
C LYS C 133 -12.24 15.05 11.77
N LYS C 134 -12.73 16.24 11.44
CA LYS C 134 -13.63 16.43 10.29
C LYS C 134 -12.83 16.84 9.06
N LYS C 135 -11.51 17.01 9.24
CA LYS C 135 -10.63 17.42 8.15
C LYS C 135 -9.98 16.21 7.49
N ILE C 136 -10.20 16.07 6.19
CA ILE C 136 -9.63 14.95 5.45
C ILE C 136 -8.77 15.45 4.29
N ALA C 137 -7.76 14.68 3.92
CA ALA C 137 -6.89 15.06 2.83
C ALA C 137 -6.98 14.08 1.66
N VAL C 138 -7.33 14.59 0.48
CA VAL C 138 -7.43 13.78 -0.72
C VAL C 138 -6.14 14.01 -1.50
N VAL C 139 -5.23 13.05 -1.42
CA VAL C 139 -3.93 13.16 -2.08
C VAL C 139 -3.84 12.38 -3.38
N ARG C 140 -3.55 13.08 -4.48
CA ARG C 140 -3.42 12.48 -5.80
C ARG C 140 -2.09 12.84 -6.48
N ARG C 141 -1.53 11.89 -7.23
CA ARG C 141 -0.25 12.09 -7.94
C ARG C 141 -0.37 13.03 -9.15
N GLU C 142 0.76 13.61 -9.55
CA GLU C 142 0.81 14.51 -10.69
C GLU C 142 2.21 14.47 -11.31
N PRO C 143 2.31 14.73 -12.61
CA PRO C 143 3.61 14.70 -13.27
C PRO C 143 4.53 15.83 -12.79
N VAL C 144 5.83 15.66 -12.94
CA VAL C 144 6.77 16.69 -12.52
C VAL C 144 6.84 17.75 -13.61
N GLY C 145 6.55 17.34 -14.85
CA GLY C 145 6.60 18.26 -15.97
C GLY C 145 7.38 17.70 -17.14
N LEU C 146 8.47 18.39 -17.51
CA LEU C 146 9.32 17.97 -18.61
C LEU C 146 10.53 17.20 -18.08
N VAL C 147 10.65 15.94 -18.50
CA VAL C 147 11.74 15.08 -18.05
C VAL C 147 12.81 14.91 -19.13
N LEU C 148 14.07 15.06 -18.73
CA LEU C 148 15.19 14.88 -19.66
C LEU C 148 15.76 13.49 -19.38
N ALA C 149 15.76 12.64 -20.39
CA ALA C 149 16.26 11.28 -20.24
C ALA C 149 17.54 11.12 -21.05
N ILE C 150 18.53 10.45 -20.45
CA ILE C 150 19.80 10.23 -21.09
C ILE C 150 20.28 8.79 -20.87
N SER C 151 20.41 8.03 -21.96
CA SER C 151 20.85 6.64 -21.89
C SER C 151 22.33 6.50 -22.18
N PRO C 152 22.94 5.35 -21.80
CA PRO C 152 24.36 5.10 -22.02
C PRO C 152 24.59 4.33 -23.31
N PHE C 153 25.85 4.19 -23.73
CA PHE C 153 26.16 3.48 -24.96
C PHE C 153 25.92 1.98 -24.95
N ASN C 154 26.01 1.34 -23.79
CA ASN C 154 25.81 -0.10 -23.75
C ASN C 154 24.35 -0.56 -23.79
N TYR C 155 23.43 0.37 -23.51
CA TYR C 155 21.98 0.12 -23.55
C TYR C 155 21.29 1.44 -23.92
N PRO C 156 21.52 1.92 -25.15
CA PRO C 156 20.96 3.17 -25.66
C PRO C 156 19.45 3.16 -25.86
N VAL C 157 18.92 1.98 -26.16
CA VAL C 157 17.50 1.80 -26.38
C VAL C 157 16.83 1.38 -25.08
N ASN C 158 17.21 0.22 -24.56
CA ASN C 158 16.67 -0.31 -23.31
C ASN C 158 16.68 0.73 -22.21
N LEU C 159 17.84 1.30 -21.93
CA LEU C 159 17.94 2.27 -20.85
C LEU C 159 17.46 3.68 -21.19
N ALA C 160 16.69 3.79 -22.26
CA ALA C 160 16.07 5.03 -22.68
C ALA C 160 14.60 4.72 -22.37
N GLY C 161 14.12 3.61 -22.94
CA GLY C 161 12.76 3.17 -22.71
C GLY C 161 12.44 2.98 -21.22
N SER C 162 13.45 2.63 -20.44
CA SER C 162 13.28 2.45 -19.00
C SER C 162 12.99 3.78 -18.31
N LYS C 163 13.17 4.87 -19.04
CA LYS C 163 12.93 6.20 -18.51
C LYS C 163 11.75 6.89 -19.16
N ILE C 164 11.61 6.69 -20.46
CA ILE C 164 10.54 7.31 -21.25
C ILE C 164 9.15 6.81 -20.88
N ALA C 165 8.96 5.49 -20.86
CA ALA C 165 7.64 4.93 -20.53
C ALA C 165 7.13 5.33 -19.14
N PRO C 166 7.92 5.11 -18.07
CA PRO C 166 7.43 5.50 -16.75
C PRO C 166 7.09 6.99 -16.67
N ALA C 167 7.83 7.80 -17.41
CA ALA C 167 7.61 9.25 -17.41
C ALA C 167 6.34 9.64 -18.14
N LEU C 168 6.15 9.10 -19.34
CA LEU C 168 4.98 9.43 -20.15
C LEU C 168 3.65 8.97 -19.58
N ILE C 169 3.59 7.75 -19.08
CA ILE C 169 2.35 7.23 -18.52
C ILE C 169 1.77 8.13 -17.45
N ALA C 170 2.64 8.77 -16.67
CA ALA C 170 2.21 9.65 -15.58
C ALA C 170 1.82 11.06 -16.01
N GLY C 171 1.97 11.39 -17.29
CA GLY C 171 1.61 12.70 -17.76
C GLY C 171 2.77 13.63 -18.08
N ASN C 172 4.00 13.22 -17.76
CA ASN C 172 5.17 14.05 -18.04
C ASN C 172 5.45 14.04 -19.55
N VAL C 173 6.23 14.99 -20.03
CA VAL C 173 6.59 15.02 -21.43
C VAL C 173 8.07 14.66 -21.44
N ILE C 174 8.59 14.25 -22.60
CA ILE C 174 9.98 13.81 -22.67
C ILE C 174 10.91 14.50 -23.68
N ALA C 175 12.17 14.60 -23.28
CA ALA C 175 13.26 15.16 -24.08
C ALA C 175 14.31 14.07 -23.93
N PHE C 176 14.53 13.30 -24.99
CA PHE C 176 15.47 12.18 -24.96
C PHE C 176 16.76 12.42 -25.69
N LYS C 177 17.87 12.19 -25.00
CA LYS C 177 19.19 12.37 -25.59
C LYS C 177 20.00 11.08 -25.46
N PRO C 178 20.16 10.35 -26.57
CA PRO C 178 20.94 9.12 -26.51
C PRO C 178 22.44 9.41 -26.49
N PRO C 179 23.29 8.38 -26.39
CA PRO C 179 24.71 8.69 -26.38
C PRO C 179 25.09 8.89 -27.85
N THR C 180 26.12 9.68 -28.14
CA THR C 180 26.47 9.87 -29.54
C THR C 180 26.76 8.52 -30.21
N GLN C 181 27.58 7.70 -29.57
CA GLN C 181 27.85 6.38 -30.11
C GLN C 181 26.66 5.55 -29.62
N GLY C 182 25.63 5.52 -30.47
CA GLY C 182 24.42 4.81 -30.14
C GLY C 182 23.24 5.72 -30.39
N SER C 183 23.49 6.88 -31.00
CA SER C 183 22.43 7.84 -31.28
C SER C 183 21.56 7.44 -32.47
N ILE C 184 22.12 6.68 -33.39
CA ILE C 184 21.36 6.23 -34.55
C ILE C 184 20.25 5.30 -34.05
N SER C 185 20.61 4.41 -33.13
CA SER C 185 19.67 3.45 -32.55
C SER C 185 18.64 4.18 -31.71
N GLY C 186 19.08 5.23 -31.03
CA GLY C 186 18.17 6.01 -30.22
C GLY C 186 17.10 6.66 -31.11
N LEU C 187 17.48 7.03 -32.32
CA LEU C 187 16.54 7.65 -33.24
C LEU C 187 15.64 6.59 -33.92
N LEU C 188 16.09 5.33 -33.91
CA LEU C 188 15.28 4.27 -34.49
C LEU C 188 14.15 4.01 -33.49
N LEU C 189 14.43 4.21 -32.20
CA LEU C 189 13.40 4.03 -31.16
C LEU C 189 12.41 5.20 -31.26
N ALA C 190 12.93 6.37 -31.63
CA ALA C 190 12.16 7.58 -31.80
C ALA C 190 11.13 7.36 -32.90
N GLU C 191 11.50 6.55 -33.89
CA GLU C 191 10.62 6.25 -35.01
C GLU C 191 9.35 5.54 -34.51
N ALA C 192 9.52 4.66 -33.54
CA ALA C 192 8.40 3.92 -32.97
C ALA C 192 7.42 4.87 -32.28
N PHE C 193 7.94 5.86 -31.55
CA PHE C 193 7.07 6.82 -30.89
C PHE C 193 6.37 7.67 -31.93
N ALA C 194 7.06 7.92 -33.05
CA ALA C 194 6.48 8.70 -34.14
C ALA C 194 5.33 7.91 -34.78
N GLU C 195 5.56 6.63 -35.09
CA GLU C 195 4.53 5.81 -35.70
C GLU C 195 3.34 5.59 -34.75
N ALA C 196 3.61 5.42 -33.46
CA ALA C 196 2.53 5.21 -32.51
C ALA C 196 1.60 6.42 -32.52
N GLY C 197 2.14 7.55 -33.00
CA GLY C 197 1.35 8.77 -33.09
C GLY C 197 1.06 9.58 -31.84
N LEU C 198 2.03 9.72 -30.94
CA LEU C 198 1.78 10.50 -29.74
C LEU C 198 1.73 11.95 -30.21
N PRO C 199 0.96 12.80 -29.50
CA PRO C 199 0.84 14.21 -29.89
C PRO C 199 2.17 14.94 -30.02
N ALA C 200 2.25 15.84 -30.99
CA ALA C 200 3.46 16.61 -31.23
C ALA C 200 3.94 17.30 -29.95
N GLY C 201 5.23 17.15 -29.67
CA GLY C 201 5.81 17.78 -28.49
C GLY C 201 5.90 16.89 -27.26
N VAL C 202 5.08 15.85 -27.20
CA VAL C 202 5.10 14.95 -26.06
C VAL C 202 6.44 14.18 -25.95
N PHE C 203 6.97 13.75 -27.08
CA PHE C 203 8.24 13.05 -27.11
C PHE C 203 9.15 13.65 -28.18
N ASN C 204 10.36 14.00 -27.78
CA ASN C 204 11.32 14.61 -28.71
C ASN C 204 12.69 14.08 -28.39
N THR C 205 13.60 14.18 -29.35
CA THR C 205 14.96 13.73 -29.15
C THR C 205 15.96 14.87 -29.32
N ILE C 206 17.15 14.70 -28.72
CA ILE C 206 18.22 15.68 -28.83
C ILE C 206 19.47 14.91 -29.21
N THR C 207 20.31 15.47 -30.08
CA THR C 207 21.56 14.82 -30.46
C THR C 207 22.66 15.86 -30.58
N GLY C 208 23.86 15.45 -30.19
CA GLY C 208 25.03 16.31 -30.19
C GLY C 208 25.94 15.73 -29.13
N ARG C 209 27.21 16.10 -29.12
CA ARG C 209 28.12 15.53 -28.15
C ARG C 209 27.88 16.07 -26.74
N GLY C 210 27.57 15.15 -25.82
CA GLY C 210 27.33 15.52 -24.43
C GLY C 210 28.46 16.36 -23.90
N SER C 211 29.66 16.10 -24.39
CA SER C 211 30.84 16.85 -23.97
C SER C 211 30.79 18.27 -24.51
N GLU C 212 29.80 18.57 -25.34
CA GLU C 212 29.67 19.90 -25.91
C GLU C 212 28.34 20.60 -25.62
N ILE C 213 27.22 19.89 -25.69
CA ILE C 213 25.92 20.52 -25.39
C ILE C 213 25.28 19.91 -24.15
N GLY C 214 25.94 18.93 -23.56
CA GLY C 214 25.43 18.27 -22.37
C GLY C 214 25.12 19.17 -21.19
N ASP C 215 26.07 20.01 -20.80
CA ASP C 215 25.85 20.92 -19.68
C ASP C 215 24.66 21.83 -19.98
N TYR C 216 24.56 22.24 -21.24
CA TYR C 216 23.48 23.12 -21.67
C TYR C 216 22.09 22.50 -21.50
N ILE C 217 21.91 21.28 -22.00
CA ILE C 217 20.62 20.61 -21.91
C ILE C 217 20.20 20.29 -20.48
N VAL C 218 21.17 20.08 -19.60
CA VAL C 218 20.89 19.77 -18.20
C VAL C 218 20.63 21.00 -17.38
N GLU C 219 21.40 22.05 -17.61
CA GLU C 219 21.24 23.31 -16.87
C GLU C 219 20.02 24.11 -17.30
N HIS C 220 19.46 23.78 -18.47
CA HIS C 220 18.30 24.48 -18.98
C HIS C 220 17.15 24.47 -17.97
N GLN C 221 16.70 25.66 -17.58
CA GLN C 221 15.64 25.79 -16.60
C GLN C 221 14.28 25.25 -16.99
N ALA C 222 14.10 24.91 -18.27
CA ALA C 222 12.84 24.36 -18.74
C ALA C 222 12.73 22.91 -18.31
N VAL C 223 13.86 22.33 -17.93
CA VAL C 223 13.92 20.92 -17.50
C VAL C 223 13.53 20.80 -16.03
N ASN C 224 12.52 19.97 -15.77
CA ASN C 224 12.03 19.77 -14.42
C ASN C 224 12.59 18.55 -13.71
N PHE C 225 13.17 17.62 -14.46
CA PHE C 225 13.69 16.39 -13.87
C PHE C 225 14.74 15.77 -14.79
N ILE C 226 15.82 15.27 -14.20
CA ILE C 226 16.88 14.64 -14.98
C ILE C 226 17.09 13.17 -14.58
N ASN C 227 16.83 12.29 -15.52
CA ASN C 227 17.00 10.85 -15.34
C ASN C 227 18.22 10.50 -16.20
N PHE C 228 19.31 10.08 -15.55
CA PHE C 228 20.54 9.80 -16.27
C PHE C 228 21.17 8.46 -15.95
N THR C 229 21.77 7.84 -16.95
CA THR C 229 22.47 6.57 -16.82
C THR C 229 23.81 6.75 -17.52
N GLY C 230 24.90 6.57 -16.78
CA GLY C 230 26.22 6.73 -17.37
C GLY C 230 27.30 6.70 -16.32
N SER C 231 28.41 7.40 -16.58
CA SER C 231 29.54 7.43 -15.67
C SER C 231 29.32 8.27 -14.42
N THR C 232 30.04 7.90 -13.36
CA THR C 232 29.96 8.59 -12.07
C THR C 232 30.37 10.05 -12.23
N GLY C 233 31.45 10.28 -12.97
CA GLY C 233 31.95 11.64 -13.19
C GLY C 233 30.90 12.59 -13.73
N ILE C 234 30.13 12.13 -14.71
CA ILE C 234 29.09 12.94 -15.31
C ILE C 234 27.90 13.02 -14.38
N GLY C 235 27.66 11.95 -13.64
CA GLY C 235 26.55 11.97 -12.70
C GLY C 235 26.82 13.02 -11.65
N GLU C 236 28.06 13.08 -11.17
CA GLU C 236 28.42 14.08 -10.16
C GLU C 236 28.09 15.46 -10.71
N ARG C 237 28.48 15.65 -11.96
CA ARG C 237 28.26 16.89 -12.68
C ARG C 237 26.79 17.26 -12.65
N ILE C 238 25.98 16.38 -13.22
CA ILE C 238 24.54 16.57 -13.28
C ILE C 238 23.96 16.83 -11.89
N GLY C 239 24.40 16.07 -10.90
CA GLY C 239 23.89 16.27 -9.55
C GLY C 239 23.97 17.73 -9.14
N LYS C 240 25.07 18.38 -9.50
CA LYS C 240 25.29 19.79 -9.19
C LYS C 240 24.52 20.71 -10.13
N MET C 241 24.55 20.41 -11.43
CA MET C 241 23.85 21.23 -12.42
C MET C 241 22.33 21.15 -12.24
N ALA C 242 21.87 20.17 -11.44
CA ALA C 242 20.45 20.00 -11.19
C ALA C 242 19.91 21.00 -10.15
N GLY C 243 20.79 21.53 -9.31
CA GLY C 243 20.37 22.47 -8.29
C GLY C 243 19.49 21.79 -7.26
N MET C 244 18.27 22.28 -7.07
CA MET C 244 17.37 21.64 -6.11
C MET C 244 16.33 20.82 -6.90
N ARG C 245 16.57 20.71 -8.21
CA ARG C 245 15.71 19.96 -9.10
C ARG C 245 15.90 18.47 -8.88
N PRO C 246 14.83 17.69 -9.04
CA PRO C 246 14.90 16.23 -8.86
C PRO C 246 15.66 15.51 -9.96
N ILE C 247 16.37 14.46 -9.59
CA ILE C 247 17.17 13.68 -10.53
C ILE C 247 17.22 12.22 -10.13
N MET C 248 17.61 11.38 -11.08
CA MET C 248 17.75 9.95 -10.84
C MET C 248 19.01 9.56 -11.60
N LEU C 249 20.01 9.11 -10.87
CA LEU C 249 21.28 8.75 -11.48
C LEU C 249 21.58 7.27 -11.29
N GLU C 250 22.00 6.64 -12.39
CA GLU C 250 22.39 5.25 -12.41
C GLU C 250 23.84 5.34 -12.89
N LEU C 251 24.77 5.20 -11.95
CA LEU C 251 26.18 5.34 -12.28
C LEU C 251 27.02 4.08 -12.28
N GLY C 252 28.32 4.23 -12.05
CA GLY C 252 29.19 3.08 -12.07
C GLY C 252 28.97 2.01 -11.03
N GLY C 253 29.57 0.85 -11.28
CA GLY C 253 29.50 -0.27 -10.38
C GLY C 253 30.78 -1.08 -10.44
N LYS C 254 31.06 -1.82 -9.37
CA LYS C 254 32.24 -2.67 -9.26
C LYS C 254 31.76 -3.85 -8.40
N ASP C 255 30.69 -4.49 -8.88
CA ASP C 255 30.07 -5.60 -8.16
C ASP C 255 31.04 -6.69 -7.74
N SER C 256 30.93 -7.09 -6.48
CA SER C 256 31.79 -8.13 -5.96
C SER C 256 31.00 -9.39 -5.75
N ALA C 257 31.69 -10.52 -5.91
CA ALA C 257 31.08 -11.83 -5.71
C ALA C 257 31.79 -12.44 -4.51
N ILE C 258 31.12 -12.47 -3.37
CA ILE C 258 31.69 -13.05 -2.16
C ILE C 258 31.39 -14.54 -2.18
N VAL C 259 32.45 -15.34 -2.18
CA VAL C 259 32.34 -16.80 -2.23
C VAL C 259 32.81 -17.43 -0.93
N LEU C 260 31.86 -17.90 -0.13
CA LEU C 260 32.16 -18.53 1.15
C LEU C 260 32.61 -19.98 0.92
N GLU C 261 33.09 -20.62 1.96
CA GLU C 261 33.59 -21.98 1.86
C GLU C 261 32.57 -23.09 1.62
N ASP C 262 31.28 -22.82 1.77
CA ASP C 262 30.26 -23.85 1.56
C ASP C 262 29.50 -23.63 0.26
N ALA C 263 30.09 -22.87 -0.65
CA ALA C 263 29.45 -22.59 -1.93
C ALA C 263 29.57 -23.75 -2.90
N ASP C 264 28.64 -23.80 -3.86
CA ASP C 264 28.66 -24.83 -4.89
C ASP C 264 29.57 -24.16 -5.90
N LEU C 265 30.84 -24.54 -5.88
CA LEU C 265 31.85 -23.93 -6.75
C LEU C 265 31.58 -23.98 -8.25
N GLU C 266 30.96 -25.04 -8.75
CA GLU C 266 30.69 -25.13 -10.17
C GLU C 266 29.60 -24.15 -10.56
N LEU C 267 28.56 -24.08 -9.74
CA LEU C 267 27.46 -23.15 -9.99
C LEU C 267 27.98 -21.73 -9.82
N THR C 268 28.91 -21.55 -8.89
CA THR C 268 29.48 -20.24 -8.63
C THR C 268 30.34 -19.81 -9.79
N ALA C 269 31.15 -20.75 -10.31
CA ALA C 269 32.06 -20.47 -11.43
C ALA C 269 31.30 -20.06 -12.69
N LYS C 270 30.18 -20.70 -12.96
CA LYS C 270 29.39 -20.38 -14.14
C LYS C 270 28.72 -19.01 -14.04
N ASN C 271 28.27 -18.65 -12.85
CA ASN C 271 27.61 -17.36 -12.66
C ASN C 271 28.59 -16.23 -12.80
N ILE C 272 29.74 -16.37 -12.15
CA ILE C 272 30.77 -15.34 -12.23
C ILE C 272 31.20 -15.14 -13.68
N ILE C 273 31.36 -16.22 -14.42
CA ILE C 273 31.77 -16.11 -15.82
C ILE C 273 30.68 -15.36 -16.59
N ALA C 274 29.43 -15.74 -16.37
CA ALA C 274 28.33 -15.13 -17.07
C ALA C 274 28.26 -13.64 -16.81
N GLY C 275 28.23 -13.25 -15.54
CA GLY C 275 28.15 -11.85 -15.18
C GLY C 275 29.40 -11.03 -15.42
N ALA C 276 30.56 -11.66 -15.32
CA ALA C 276 31.80 -10.94 -15.52
C ALA C 276 32.13 -10.61 -16.97
N PHE C 277 31.94 -11.57 -17.86
CA PHE C 277 32.29 -11.39 -19.27
C PHE C 277 31.17 -11.00 -20.23
N GLY C 278 29.97 -10.76 -19.69
CA GLY C 278 28.88 -10.38 -20.54
C GLY C 278 29.16 -9.07 -21.25
N TYR C 279 28.93 -9.05 -22.57
CA TYR C 279 29.17 -7.86 -23.37
C TYR C 279 30.60 -7.35 -23.13
N SER C 280 31.55 -8.28 -23.10
CA SER C 280 32.95 -7.93 -22.88
C SER C 280 33.18 -7.17 -21.59
N GLY C 281 32.36 -7.44 -20.58
CA GLY C 281 32.49 -6.75 -19.30
C GLY C 281 31.98 -5.30 -19.36
N GLN C 282 31.32 -4.94 -20.46
CA GLN C 282 30.78 -3.60 -20.63
C GLN C 282 29.36 -3.51 -20.09
N ARG C 283 29.20 -3.94 -18.85
CA ARG C 283 27.91 -3.91 -18.15
C ARG C 283 28.12 -3.34 -16.74
N CYS C 284 27.22 -2.48 -16.29
CA CYS C 284 27.31 -1.88 -14.97
C CYS C 284 27.09 -2.90 -13.87
N THR C 285 26.05 -3.72 -14.05
CA THR C 285 25.75 -4.76 -13.09
C THR C 285 26.49 -5.95 -13.63
N ALA C 286 27.66 -6.20 -13.08
CA ALA C 286 28.48 -7.31 -13.53
C ALA C 286 29.48 -7.62 -12.44
N VAL C 287 29.74 -8.90 -12.19
CA VAL C 287 30.71 -9.29 -11.19
C VAL C 287 32.01 -8.73 -11.70
N LYS C 288 32.57 -7.76 -10.98
CA LYS C 288 33.82 -7.12 -11.42
C LYS C 288 34.98 -7.41 -10.48
N ARG C 289 34.73 -8.25 -9.48
CA ARG C 289 35.75 -8.64 -8.52
C ARG C 289 35.24 -9.76 -7.63
N VAL C 290 36.03 -10.82 -7.53
CA VAL C 290 35.68 -11.97 -6.71
C VAL C 290 36.46 -11.96 -5.40
N LEU C 291 35.77 -11.98 -4.27
CA LEU C 291 36.39 -12.01 -2.94
C LEU C 291 36.09 -13.40 -2.40
N VAL C 292 37.00 -14.34 -2.63
CA VAL C 292 36.82 -15.72 -2.23
C VAL C 292 37.70 -16.22 -1.08
N MET C 293 37.14 -17.12 -0.28
CA MET C 293 37.85 -17.71 0.87
C MET C 293 39.02 -18.56 0.38
N GLU C 294 40.21 -18.25 0.86
CA GLU C 294 41.40 -18.96 0.44
C GLU C 294 41.23 -20.47 0.29
N SER C 295 40.62 -21.11 1.27
CA SER C 295 40.47 -22.56 1.22
C SER C 295 39.73 -23.13 0.01
N VAL C 296 38.94 -22.32 -0.67
CA VAL C 296 38.21 -22.80 -1.85
C VAL C 296 38.66 -22.09 -3.13
N ALA C 297 39.52 -21.08 -2.96
CA ALA C 297 40.04 -20.28 -4.08
C ALA C 297 40.72 -21.03 -5.23
N ASP C 298 41.66 -21.92 -4.94
CA ASP C 298 42.34 -22.64 -6.00
C ASP C 298 41.37 -23.38 -6.89
N GLU C 299 40.41 -24.07 -6.27
CA GLU C 299 39.42 -24.83 -7.01
C GLU C 299 38.50 -23.95 -7.85
N LEU C 300 38.03 -22.86 -7.26
CA LEU C 300 37.14 -21.97 -7.98
C LEU C 300 37.84 -21.33 -9.16
N VAL C 301 39.08 -20.91 -8.93
CA VAL C 301 39.88 -20.24 -9.97
C VAL C 301 40.18 -21.13 -11.19
N GLU C 302 40.47 -22.40 -10.95
CA GLU C 302 40.74 -23.32 -12.03
C GLU C 302 39.50 -23.51 -12.90
N LYS C 303 38.33 -23.62 -12.27
CA LYS C 303 37.08 -23.78 -13.00
C LYS C 303 36.87 -22.53 -13.87
N ILE C 304 36.96 -21.37 -13.24
CA ILE C 304 36.81 -20.09 -13.92
C ILE C 304 37.82 -20.00 -15.05
N ARG C 305 39.03 -20.47 -14.80
CA ARG C 305 40.09 -20.45 -15.81
C ARG C 305 39.69 -21.25 -17.05
N GLU C 306 39.21 -22.48 -16.84
CA GLU C 306 38.79 -23.31 -17.96
C GLU C 306 37.65 -22.68 -18.74
N LYS C 307 36.66 -22.14 -18.03
CA LYS C 307 35.49 -21.52 -18.64
C LYS C 307 35.84 -20.28 -19.47
N VAL C 308 36.77 -19.48 -18.98
CA VAL C 308 37.20 -18.29 -19.71
C VAL C 308 37.72 -18.69 -21.07
N LEU C 309 38.42 -19.82 -21.13
CA LEU C 309 38.98 -20.31 -22.38
C LEU C 309 37.92 -20.81 -23.35
N ALA C 310 36.70 -21.02 -22.85
CA ALA C 310 35.63 -21.53 -23.71
C ALA C 310 34.85 -20.40 -24.35
N LEU C 311 35.04 -19.19 -23.84
CA LEU C 311 34.34 -18.04 -24.38
C LEU C 311 34.75 -17.82 -25.82
N THR C 312 33.81 -17.34 -26.63
CA THR C 312 34.12 -17.07 -28.02
C THR C 312 34.58 -15.61 -28.10
N ILE C 313 35.39 -15.33 -29.11
CA ILE C 313 35.95 -14.01 -29.34
C ILE C 313 35.79 -13.69 -30.82
N GLY C 314 35.24 -12.52 -31.12
CA GLY C 314 35.07 -12.17 -32.53
C GLY C 314 34.15 -11.00 -32.80
N ASN C 315 33.50 -11.03 -33.96
CA ASN C 315 32.63 -9.96 -34.38
C ASN C 315 31.18 -10.07 -33.91
N PRO C 316 30.54 -8.92 -33.71
CA PRO C 316 29.14 -8.90 -33.26
C PRO C 316 28.23 -9.74 -34.14
N GLU C 317 28.45 -9.69 -35.45
CA GLU C 317 27.60 -10.43 -36.36
C GLU C 317 27.71 -11.94 -36.17
N ASP C 318 28.80 -12.38 -35.55
CA ASP C 318 28.99 -13.81 -35.34
C ASP C 318 28.51 -14.20 -33.94
N ASP C 319 27.92 -13.24 -33.23
CA ASP C 319 27.41 -13.45 -31.88
C ASP C 319 28.49 -13.94 -30.90
N ALA C 320 29.72 -13.46 -31.08
CA ALA C 320 30.82 -13.85 -30.22
C ALA C 320 30.60 -13.36 -28.79
N ASP C 321 31.12 -14.09 -27.81
CA ASP C 321 30.96 -13.72 -26.40
C ASP C 321 31.72 -12.42 -26.18
N ILE C 322 32.97 -12.39 -26.64
CA ILE C 322 33.81 -11.22 -26.50
C ILE C 322 33.97 -10.51 -27.85
N THR C 323 33.46 -9.28 -27.91
CA THR C 323 33.53 -8.46 -29.11
C THR C 323 34.41 -7.24 -28.85
N PRO C 324 34.74 -6.46 -29.89
CA PRO C 324 35.58 -5.27 -29.70
C PRO C 324 34.96 -4.19 -28.79
N LEU C 325 35.77 -3.62 -27.91
CA LEU C 325 35.28 -2.59 -26.99
C LEU C 325 34.74 -1.40 -27.78
N ILE C 326 33.88 -0.61 -27.14
CA ILE C 326 33.24 0.53 -27.80
C ILE C 326 34.17 1.51 -28.52
N ASP C 327 35.39 1.71 -28.02
CA ASP C 327 36.32 2.60 -28.68
C ASP C 327 37.74 2.44 -28.20
N THR C 328 38.68 3.06 -28.93
CA THR C 328 40.11 2.97 -28.66
C THR C 328 40.53 3.42 -27.27
N LYS C 329 39.97 4.53 -26.81
CA LYS C 329 40.31 5.05 -25.50
C LYS C 329 39.98 4.06 -24.40
N SER C 330 38.87 3.33 -24.60
CA SER C 330 38.42 2.33 -23.64
C SER C 330 39.38 1.17 -23.59
N ALA C 331 39.75 0.64 -24.77
CA ALA C 331 40.68 -0.47 -24.85
C ALA C 331 42.02 -0.11 -24.23
N ASP C 332 42.47 1.12 -24.48
CA ASP C 332 43.73 1.59 -23.93
C ASP C 332 43.65 1.64 -22.40
N TYR C 333 42.54 2.15 -21.88
CA TYR C 333 42.34 2.28 -20.45
C TYR C 333 42.37 0.90 -19.76
N VAL C 334 41.73 -0.07 -20.39
CA VAL C 334 41.68 -1.41 -19.85
C VAL C 334 43.09 -2.01 -19.84
N GLU C 335 43.80 -1.83 -20.95
CA GLU C 335 45.16 -2.32 -21.06
C GLU C 335 46.04 -1.80 -19.92
N GLY C 336 45.88 -0.53 -19.59
CA GLY C 336 46.67 0.01 -18.50
C GLY C 336 46.35 -0.70 -17.19
N LEU C 337 45.09 -1.09 -17.01
CA LEU C 337 44.66 -1.77 -15.79
C LEU C 337 45.32 -3.14 -15.77
N ILE C 338 45.29 -3.81 -16.91
CA ILE C 338 45.90 -5.12 -17.10
C ILE C 338 47.40 -5.05 -16.79
N ASN C 339 48.04 -3.99 -17.30
CA ASN C 339 49.48 -3.74 -17.09
C ASN C 339 49.85 -3.49 -15.64
N ASP C 340 49.11 -2.60 -14.98
CA ASP C 340 49.35 -2.28 -13.57
C ASP C 340 49.30 -3.58 -12.76
N ALA C 341 48.27 -4.39 -13.02
CA ALA C 341 48.10 -5.65 -12.31
C ALA C 341 49.30 -6.56 -12.56
N ASN C 342 49.56 -6.82 -13.83
CA ASN C 342 50.67 -7.66 -14.21
C ASN C 342 52.01 -7.18 -13.62
N ASP C 343 52.42 -5.96 -13.95
CA ASP C 343 53.66 -5.43 -13.41
C ASP C 343 53.69 -5.48 -11.90
N LYS C 344 52.53 -5.47 -11.25
CA LYS C 344 52.51 -5.49 -9.80
C LYS C 344 52.56 -6.88 -9.19
N GLY C 345 52.53 -7.91 -10.04
CA GLY C 345 52.61 -9.27 -9.54
C GLY C 345 51.38 -10.16 -9.61
N ALA C 346 50.25 -9.64 -10.10
CA ALA C 346 49.05 -10.49 -10.20
C ALA C 346 49.43 -11.63 -11.13
N THR C 347 48.70 -12.74 -11.04
CA THR C 347 48.95 -13.91 -11.86
C THR C 347 47.94 -14.00 -13.00
N ALA C 348 48.37 -13.66 -14.20
CA ALA C 348 47.49 -13.74 -15.37
C ALA C 348 47.34 -15.21 -15.72
N LEU C 349 46.12 -15.73 -15.61
CA LEU C 349 45.90 -17.14 -15.91
C LEU C 349 45.40 -17.28 -17.33
N THR C 350 45.33 -16.17 -18.04
CA THR C 350 44.89 -16.16 -19.42
C THR C 350 45.82 -15.22 -20.17
N GLU C 351 46.04 -15.52 -21.45
CA GLU C 351 46.92 -14.71 -22.27
C GLU C 351 46.45 -13.28 -22.46
N ILE C 352 47.40 -12.35 -22.35
CA ILE C 352 47.12 -10.94 -22.57
C ILE C 352 47.26 -10.70 -24.08
N LYS C 353 46.17 -10.41 -24.75
CA LYS C 353 46.23 -10.19 -26.16
C LYS C 353 45.20 -9.17 -26.60
N ARG C 354 45.61 -8.27 -27.48
CA ARG C 354 44.74 -7.23 -28.00
C ARG C 354 44.99 -7.07 -29.49
N GLU C 355 43.91 -6.98 -30.25
CA GLU C 355 43.99 -6.79 -31.69
C GLU C 355 43.00 -5.70 -31.97
N GLY C 356 43.48 -4.58 -32.49
CA GLY C 356 42.59 -3.46 -32.73
C GLY C 356 42.10 -3.05 -31.35
N ASN C 357 40.79 -3.10 -31.13
CA ASN C 357 40.23 -2.73 -29.83
C ASN C 357 39.58 -3.95 -29.21
N LEU C 358 39.91 -5.12 -29.74
CA LEU C 358 39.37 -6.37 -29.21
C LEU C 358 40.38 -6.93 -28.22
N ILE C 359 39.96 -7.04 -26.97
CA ILE C 359 40.82 -7.55 -25.93
C ILE C 359 40.32 -8.90 -25.49
N CYS C 360 41.15 -9.92 -25.63
CA CYS C 360 40.77 -11.26 -25.24
C CYS C 360 40.48 -11.26 -23.75
N PRO C 361 39.60 -12.15 -23.29
CA PRO C 361 39.26 -12.19 -21.87
C PRO C 361 40.45 -12.65 -21.03
N ILE C 362 40.70 -11.99 -19.91
CA ILE C 362 41.81 -12.36 -19.05
C ILE C 362 41.42 -12.48 -17.57
N LEU C 363 41.86 -13.59 -16.96
CA LEU C 363 41.60 -13.87 -15.55
C LEU C 363 42.88 -13.58 -14.77
N PHE C 364 42.75 -12.80 -13.69
CA PHE C 364 43.88 -12.43 -12.87
C PHE C 364 43.68 -12.97 -11.48
N ASP C 365 44.61 -13.78 -11.00
CA ASP C 365 44.51 -14.35 -9.66
C ASP C 365 45.52 -13.58 -8.82
N LYS C 366 45.44 -13.71 -7.51
CA LYS C 366 46.36 -13.01 -6.62
C LYS C 366 46.33 -11.49 -6.75
N VAL C 367 45.16 -10.93 -7.01
CA VAL C 367 45.03 -9.48 -7.11
C VAL C 367 45.00 -8.97 -5.65
N THR C 368 45.61 -7.82 -5.41
CA THR C 368 45.65 -7.23 -4.08
C THR C 368 45.01 -5.85 -4.12
N THR C 369 44.66 -5.33 -2.94
CA THR C 369 44.02 -4.02 -2.83
C THR C 369 44.99 -2.92 -3.21
N ASP C 370 46.18 -3.31 -3.63
CA ASP C 370 47.20 -2.35 -4.00
C ASP C 370 47.18 -2.07 -5.51
N MET C 371 46.48 -2.93 -6.25
CA MET C 371 46.38 -2.81 -7.69
C MET C 371 45.14 -2.03 -8.11
N ARG C 372 45.25 -1.27 -9.19
CA ARG C 372 44.13 -0.47 -9.68
C ARG C 372 42.93 -1.34 -10.03
N LEU C 373 43.22 -2.48 -10.64
CA LEU C 373 42.20 -3.43 -11.08
C LEU C 373 41.27 -3.91 -9.96
N ALA C 374 41.70 -3.71 -8.72
CA ALA C 374 40.90 -4.13 -7.57
C ALA C 374 39.77 -3.17 -7.31
N TRP C 375 39.96 -1.91 -7.71
CA TRP C 375 38.98 -0.86 -7.46
C TRP C 375 38.30 -0.18 -8.67
N GLU C 376 39.08 0.14 -9.68
CA GLU C 376 38.55 0.82 -10.85
C GLU C 376 37.68 -0.03 -11.77
N GLU C 377 36.57 0.56 -12.22
CA GLU C 377 35.66 -0.12 -13.14
C GLU C 377 36.34 -0.11 -14.52
N PRO C 378 36.73 -1.29 -15.01
CA PRO C 378 37.40 -1.40 -16.31
C PRO C 378 36.55 -1.23 -17.55
N PHE C 379 35.41 -1.93 -17.57
CA PHE C 379 34.51 -1.95 -18.71
C PHE C 379 35.27 -2.61 -19.86
N GLY C 380 35.83 -3.78 -19.53
CA GLY C 380 36.59 -4.59 -20.46
C GLY C 380 36.57 -6.02 -19.91
N PRO C 381 36.96 -7.03 -20.71
CA PRO C 381 36.95 -8.43 -20.28
C PRO C 381 38.10 -8.85 -19.35
N VAL C 382 38.21 -8.19 -18.20
CA VAL C 382 39.26 -8.48 -17.24
C VAL C 382 38.67 -8.71 -15.86
N LEU C 383 38.94 -9.89 -15.29
CA LEU C 383 38.39 -10.22 -13.99
C LEU C 383 39.42 -10.53 -12.92
N PRO C 384 39.44 -9.72 -11.85
CA PRO C 384 40.40 -9.94 -10.76
C PRO C 384 39.85 -10.87 -9.67
N ILE C 385 40.70 -11.75 -9.15
CA ILE C 385 40.32 -12.68 -8.09
C ILE C 385 41.10 -12.21 -6.85
N ILE C 386 40.40 -11.91 -5.77
CA ILE C 386 41.01 -11.45 -4.53
C ILE C 386 40.67 -12.45 -3.44
N ARG C 387 41.67 -13.17 -2.94
CA ARG C 387 41.47 -14.17 -1.90
C ARG C 387 41.48 -13.55 -0.51
N VAL C 388 40.50 -13.90 0.30
CA VAL C 388 40.39 -13.38 1.66
C VAL C 388 40.43 -14.53 2.65
N THR C 389 40.64 -14.23 3.93
CA THR C 389 40.74 -15.26 4.94
C THR C 389 39.57 -15.29 5.89
N SER C 390 38.63 -14.37 5.69
CA SER C 390 37.43 -14.33 6.54
C SER C 390 36.30 -13.53 5.91
N VAL C 391 35.09 -13.89 6.27
CA VAL C 391 33.89 -13.25 5.78
C VAL C 391 33.91 -11.77 6.13
N GLU C 392 34.51 -11.44 7.27
CA GLU C 392 34.62 -10.07 7.74
C GLU C 392 35.55 -9.23 6.83
N GLU C 393 36.61 -9.87 6.32
CA GLU C 393 37.54 -9.19 5.44
C GLU C 393 36.87 -8.94 4.09
N ALA C 394 36.11 -9.95 3.62
CA ALA C 394 35.37 -9.88 2.36
C ALA C 394 34.44 -8.68 2.38
N ILE C 395 33.74 -8.50 3.51
CA ILE C 395 32.80 -7.40 3.69
C ILE C 395 33.57 -6.09 3.74
N GLU C 396 34.71 -6.10 4.42
CA GLU C 396 35.56 -4.90 4.56
C GLU C 396 36.03 -4.41 3.19
N ILE C 397 36.62 -5.33 2.41
CA ILE C 397 37.13 -5.01 1.09
C ILE C 397 36.01 -4.57 0.17
N SER C 398 34.85 -5.21 0.32
CA SER C 398 33.68 -4.89 -0.50
C SER C 398 33.25 -3.46 -0.25
N ASN C 399 32.86 -3.18 0.99
CA ASN C 399 32.40 -1.87 1.37
C ASN C 399 33.45 -0.80 1.18
N LYS C 400 34.70 -1.21 0.99
CA LYS C 400 35.78 -0.26 0.80
C LYS C 400 35.66 0.54 -0.50
N SER C 401 35.00 -0.07 -1.48
CA SER C 401 34.80 0.57 -2.76
C SER C 401 33.80 1.74 -2.62
N GLU C 402 33.93 2.74 -3.49
CA GLU C 402 33.04 3.89 -3.47
C GLU C 402 31.80 3.53 -4.29
N TYR C 403 31.84 2.32 -4.86
CA TYR C 403 30.76 1.76 -5.68
C TYR C 403 29.88 0.86 -4.83
N GLY C 404 28.59 0.84 -5.13
CA GLY C 404 27.67 0.01 -4.37
C GLY C 404 26.39 -0.29 -5.11
N LEU C 405 26.51 -0.88 -6.29
CA LEU C 405 25.34 -1.22 -7.10
C LEU C 405 24.72 -2.52 -6.55
N GLN C 406 25.37 -3.64 -6.82
CA GLN C 406 24.89 -4.94 -6.36
C GLN C 406 26.04 -5.80 -5.85
N ALA C 407 25.70 -7.02 -5.42
CA ALA C 407 26.68 -7.96 -4.92
C ALA C 407 26.05 -9.34 -4.94
N SER C 408 26.89 -10.37 -5.01
CA SER C 408 26.45 -11.75 -5.03
C SER C 408 27.12 -12.44 -3.86
N ILE C 409 26.40 -13.34 -3.21
CA ILE C 409 26.99 -14.09 -2.12
C ILE C 409 26.70 -15.55 -2.47
N PHE C 410 27.77 -16.32 -2.60
CA PHE C 410 27.63 -17.73 -2.93
C PHE C 410 27.89 -18.54 -1.67
N THR C 411 26.82 -19.12 -1.16
CA THR C 411 26.87 -19.90 0.07
C THR C 411 25.56 -20.66 0.20
N ASN C 412 25.51 -21.61 1.12
CA ASN C 412 24.30 -22.38 1.35
C ASN C 412 23.71 -22.05 2.71
N ASP C 413 24.33 -21.10 3.40
CA ASP C 413 23.86 -20.65 4.71
C ASP C 413 23.09 -19.33 4.51
N PHE C 414 21.77 -19.45 4.32
CA PHE C 414 20.89 -18.29 4.09
C PHE C 414 20.79 -17.28 5.23
N PRO C 415 20.55 -17.74 6.47
CA PRO C 415 20.45 -16.79 7.56
C PRO C 415 21.72 -15.94 7.67
N ARG C 416 22.86 -16.58 7.42
CA ARG C 416 24.15 -15.91 7.47
C ARG C 416 24.25 -15.00 6.25
N ALA C 417 23.85 -15.53 5.09
CA ALA C 417 23.86 -14.75 3.86
C ALA C 417 23.01 -13.48 4.02
N PHE C 418 21.91 -13.59 4.75
CA PHE C 418 21.05 -12.43 4.99
C PHE C 418 21.72 -11.44 5.95
N GLY C 419 22.51 -11.95 6.88
CA GLY C 419 23.20 -11.08 7.81
C GLY C 419 24.29 -10.29 7.09
N ILE C 420 24.97 -10.94 6.16
CA ILE C 420 26.03 -10.30 5.37
C ILE C 420 25.41 -9.23 4.46
N ALA C 421 24.33 -9.60 3.79
CA ALA C 421 23.62 -8.70 2.88
C ALA C 421 23.23 -7.39 3.55
N GLU C 422 22.94 -7.46 4.85
CA GLU C 422 22.56 -6.28 5.61
C GLU C 422 23.72 -5.30 5.74
N GLN C 423 24.93 -5.84 5.79
CA GLN C 423 26.15 -5.05 5.94
C GLN C 423 26.75 -4.57 4.62
N LEU C 424 26.40 -5.23 3.53
CA LEU C 424 26.93 -4.84 2.22
C LEU C 424 26.30 -3.54 1.77
N GLU C 425 27.13 -2.53 1.54
CA GLU C 425 26.65 -1.23 1.11
C GLU C 425 26.33 -1.21 -0.38
N VAL C 426 25.23 -1.86 -0.75
CA VAL C 426 24.78 -1.98 -2.13
C VAL C 426 23.27 -1.85 -2.26
N GLY C 427 22.78 -1.90 -3.49
CA GLY C 427 21.35 -1.81 -3.70
C GLY C 427 20.70 -3.17 -3.61
N THR C 428 21.25 -4.14 -4.35
CA THR C 428 20.70 -5.48 -4.35
C THR C 428 21.75 -6.54 -4.09
N VAL C 429 21.37 -7.58 -3.36
CA VAL C 429 22.27 -8.68 -3.07
C VAL C 429 21.64 -9.95 -3.60
N HIS C 430 22.32 -10.60 -4.54
CA HIS C 430 21.85 -11.83 -5.15
C HIS C 430 22.51 -13.03 -4.48
N ILE C 431 21.69 -13.96 -4.00
CA ILE C 431 22.20 -15.14 -3.33
C ILE C 431 22.28 -16.32 -4.30
N ASN C 432 23.51 -16.75 -4.58
CA ASN C 432 23.78 -17.86 -5.49
C ASN C 432 23.41 -17.57 -6.94
N ASN C 433 23.56 -16.31 -7.33
CA ASN C 433 23.27 -15.86 -8.67
C ASN C 433 24.18 -14.68 -8.92
N LYS C 434 24.47 -14.41 -10.19
CA LYS C 434 25.28 -13.26 -10.53
C LYS C 434 24.38 -12.07 -10.37
N THR C 435 24.96 -10.88 -10.31
CA THR C 435 24.19 -9.64 -10.17
C THR C 435 23.47 -9.31 -11.49
N GLN C 436 22.41 -8.51 -11.42
CA GLN C 436 21.66 -8.15 -12.61
C GLN C 436 20.57 -7.15 -12.26
N ARG C 437 20.11 -6.38 -13.25
CA ARG C 437 19.04 -5.41 -13.04
C ARG C 437 17.77 -6.27 -12.99
N GLY C 438 17.94 -7.47 -13.53
CA GLY C 438 16.95 -8.53 -13.62
C GLY C 438 15.60 -8.44 -12.98
N THR C 439 14.60 -8.53 -13.87
CA THR C 439 13.17 -8.44 -13.57
C THR C 439 12.96 -7.01 -13.13
N ASP C 440 12.49 -6.22 -14.09
CA ASP C 440 12.27 -4.80 -13.95
C ASP C 440 11.17 -4.35 -13.00
N ASN C 441 10.48 -5.30 -12.42
CA ASN C 441 9.45 -4.95 -11.46
C ASN C 441 10.16 -4.82 -10.11
N PHE C 442 11.36 -5.39 -10.03
CA PHE C 442 12.21 -5.36 -8.83
C PHE C 442 12.90 -4.00 -8.70
N PRO C 443 13.13 -3.53 -7.46
CA PRO C 443 13.81 -2.23 -7.32
C PRO C 443 15.23 -2.34 -7.84
N PHE C 444 15.74 -1.25 -8.39
CA PHE C 444 17.09 -1.20 -8.91
C PHE C 444 17.67 0.13 -8.46
N LEU C 445 18.68 0.04 -7.60
CA LEU C 445 19.32 1.23 -7.06
C LEU C 445 20.75 0.88 -6.69
N GLY C 446 21.55 1.92 -6.46
CA GLY C 446 22.93 1.73 -6.07
C GLY C 446 23.26 2.59 -4.85
N ALA C 447 24.22 2.15 -4.05
CA ALA C 447 24.63 2.90 -2.88
C ALA C 447 25.89 3.73 -3.19
N LYS C 448 26.26 4.62 -2.28
CA LYS C 448 27.45 5.45 -2.46
C LYS C 448 27.48 6.18 -3.80
N LYS C 449 28.58 6.04 -4.53
CA LYS C 449 28.69 6.72 -5.81
C LYS C 449 28.20 5.92 -7.00
N SER C 450 27.27 5.01 -6.75
CA SER C 450 26.72 4.19 -7.81
C SER C 450 25.39 4.76 -8.29
N GLY C 451 24.94 5.82 -7.63
CA GLY C 451 23.69 6.44 -8.05
C GLY C 451 22.86 7.23 -7.05
N ALA C 452 21.71 7.69 -7.53
CA ALA C 452 20.76 8.46 -6.75
C ALA C 452 19.37 8.04 -7.24
N GLY C 453 18.49 7.74 -6.30
CA GLY C 453 17.15 7.32 -6.66
C GLY C 453 17.01 5.81 -6.78
N ILE C 454 15.77 5.35 -6.74
CA ILE C 454 15.46 3.93 -6.84
C ILE C 454 14.65 3.68 -8.10
N GLN C 455 15.14 2.77 -8.94
CA GLN C 455 14.42 2.48 -10.17
C GLN C 455 13.67 1.17 -10.10
N GLY C 456 13.33 0.62 -11.26
CA GLY C 456 12.50 -0.57 -11.29
C GLY C 456 11.22 0.14 -11.72
N VAL C 457 10.38 -0.47 -12.54
CA VAL C 457 9.18 0.22 -13.03
C VAL C 457 8.39 1.05 -12.03
N LYS C 458 7.80 0.41 -11.02
CA LYS C 458 6.98 1.15 -10.05
C LYS C 458 7.68 2.31 -9.35
N TYR C 459 8.94 2.12 -9.00
CA TYR C 459 9.69 3.15 -8.31
C TYR C 459 10.02 4.32 -9.22
N SER C 460 10.26 4.02 -10.50
CA SER C 460 10.55 5.05 -11.51
C SER C 460 9.37 5.99 -11.60
N ILE C 461 8.18 5.38 -11.73
CA ILE C 461 6.95 6.13 -11.84
C ILE C 461 6.76 6.99 -10.59
N GLU C 462 6.88 6.40 -9.42
CA GLU C 462 6.72 7.17 -8.19
C GLU C 462 7.71 8.31 -8.13
N ALA C 463 8.94 8.08 -8.60
CA ALA C 463 10.00 9.07 -8.59
C ALA C 463 9.80 10.24 -9.55
N MET C 464 9.10 10.01 -10.66
CA MET C 464 8.88 11.07 -11.64
C MET C 464 7.48 11.66 -11.57
N THR C 465 6.87 11.57 -10.39
CA THR C 465 5.55 12.15 -10.16
C THR C 465 5.63 12.89 -8.85
N THR C 466 4.64 13.75 -8.62
CA THR C 466 4.62 14.49 -7.37
C THR C 466 3.24 14.27 -6.80
N VAL C 467 2.89 15.05 -5.79
CA VAL C 467 1.61 14.87 -5.15
C VAL C 467 0.88 16.19 -5.03
N LYS C 468 -0.45 16.12 -5.11
CA LYS C 468 -1.29 17.30 -4.97
C LYS C 468 -2.27 16.96 -3.86
N SER C 469 -2.15 17.66 -2.74
CA SER C 469 -3.02 17.42 -1.60
C SER C 469 -4.11 18.48 -1.53
N VAL C 470 -5.36 18.06 -1.45
CA VAL C 470 -6.51 18.96 -1.33
C VAL C 470 -7.20 18.64 -0.04
N VAL C 471 -7.18 19.60 0.88
CA VAL C 471 -7.77 19.43 2.20
C VAL C 471 -9.03 20.27 2.41
N PHE C 472 -10.08 19.63 2.90
CA PHE C 472 -11.34 20.31 3.21
C PHE C 472 -12.01 19.68 4.44
N ASP C 473 -13.01 20.36 4.99
CA ASP C 473 -13.71 19.87 6.17
C ASP C 473 -15.12 19.38 5.85
N ILE C 474 -15.50 18.28 6.49
CA ILE C 474 -16.83 17.72 6.29
C ILE C 474 -17.78 18.26 7.35
N LYS C 475 -18.94 18.71 6.90
CA LYS C 475 -19.97 19.24 7.79
C LYS C 475 -20.99 18.11 7.93
N THR D 2 28.43 35.53 31.32
CA THR D 2 27.22 35.29 30.48
C THR D 2 26.73 33.84 30.63
N LYS D 3 25.44 33.62 30.39
CA LYS D 3 24.90 32.26 30.48
C LYS D 3 25.31 31.58 29.18
N GLN D 4 26.32 30.72 29.28
CA GLN D 4 26.85 30.04 28.11
C GLN D 4 26.30 28.66 27.91
N TYR D 5 25.55 28.50 26.83
CA TYR D 5 24.99 27.21 26.50
C TYR D 5 26.04 26.41 25.79
N LYS D 6 25.90 25.08 25.81
CA LYS D 6 26.86 24.19 25.19
C LYS D 6 26.23 23.26 24.17
N ASN D 7 27.05 22.76 23.26
CA ASN D 7 26.56 21.85 22.24
C ASN D 7 26.61 20.44 22.80
N TYR D 8 25.68 19.60 22.37
CA TYR D 8 25.67 18.22 22.81
C TYR D 8 26.43 17.44 21.74
N VAL D 9 27.60 16.95 22.12
CA VAL D 9 28.43 16.23 21.19
C VAL D 9 28.88 14.92 21.81
N ASN D 10 28.60 13.83 21.10
CA ASN D 10 28.96 12.51 21.57
C ASN D 10 28.74 12.29 23.07
N GLY D 11 27.50 12.49 23.51
CA GLY D 11 27.18 12.27 24.91
C GLY D 11 27.70 13.32 25.88
N GLU D 12 28.35 14.36 25.38
CA GLU D 12 28.86 15.40 26.26
C GLU D 12 28.49 16.79 25.78
N TRP D 13 28.47 17.72 26.73
CA TRP D 13 28.15 19.12 26.45
C TRP D 13 29.45 19.86 26.26
N LYS D 14 29.56 20.61 25.17
CA LYS D 14 30.81 21.29 24.87
C LYS D 14 30.71 22.73 24.44
N LEU D 15 31.59 23.55 25.01
CA LEU D 15 31.66 24.96 24.70
C LEU D 15 32.73 25.03 23.63
N SER D 16 32.88 26.18 22.99
CA SER D 16 33.90 26.35 21.97
C SER D 16 34.76 27.54 22.41
N GLU D 17 35.90 27.76 21.76
CA GLU D 17 36.74 28.89 22.14
C GLU D 17 36.00 30.21 21.95
N ASN D 18 35.11 30.24 20.98
CA ASN D 18 34.34 31.45 20.72
C ASN D 18 32.88 31.19 20.96
N GLU D 19 32.13 32.26 21.19
CA GLU D 19 30.70 32.19 21.45
C GLU D 19 29.95 33.26 20.66
N ILE D 20 28.64 33.13 20.61
CA ILE D 20 27.80 34.09 19.92
C ILE D 20 26.74 34.48 20.94
N LYS D 21 26.60 35.77 21.18
CA LYS D 21 25.61 36.25 22.14
C LYS D 21 24.27 36.50 21.46
N ILE D 22 23.22 35.98 22.08
CA ILE D 22 21.87 36.09 21.57
C ILE D 22 21.10 37.14 22.37
N TYR D 23 20.30 37.94 21.69
CA TYR D 23 19.50 38.97 22.34
C TYR D 23 18.01 38.79 22.03
N GLU D 24 17.12 39.36 22.84
CA GLU D 24 15.70 39.21 22.59
C GLU D 24 15.31 40.24 21.55
N PRO D 25 14.74 39.79 20.42
CA PRO D 25 14.34 40.72 19.36
C PRO D 25 13.38 41.84 19.76
N ALA D 26 12.64 41.66 20.85
CA ALA D 26 11.71 42.69 21.29
C ALA D 26 12.30 43.73 22.26
N SER D 27 13.24 43.32 23.10
CA SER D 27 13.83 44.24 24.08
C SER D 27 15.32 44.52 23.89
N GLY D 28 16.03 43.62 23.22
CA GLY D 28 17.46 43.81 23.04
C GLY D 28 18.24 43.18 24.18
N ALA D 29 17.54 42.67 25.18
CA ALA D 29 18.18 42.05 26.32
C ALA D 29 18.99 40.83 25.93
N GLU D 30 20.16 40.66 26.54
CA GLU D 30 21.01 39.50 26.27
C GLU D 30 20.33 38.28 26.86
N LEU D 31 20.23 37.21 26.06
CA LEU D 31 19.59 35.97 26.50
C LEU D 31 20.61 34.93 26.99
N GLY D 32 21.81 35.00 26.43
CA GLY D 32 22.86 34.07 26.80
C GLY D 32 23.74 33.98 25.58
N SER D 33 24.57 32.96 25.49
CA SER D 33 25.43 32.81 24.32
C SER D 33 25.44 31.35 23.90
N VAL D 34 25.80 31.11 22.64
CA VAL D 34 25.89 29.76 22.10
C VAL D 34 27.26 29.62 21.45
N PRO D 35 27.84 28.41 21.44
CA PRO D 35 29.16 28.22 20.83
C PRO D 35 29.24 28.57 19.34
N ALA D 36 30.43 28.98 18.91
CA ALA D 36 30.68 29.29 17.52
C ALA D 36 31.71 28.22 17.18
N MET D 37 31.20 27.05 16.81
CA MET D 37 32.03 25.90 16.48
C MET D 37 33.06 26.09 15.38
N SER D 38 34.19 25.40 15.50
CA SER D 38 35.25 25.43 14.52
C SER D 38 35.02 24.23 13.60
N THR D 39 35.53 24.29 12.38
CA THR D 39 35.34 23.19 11.44
C THR D 39 35.87 21.89 12.03
N GLU D 40 36.85 22.00 12.92
CA GLU D 40 37.42 20.81 13.55
C GLU D 40 36.39 20.24 14.52
N GLU D 41 35.61 21.12 15.12
CA GLU D 41 34.60 20.66 16.06
C GLU D 41 33.45 20.03 15.29
N VAL D 42 33.21 20.51 14.07
CA VAL D 42 32.13 19.99 13.22
C VAL D 42 32.54 18.57 12.80
N ASP D 43 33.84 18.40 12.53
CA ASP D 43 34.40 17.11 12.13
C ASP D 43 34.21 16.06 13.21
N TYR D 44 34.34 16.49 14.46
CA TYR D 44 34.19 15.60 15.59
C TYR D 44 32.74 15.21 15.82
N VAL D 45 31.81 16.12 15.53
CA VAL D 45 30.41 15.80 15.68
C VAL D 45 30.06 14.71 14.67
N TYR D 46 30.50 14.90 13.43
CA TYR D 46 30.24 13.93 12.37
C TYR D 46 30.93 12.59 12.57
N ALA D 47 32.17 12.62 13.07
CA ALA D 47 32.92 11.39 13.31
C ALA D 47 32.26 10.60 14.42
N SER D 48 31.70 11.32 15.39
CA SER D 48 31.01 10.71 16.51
C SER D 48 29.75 9.98 16.05
N ALA D 49 28.97 10.65 15.21
CA ALA D 49 27.72 10.10 14.67
C ALA D 49 27.92 8.86 13.79
N LYS D 50 28.88 8.91 12.86
CA LYS D 50 29.13 7.77 11.96
C LYS D 50 29.60 6.56 12.77
N LYS D 51 30.23 6.84 13.90
CA LYS D 51 30.74 5.80 14.76
C LYS D 51 29.61 5.13 15.51
N ALA D 52 28.64 5.93 15.93
CA ALA D 52 27.50 5.43 16.69
C ALA D 52 26.36 4.84 15.86
N GLN D 53 26.31 5.17 14.58
CA GLN D 53 25.23 4.67 13.71
C GLN D 53 24.99 3.15 13.68
N PRO D 54 26.03 2.36 13.40
CA PRO D 54 25.86 0.90 13.34
C PRO D 54 25.12 0.30 14.54
N ALA D 55 25.51 0.68 15.74
CA ALA D 55 24.90 0.17 16.97
C ALA D 55 23.48 0.69 17.17
N TRP D 56 23.22 1.90 16.67
CA TRP D 56 21.90 2.50 16.79
C TRP D 56 21.01 1.73 15.82
N ARG D 57 21.52 1.53 14.61
CA ARG D 57 20.79 0.79 13.60
C ARG D 57 20.55 -0.65 14.06
N ALA D 58 21.41 -1.16 14.92
CA ALA D 58 21.30 -2.54 15.40
C ALA D 58 20.20 -2.72 16.44
N LEU D 59 19.72 -1.63 17.02
CA LEU D 59 18.65 -1.72 18.00
C LEU D 59 17.37 -2.13 17.28
N SER D 60 16.35 -2.50 18.05
CA SER D 60 15.07 -2.87 17.46
C SER D 60 14.30 -1.57 17.25
N TYR D 61 13.38 -1.59 16.30
CA TYR D 61 12.58 -0.42 16.02
C TYR D 61 11.89 0.08 17.28
N ILE D 62 11.31 -0.85 18.03
CA ILE D 62 10.59 -0.48 19.24
C ILE D 62 11.50 0.18 20.29
N GLU D 63 12.76 -0.24 20.35
CA GLU D 63 13.67 0.36 21.31
C GLU D 63 13.89 1.82 20.94
N ARG D 64 13.96 2.10 19.64
CA ARG D 64 14.20 3.46 19.16
C ARG D 64 12.97 4.34 19.35
N ALA D 65 11.80 3.74 19.27
CA ALA D 65 10.56 4.47 19.45
C ALA D 65 10.38 4.81 20.93
N ALA D 66 10.90 3.93 21.79
CA ALA D 66 10.77 4.15 23.23
C ALA D 66 11.64 5.31 23.67
N TYR D 67 12.78 5.50 23.01
CA TYR D 67 13.69 6.59 23.30
C TYR D 67 13.01 7.89 22.93
N LEU D 68 12.41 7.89 21.74
CA LEU D 68 11.73 9.06 21.22
C LEU D 68 10.50 9.42 22.04
N HIS D 69 9.80 8.41 22.57
CA HIS D 69 8.61 8.67 23.38
C HIS D 69 9.06 9.34 24.68
N LYS D 70 10.24 8.97 25.15
CA LYS D 70 10.80 9.57 26.35
C LYS D 70 11.07 11.06 26.09
N VAL D 71 11.71 11.36 24.97
CA VAL D 71 12.02 12.75 24.59
C VAL D 71 10.77 13.60 24.56
N ALA D 72 9.72 13.09 23.91
CA ALA D 72 8.46 13.83 23.82
C ALA D 72 7.86 14.05 25.21
N ASP D 73 7.89 13.00 26.04
CA ASP D 73 7.36 13.10 27.40
C ASP D 73 8.09 14.19 28.17
N ILE D 74 9.40 14.26 27.98
CA ILE D 74 10.20 15.27 28.67
C ILE D 74 9.84 16.70 28.18
N LEU D 75 9.61 16.85 26.88
CA LEU D 75 9.24 18.12 26.29
C LEU D 75 7.91 18.63 26.86
N MET D 76 6.97 17.71 27.08
CA MET D 76 5.67 18.08 27.62
C MET D 76 5.83 18.57 29.05
N ARG D 77 6.70 17.89 29.80
CA ARG D 77 6.97 18.21 31.19
C ARG D 77 7.57 19.60 31.34
N ASP D 78 8.54 19.91 30.47
CA ASP D 78 9.23 21.19 30.48
C ASP D 78 8.73 22.16 29.41
N LYS D 79 7.49 22.03 28.97
CA LYS D 79 6.99 22.93 27.91
C LYS D 79 6.91 24.40 28.29
N GLU D 80 6.68 24.69 29.56
CA GLU D 80 6.57 26.09 30.02
C GLU D 80 7.96 26.69 30.11
N LYS D 81 8.90 25.87 30.54
CA LYS D 81 10.30 26.27 30.66
C LYS D 81 10.86 26.63 29.30
N ILE D 82 10.82 25.66 28.39
CA ILE D 82 11.32 25.85 27.02
C ILE D 82 10.55 26.97 26.31
N GLY D 83 9.23 27.01 26.53
CA GLY D 83 8.40 28.02 25.93
C GLY D 83 8.68 29.44 26.36
N ALA D 84 9.13 29.62 27.61
CA ALA D 84 9.44 30.96 28.12
C ALA D 84 10.67 31.57 27.43
N ILE D 85 11.66 30.73 27.14
CA ILE D 85 12.87 31.19 26.48
C ILE D 85 12.68 31.33 24.98
N LEU D 86 11.93 30.38 24.39
CA LEU D 86 11.66 30.42 22.95
C LEU D 86 10.92 31.70 22.62
N SER D 87 9.93 32.02 23.46
CA SER D 87 9.12 33.22 23.29
C SER D 87 10.04 34.44 23.24
N LYS D 88 11.00 34.47 24.15
CA LYS D 88 11.97 35.58 24.25
C LYS D 88 12.99 35.62 23.12
N GLU D 89 13.48 34.47 22.70
CA GLU D 89 14.50 34.41 21.66
C GLU D 89 14.04 34.80 20.27
N VAL D 90 12.80 34.45 19.90
CA VAL D 90 12.31 34.80 18.57
C VAL D 90 11.12 35.76 18.56
N ALA D 91 10.90 36.45 19.67
CA ALA D 91 9.82 37.43 19.83
C ALA D 91 8.48 36.93 19.32
N LYS D 92 8.12 35.72 19.74
CA LYS D 92 6.85 35.13 19.38
C LYS D 92 6.07 35.03 20.68
N GLY D 93 4.78 35.26 20.61
CA GLY D 93 3.95 35.19 21.80
C GLY D 93 4.27 33.99 22.69
N TYR D 94 4.11 34.18 23.99
CA TYR D 94 4.40 33.12 24.94
C TYR D 94 3.57 31.84 24.79
N LYS D 95 2.25 31.97 24.74
CA LYS D 95 1.37 30.80 24.60
C LYS D 95 1.63 30.01 23.32
N SER D 96 1.91 30.71 22.23
CA SER D 96 2.18 30.08 20.96
C SER D 96 3.54 29.41 20.99
N ALA D 97 4.43 29.94 21.83
CA ALA D 97 5.77 29.38 21.98
C ALA D 97 5.66 28.05 22.70
N VAL D 98 4.79 28.00 23.70
CA VAL D 98 4.55 26.78 24.47
C VAL D 98 3.87 25.78 23.55
N SER D 99 3.07 26.29 22.60
CA SER D 99 2.38 25.43 21.65
C SER D 99 3.35 24.81 20.65
N GLU D 100 4.45 25.50 20.35
CA GLU D 100 5.40 24.95 19.42
C GLU D 100 6.00 23.69 20.06
N VAL D 101 6.41 23.82 21.32
CA VAL D 101 6.99 22.71 22.06
C VAL D 101 6.02 21.55 22.11
N VAL D 102 4.77 21.86 22.42
CA VAL D 102 3.74 20.83 22.48
C VAL D 102 3.60 20.12 21.13
N ARG D 103 3.56 20.89 20.05
CA ARG D 103 3.41 20.30 18.72
C ARG D 103 4.63 19.47 18.35
N THR D 104 5.78 19.82 18.91
CA THR D 104 7.01 19.09 18.66
C THR D 104 6.88 17.70 19.29
N ALA D 105 6.48 17.66 20.55
CA ALA D 105 6.32 16.38 21.23
C ALA D 105 5.37 15.50 20.44
N GLU D 106 4.29 16.09 19.94
CA GLU D 106 3.29 15.38 19.16
C GLU D 106 3.86 14.75 17.88
N ILE D 107 4.70 15.48 17.17
CA ILE D 107 5.27 14.94 15.94
C ILE D 107 6.34 13.90 16.24
N ILE D 108 7.03 14.07 17.38
CA ILE D 108 8.06 13.11 17.81
C ILE D 108 7.38 11.79 18.18
N ASN D 109 6.26 11.88 18.89
CA ASN D 109 5.48 10.69 19.28
C ASN D 109 4.81 10.00 18.07
N TYR D 110 4.37 10.79 17.10
CA TYR D 110 3.73 10.26 15.89
C TYR D 110 4.75 9.57 14.99
N ALA D 111 5.90 10.23 14.78
CA ALA D 111 6.95 9.65 13.95
C ALA D 111 7.48 8.37 14.60
N ALA D 112 7.46 8.32 15.93
CA ALA D 112 7.93 7.14 16.65
C ALA D 112 7.08 5.92 16.38
N GLU D 113 5.76 6.12 16.29
CA GLU D 113 4.83 5.02 16.04
C GLU D 113 4.66 4.72 14.55
N GLU D 114 4.96 5.70 13.72
CA GLU D 114 4.85 5.54 12.28
C GLU D 114 6.04 4.73 11.79
N GLY D 115 7.22 5.06 12.33
CA GLY D 115 8.45 4.39 11.94
C GLY D 115 8.58 2.92 12.24
N LEU D 116 7.96 2.46 13.32
CA LEU D 116 8.08 1.04 13.62
C LEU D 116 7.02 0.27 12.82
N ARG D 117 6.38 0.96 11.89
CA ARG D 117 5.34 0.36 11.06
C ARG D 117 5.61 0.48 9.56
N MET D 118 6.86 0.71 9.18
CA MET D 118 7.19 0.81 7.76
C MET D 118 7.43 -0.64 7.35
N GLU D 119 6.72 -1.11 6.34
CA GLU D 119 6.86 -2.50 5.91
C GLU D 119 7.65 -2.67 4.62
N GLY D 120 8.10 -3.88 4.38
CA GLY D 120 8.85 -4.17 3.17
C GLY D 120 7.94 -4.90 2.20
N GLU D 121 8.50 -5.36 1.09
CA GLU D 121 7.71 -6.06 0.11
C GLU D 121 8.41 -7.31 -0.37
N VAL D 122 7.62 -8.23 -0.92
CA VAL D 122 8.13 -9.46 -1.50
C VAL D 122 7.55 -9.41 -2.89
N LEU D 123 8.42 -9.38 -3.90
CA LEU D 123 7.99 -9.30 -5.28
C LEU D 123 8.28 -10.59 -6.02
N GLU D 124 7.46 -10.89 -7.03
CA GLU D 124 7.60 -12.11 -7.82
C GLU D 124 8.19 -11.90 -9.21
N GLY D 125 9.15 -12.73 -9.59
CA GLY D 125 9.72 -12.58 -10.91
C GLY D 125 8.70 -13.01 -11.97
N GLY D 126 7.78 -13.89 -11.57
CA GLY D 126 6.75 -14.36 -12.48
C GLY D 126 5.76 -13.31 -12.97
N SER D 127 5.78 -12.13 -12.33
CA SER D 127 4.91 -11.04 -12.72
C SER D 127 5.45 -10.44 -14.01
N PHE D 128 6.77 -10.51 -14.17
CA PHE D 128 7.43 -9.95 -15.35
C PHE D 128 7.80 -10.99 -16.39
N GLU D 129 8.26 -12.16 -15.96
CA GLU D 129 8.63 -13.19 -16.93
C GLU D 129 8.53 -14.57 -16.33
N ALA D 130 7.91 -15.47 -17.08
CA ALA D 130 7.71 -16.84 -16.63
C ALA D 130 9.01 -17.49 -16.20
N ALA D 131 10.08 -17.25 -16.95
CA ALA D 131 11.37 -17.84 -16.64
C ALA D 131 11.89 -17.52 -15.25
N SER D 132 11.46 -16.39 -14.69
CA SER D 132 11.89 -16.00 -13.35
C SER D 132 10.78 -16.18 -12.31
N LYS D 133 9.88 -17.11 -12.55
CA LYS D 133 8.76 -17.36 -11.64
C LYS D 133 9.17 -17.90 -10.28
N LYS D 134 10.36 -18.50 -10.18
CA LYS D 134 10.86 -19.04 -8.91
C LYS D 134 11.71 -18.01 -8.19
N LYS D 135 11.93 -16.88 -8.83
CA LYS D 135 12.74 -15.81 -8.27
C LYS D 135 11.89 -14.78 -7.53
N ILE D 136 12.18 -14.57 -6.25
CA ILE D 136 11.43 -13.60 -5.45
C ILE D 136 12.38 -12.57 -4.82
N ALA D 137 11.87 -11.37 -4.62
CA ALA D 137 12.67 -10.30 -4.03
C ALA D 137 12.13 -9.87 -2.68
N VAL D 138 12.97 -9.98 -1.66
CA VAL D 138 12.61 -9.56 -0.31
C VAL D 138 13.21 -8.16 -0.12
N VAL D 139 12.36 -7.14 -0.21
CA VAL D 139 12.80 -5.75 -0.08
C VAL D 139 12.50 -5.13 1.27
N ARG D 140 13.55 -4.72 1.97
CA ARG D 140 13.43 -4.09 3.28
C ARG D 140 14.12 -2.72 3.34
N ARG D 141 13.53 -1.78 4.09
CA ARG D 141 14.08 -0.43 4.24
C ARG D 141 15.33 -0.36 5.11
N GLU D 142 16.13 0.70 4.90
CA GLU D 142 17.36 0.91 5.65
C GLU D 142 17.65 2.39 5.77
N PRO D 143 18.33 2.80 6.85
CA PRO D 143 18.65 4.23 7.03
C PRO D 143 19.64 4.73 5.97
N VAL D 144 19.65 6.04 5.72
CA VAL D 144 20.57 6.59 4.74
C VAL D 144 21.93 6.77 5.39
N GLY D 145 21.93 6.92 6.72
CA GLY D 145 23.16 7.09 7.45
C GLY D 145 23.12 8.28 8.40
N LEU D 146 23.98 9.26 8.16
CA LEU D 146 24.01 10.46 8.99
C LEU D 146 23.22 11.59 8.31
N VAL D 147 22.20 12.07 9.00
CA VAL D 147 21.35 13.13 8.50
C VAL D 147 21.65 14.48 9.15
N LEU D 148 21.78 15.52 8.34
CA LEU D 148 22.01 16.87 8.83
C LEU D 148 20.67 17.59 8.78
N ALA D 149 20.19 18.04 9.94
CA ALA D 149 18.93 18.74 10.05
C ALA D 149 19.15 20.21 10.38
N ILE D 150 18.44 21.08 9.68
CA ILE D 150 18.55 22.53 9.89
C ILE D 150 17.16 23.19 9.94
N SER D 151 16.83 23.76 11.10
CA SER D 151 15.55 24.42 11.29
C SER D 151 15.65 25.93 11.11
N PRO D 152 14.50 26.61 10.87
CA PRO D 152 14.46 28.06 10.66
C PRO D 152 14.15 28.81 11.97
N PHE D 153 14.33 30.13 11.97
CA PHE D 153 14.11 30.92 13.17
C PHE D 153 12.66 30.97 13.68
N ASN D 154 11.69 30.84 12.78
CA ASN D 154 10.29 30.93 13.22
C ASN D 154 9.73 29.66 13.84
N TYR D 155 10.43 28.54 13.68
CA TYR D 155 10.07 27.24 14.28
C TYR D 155 11.35 26.44 14.47
N PRO D 156 12.24 26.93 15.33
CA PRO D 156 13.54 26.30 15.63
C PRO D 156 13.47 24.95 16.31
N VAL D 157 12.41 24.75 17.09
CA VAL D 157 12.19 23.52 17.83
C VAL D 157 11.29 22.59 17.02
N ASN D 158 10.08 23.05 16.73
CA ASN D 158 9.12 22.29 15.94
C ASN D 158 9.73 21.76 14.65
N LEU D 159 10.28 22.66 13.85
CA LEU D 159 10.84 22.28 12.57
C LEU D 159 12.22 21.65 12.63
N ALA D 160 12.59 21.21 13.84
CA ALA D 160 13.84 20.49 14.09
C ALA D 160 13.33 19.08 14.38
N GLY D 161 12.41 19.00 15.34
CA GLY D 161 11.81 17.73 15.71
C GLY D 161 11.11 17.06 14.53
N SER D 162 10.61 17.87 13.59
CA SER D 162 9.94 17.32 12.42
C SER D 162 10.95 16.59 11.52
N LYS D 163 12.24 16.78 11.79
CA LYS D 163 13.30 16.15 11.01
C LYS D 163 14.03 15.07 11.81
N ILE D 164 14.28 15.36 13.09
CA ILE D 164 14.99 14.47 13.98
C ILE D 164 14.27 13.14 14.25
N ALA D 165 13.02 13.22 14.69
CA ALA D 165 12.26 12.00 14.99
C ALA D 165 12.13 11.04 13.80
N PRO D 166 11.64 11.52 12.65
CA PRO D 166 11.52 10.61 11.49
C PRO D 166 12.86 9.97 11.09
N ALA D 167 13.94 10.70 11.30
CA ALA D 167 15.27 10.21 10.97
C ALA D 167 15.77 9.15 11.92
N LEU D 168 15.63 9.42 13.21
CA LEU D 168 16.10 8.51 14.24
C LEU D 168 15.36 7.19 14.30
N ILE D 169 14.03 7.23 14.24
CA ILE D 169 13.25 6.02 14.29
C ILE D 169 13.68 4.98 13.25
N ALA D 170 14.12 5.45 12.08
CA ALA D 170 14.53 4.56 11.00
C ALA D 170 15.96 4.04 11.09
N GLY D 171 16.71 4.47 12.11
CA GLY D 171 18.07 4.00 12.27
C GLY D 171 19.17 5.00 11.91
N ASN D 172 18.80 6.15 11.33
CA ASN D 172 19.77 7.18 10.96
C ASN D 172 20.27 7.87 12.22
N VAL D 173 21.42 8.55 12.12
CA VAL D 173 21.94 9.30 13.26
C VAL D 173 21.73 10.75 12.88
N ILE D 174 21.78 11.65 13.86
CA ILE D 174 21.51 13.07 13.59
C ILE D 174 22.58 14.10 13.98
N ALA D 175 22.66 15.14 13.15
CA ALA D 175 23.55 16.29 13.36
C ALA D 175 22.57 17.44 13.18
N PHE D 176 22.21 18.09 14.29
CA PHE D 176 21.25 19.17 14.27
C PHE D 176 21.85 20.56 14.43
N LYS D 177 21.52 21.45 13.49
CA LYS D 177 22.00 22.82 13.55
C LYS D 177 20.83 23.80 13.50
N PRO D 178 20.52 24.42 14.65
CA PRO D 178 19.42 25.37 14.71
C PRO D 178 19.83 26.72 14.10
N PRO D 179 18.89 27.68 14.02
CA PRO D 179 19.31 28.96 13.45
C PRO D 179 20.01 29.70 14.58
N THR D 180 20.98 30.56 14.28
CA THR D 180 21.66 31.27 15.36
C THR D 180 20.63 31.98 16.23
N GLN D 181 19.72 32.73 15.62
CA GLN D 181 18.68 33.40 16.38
C GLN D 181 17.62 32.31 16.61
N GLY D 182 17.80 31.60 17.70
CA GLY D 182 16.90 30.51 18.04
C GLY D 182 17.72 29.28 18.38
N SER D 183 19.04 29.45 18.50
CA SER D 183 19.94 28.36 18.83
C SER D 183 19.87 27.98 20.31
N ILE D 184 19.51 28.92 21.17
CA ILE D 184 19.42 28.61 22.60
C ILE D 184 18.27 27.63 22.81
N SER D 185 17.17 27.85 22.11
CA SER D 185 15.98 27.00 22.19
C SER D 185 16.31 25.64 21.56
N GLY D 186 17.12 25.66 20.51
CA GLY D 186 17.50 24.44 19.84
C GLY D 186 18.29 23.57 20.82
N LEU D 187 19.08 24.21 21.67
CA LEU D 187 19.88 23.47 22.65
C LEU D 187 19.04 23.03 23.85
N LEU D 188 17.90 23.69 24.07
CA LEU D 188 16.99 23.30 25.15
C LEU D 188 16.30 22.00 24.71
N LEU D 189 16.10 21.83 23.40
CA LEU D 189 15.48 20.63 22.86
C LEU D 189 16.52 19.52 22.97
N ALA D 190 17.78 19.88 22.74
CA ALA D 190 18.92 18.96 22.83
C ALA D 190 19.00 18.34 24.22
N GLU D 191 18.62 19.13 25.22
CA GLU D 191 18.61 18.69 26.60
C GLU D 191 17.66 17.50 26.76
N ALA D 192 16.52 17.55 26.10
CA ALA D 192 15.52 16.48 26.17
C ALA D 192 16.08 15.17 25.61
N PHE D 193 16.81 15.25 24.52
CA PHE D 193 17.41 14.05 23.93
C PHE D 193 18.51 13.52 24.86
N ALA D 194 19.17 14.44 25.58
CA ALA D 194 20.22 14.05 26.52
C ALA D 194 19.60 13.32 27.70
N GLU D 195 18.51 13.87 28.24
CA GLU D 195 17.84 13.26 29.39
C GLU D 195 17.22 11.92 29.01
N ALA D 196 16.66 11.83 27.81
CA ALA D 196 16.04 10.57 27.38
C ALA D 196 17.09 9.48 27.36
N GLY D 197 18.34 9.88 27.27
CA GLY D 197 19.43 8.92 27.28
C GLY D 197 19.73 8.13 26.01
N LEU D 198 19.70 8.77 24.85
CA LEU D 198 20.00 8.06 23.62
C LEU D 198 21.52 7.85 23.64
N PRO D 199 22.01 6.76 23.06
CA PRO D 199 23.45 6.48 23.03
C PRO D 199 24.31 7.63 22.48
N ALA D 200 25.48 7.81 23.07
CA ALA D 200 26.40 8.87 22.65
C ALA D 200 26.65 8.83 21.15
N GLY D 201 26.54 9.98 20.50
CA GLY D 201 26.79 10.08 19.08
C GLY D 201 25.57 9.98 18.19
N VAL D 202 24.49 9.40 18.70
CA VAL D 202 23.26 9.25 17.93
C VAL D 202 22.63 10.61 17.63
N PHE D 203 22.65 11.52 18.59
CA PHE D 203 22.11 12.86 18.40
C PHE D 203 23.12 13.90 18.87
N ASN D 204 23.45 14.85 18.01
CA ASN D 204 24.39 15.89 18.35
C ASN D 204 23.90 17.20 17.74
N THR D 205 24.42 18.32 18.25
CA THR D 205 24.05 19.64 17.76
C THR D 205 25.29 20.39 17.26
N ILE D 206 25.04 21.37 16.39
CA ILE D 206 26.09 22.20 15.83
C ILE D 206 25.62 23.65 15.96
N THR D 207 26.52 24.57 16.30
CA THR D 207 26.14 25.97 16.41
C THR D 207 27.26 26.83 15.85
N GLY D 208 26.85 27.92 15.21
CA GLY D 208 27.78 28.85 14.58
C GLY D 208 26.96 29.52 13.49
N ARG D 209 27.42 30.64 12.95
CA ARG D 209 26.64 31.33 11.93
C ARG D 209 26.63 30.60 10.59
N GLY D 210 25.44 30.22 10.14
CA GLY D 210 25.30 29.53 8.87
C GLY D 210 26.02 30.26 7.76
N SER D 211 26.06 31.58 7.87
CA SER D 211 26.74 32.43 6.89
C SER D 211 28.27 32.24 6.98
N GLU D 212 28.73 31.51 7.99
CA GLU D 212 30.15 31.29 8.14
C GLU D 212 30.58 29.82 8.13
N ILE D 213 29.84 28.92 8.77
CA ILE D 213 30.21 27.50 8.76
C ILE D 213 29.17 26.65 8.04
N GLY D 214 28.10 27.30 7.58
CA GLY D 214 27.04 26.59 6.88
C GLY D 214 27.46 25.78 5.67
N ASP D 215 28.21 26.40 4.75
CA ASP D 215 28.67 25.70 3.56
C ASP D 215 29.53 24.51 3.98
N TYR D 216 30.33 24.68 5.03
CA TYR D 216 31.20 23.62 5.53
C TYR D 216 30.44 22.39 6.00
N ILE D 217 29.45 22.61 6.85
CA ILE D 217 28.66 21.51 7.40
C ILE D 217 27.84 20.78 6.35
N VAL D 218 27.45 21.47 5.29
CA VAL D 218 26.66 20.86 4.23
C VAL D 218 27.52 20.12 3.21
N GLU D 219 28.66 20.71 2.85
CA GLU D 219 29.56 20.10 1.89
C GLU D 219 30.32 18.92 2.46
N HIS D 220 30.37 18.82 3.78
CA HIS D 220 31.09 17.73 4.43
C HIS D 220 30.64 16.35 3.92
N GLN D 221 31.58 15.59 3.38
CA GLN D 221 31.27 14.28 2.81
C GLN D 221 30.77 13.22 3.79
N ALA D 222 30.88 13.51 5.08
CA ALA D 222 30.40 12.57 6.09
C ALA D 222 28.87 12.60 6.14
N VAL D 223 28.31 13.69 5.60
CA VAL D 223 26.86 13.88 5.59
C VAL D 223 26.21 13.13 4.44
N ASN D 224 25.25 12.28 4.77
CA ASN D 224 24.55 11.45 3.80
C ASN D 224 23.23 12.01 3.33
N PHE D 225 22.65 12.94 4.07
CA PHE D 225 21.35 13.49 3.71
C PHE D 225 21.18 14.87 4.36
N ILE D 226 20.60 15.82 3.62
CA ILE D 226 20.38 17.16 4.15
C ILE D 226 18.92 17.54 4.11
N ASN D 227 18.36 17.76 5.29
CA ASN D 227 16.96 18.13 5.50
C ASN D 227 17.02 19.59 5.96
N PHE D 228 16.55 20.50 5.13
CA PHE D 228 16.62 21.92 5.44
C PHE D 228 15.28 22.65 5.33
N THR D 229 15.10 23.64 6.19
CA THR D 229 13.92 24.50 6.20
C THR D 229 14.46 25.94 6.32
N GLY D 230 14.12 26.79 5.36
CA GLY D 230 14.61 28.16 5.41
C GLY D 230 14.34 28.88 4.10
N SER D 231 15.18 29.85 3.78
CA SER D 231 15.04 30.65 2.56
C SER D 231 15.37 29.92 1.26
N THR D 232 14.74 30.36 0.18
CA THR D 232 14.95 29.78 -1.14
C THR D 232 16.41 29.91 -1.58
N GLY D 233 16.99 31.10 -1.35
CA GLY D 233 18.37 31.35 -1.71
C GLY D 233 19.35 30.34 -1.11
N ILE D 234 19.16 30.01 0.16
CA ILE D 234 20.03 29.05 0.83
C ILE D 234 19.70 27.65 0.36
N GLY D 235 18.42 27.41 0.08
CA GLY D 235 18.02 26.10 -0.39
C GLY D 235 18.71 25.86 -1.74
N GLU D 236 18.70 26.86 -2.61
CA GLU D 236 19.33 26.71 -3.91
C GLU D 236 20.78 26.30 -3.72
N ARG D 237 21.42 26.98 -2.77
CA ARG D 237 22.81 26.74 -2.40
C ARG D 237 23.01 25.27 -2.03
N ILE D 238 22.29 24.85 -1.00
CA ILE D 238 22.35 23.48 -0.50
C ILE D 238 22.07 22.46 -1.62
N GLY D 239 21.08 22.75 -2.46
CA GLY D 239 20.78 21.85 -3.55
C GLY D 239 22.03 21.53 -4.37
N LYS D 240 22.86 22.54 -4.57
CA LYS D 240 24.09 22.37 -5.34
C LYS D 240 25.20 21.75 -4.50
N MET D 241 25.32 22.18 -3.25
CA MET D 241 26.36 21.68 -2.36
C MET D 241 26.10 20.22 -2.01
N ALA D 242 24.88 19.76 -2.29
CA ALA D 242 24.49 18.38 -2.01
C ALA D 242 25.04 17.39 -3.03
N GLY D 243 25.32 17.86 -4.25
CA GLY D 243 25.85 16.98 -5.27
C GLY D 243 24.78 16.00 -5.73
N MET D 244 25.05 14.69 -5.63
CA MET D 244 24.05 13.70 -5.99
C MET D 244 23.46 13.13 -4.70
N ARG D 245 23.83 13.74 -3.58
CA ARG D 245 23.35 13.33 -2.27
C ARG D 245 21.88 13.74 -2.11
N PRO D 246 21.08 12.95 -1.38
CA PRO D 246 19.66 13.25 -1.17
C PRO D 246 19.42 14.42 -0.22
N ILE D 247 18.37 15.18 -0.49
CA ILE D 247 18.03 16.35 0.31
C ILE D 247 16.53 16.55 0.36
N MET D 248 16.09 17.37 1.31
CA MET D 248 14.69 17.71 1.45
C MET D 248 14.70 19.17 1.82
N LEU D 249 14.12 19.99 0.94
CA LEU D 249 14.09 21.42 1.17
C LEU D 249 12.68 21.94 1.32
N GLU D 250 12.49 22.78 2.34
CA GLU D 250 11.23 23.43 2.65
C GLU D 250 11.61 24.89 2.57
N LEU D 251 11.25 25.53 1.46
CA LEU D 251 11.64 26.92 1.25
C LEU D 251 10.53 27.96 1.32
N GLY D 252 10.71 29.09 0.64
CA GLY D 252 9.72 30.14 0.67
C GLY D 252 8.34 29.83 0.15
N GLY D 253 7.40 30.70 0.50
CA GLY D 253 6.02 30.58 0.07
C GLY D 253 5.40 31.95 -0.10
N LYS D 254 4.41 32.05 -0.98
CA LYS D 254 3.68 33.29 -1.22
C LYS D 254 2.24 32.84 -1.49
N ASP D 255 1.69 32.08 -0.53
CA ASP D 255 0.37 31.52 -0.63
C ASP D 255 -0.72 32.50 -1.03
N SER D 256 -1.52 32.12 -2.02
CA SER D 256 -2.59 32.97 -2.49
C SER D 256 -3.93 32.42 -2.06
N ALA D 257 -4.88 33.33 -1.82
CA ALA D 257 -6.22 32.96 -1.42
C ALA D 257 -7.14 33.41 -2.54
N ILE D 258 -7.59 32.45 -3.34
CA ILE D 258 -8.47 32.75 -4.44
C ILE D 258 -9.91 32.77 -3.90
N VAL D 259 -10.57 33.92 -4.04
CA VAL D 259 -11.92 34.11 -3.54
C VAL D 259 -12.89 34.31 -4.70
N LEU D 260 -13.71 33.28 -4.95
CA LEU D 260 -14.68 33.33 -6.03
C LEU D 260 -15.92 34.08 -5.54
N GLU D 261 -16.83 34.36 -6.47
CA GLU D 261 -18.03 35.12 -6.14
C GLU D 261 -19.10 34.45 -5.28
N ASP D 262 -18.99 33.15 -5.07
CA ASP D 262 -19.99 32.47 -4.25
C ASP D 262 -19.44 32.09 -2.88
N ALA D 263 -18.35 32.75 -2.47
CA ALA D 263 -17.73 32.45 -1.19
C ALA D 263 -18.47 33.08 -0.02
N ASP D 264 -18.31 32.48 1.16
CA ASP D 264 -18.92 33.00 2.38
C ASP D 264 -17.87 34.02 2.77
N LEU D 265 -18.12 35.28 2.44
CA LEU D 265 -17.16 36.35 2.71
C LEU D 265 -16.73 36.52 4.15
N GLU D 266 -17.64 36.30 5.10
CA GLU D 266 -17.26 36.47 6.50
C GLU D 266 -16.30 35.37 6.94
N LEU D 267 -16.60 34.14 6.53
CA LEU D 267 -15.74 33.01 6.86
C LEU D 267 -14.41 33.17 6.14
N THR D 268 -14.46 33.74 4.94
CA THR D 268 -13.27 33.95 4.14
C THR D 268 -12.38 35.03 4.78
N ALA D 269 -13.01 36.11 5.22
CA ALA D 269 -12.31 37.22 5.85
C ALA D 269 -11.59 36.79 7.11
N LYS D 270 -12.22 35.93 7.91
CA LYS D 270 -11.61 35.47 9.15
C LYS D 270 -10.41 34.55 8.88
N ASN D 271 -10.52 33.70 7.88
CA ASN D 271 -9.42 32.78 7.58
C ASN D 271 -8.22 33.55 7.06
N ILE D 272 -8.47 34.46 6.13
CA ILE D 272 -7.40 35.26 5.56
C ILE D 272 -6.66 36.04 6.64
N ILE D 273 -7.42 36.60 7.58
CA ILE D 273 -6.84 37.35 8.68
C ILE D 273 -5.97 36.42 9.52
N ALA D 274 -6.51 35.26 9.84
CA ALA D 274 -5.80 34.28 10.65
C ALA D 274 -4.49 33.85 10.00
N GLY D 275 -4.57 33.42 8.74
CA GLY D 275 -3.38 32.96 8.05
C GLY D 275 -2.40 34.04 7.64
N ALA D 276 -2.90 35.23 7.34
CA ALA D 276 -2.05 36.31 6.91
C ALA D 276 -1.24 36.97 8.01
N PHE D 277 -1.87 37.22 9.15
CA PHE D 277 -1.19 37.92 10.22
C PHE D 277 -0.61 37.10 11.35
N GLY D 278 -0.66 35.77 11.23
CA GLY D 278 -0.12 34.91 12.26
C GLY D 278 1.37 35.14 12.42
N TYR D 279 1.80 35.30 13.67
CA TYR D 279 3.21 35.50 13.98
C TYR D 279 3.75 36.65 13.13
N SER D 280 2.97 37.72 13.03
CA SER D 280 3.35 38.92 12.26
C SER D 280 3.64 38.61 10.81
N GLY D 281 2.99 37.60 10.25
CA GLY D 281 3.22 37.24 8.87
C GLY D 281 4.52 36.48 8.69
N GLN D 282 5.15 36.10 9.80
CA GLN D 282 6.43 35.38 9.75
C GLN D 282 6.21 33.87 9.70
N ARG D 283 5.37 33.45 8.76
CA ARG D 283 5.05 32.03 8.56
C ARG D 283 5.13 31.71 7.06
N CYS D 284 5.70 30.56 6.74
CA CYS D 284 5.85 30.15 5.34
C CYS D 284 4.51 29.81 4.70
N THR D 285 3.69 29.08 5.45
CA THR D 285 2.36 28.70 4.99
C THR D 285 1.50 29.78 5.59
N ALA D 286 1.17 30.78 4.77
CA ALA D 286 0.37 31.91 5.21
C ALA D 286 -0.18 32.59 3.98
N VAL D 287 -1.44 32.99 4.04
CA VAL D 287 -2.05 33.70 2.92
C VAL D 287 -1.23 34.98 2.76
N LYS D 288 -0.48 35.09 1.67
CA LYS D 288 0.36 36.25 1.45
C LYS D 288 -0.13 37.13 0.30
N ARG D 289 -1.26 36.77 -0.28
CA ARG D 289 -1.86 37.54 -1.36
C ARG D 289 -3.26 37.01 -1.68
N VAL D 290 -4.21 37.93 -1.73
CA VAL D 290 -5.59 37.59 -2.01
C VAL D 290 -5.95 37.95 -3.45
N LEU D 291 -6.40 36.97 -4.22
CA LEU D 291 -6.81 37.18 -5.61
C LEU D 291 -8.33 37.00 -5.61
N VAL D 292 -9.04 38.11 -5.44
CA VAL D 292 -10.50 38.10 -5.34
C VAL D 292 -11.26 38.67 -6.54
N MET D 293 -12.44 38.12 -6.81
CA MET D 293 -13.28 38.57 -7.91
C MET D 293 -13.80 39.99 -7.61
N GLU D 294 -13.57 40.91 -8.53
CA GLU D 294 -13.99 42.28 -8.34
C GLU D 294 -15.37 42.47 -7.73
N SER D 295 -16.36 41.73 -8.22
CA SER D 295 -17.72 41.89 -7.72
C SER D 295 -17.92 41.67 -6.23
N VAL D 296 -17.02 40.93 -5.58
CA VAL D 296 -17.14 40.68 -4.14
C VAL D 296 -16.02 41.34 -3.34
N ALA D 297 -15.04 41.91 -4.06
CA ALA D 297 -13.87 42.55 -3.47
C ALA D 297 -14.11 43.66 -2.44
N ASP D 298 -14.96 44.62 -2.75
CA ASP D 298 -15.21 45.73 -1.82
C ASP D 298 -15.70 45.19 -0.48
N GLU D 299 -16.65 44.26 -0.54
CA GLU D 299 -17.22 43.70 0.68
C GLU D 299 -16.20 42.89 1.49
N LEU D 300 -15.41 42.08 0.81
CA LEU D 300 -14.41 41.28 1.50
C LEU D 300 -13.36 42.17 2.15
N VAL D 301 -12.90 43.17 1.40
CA VAL D 301 -11.87 44.09 1.88
C VAL D 301 -12.28 44.86 3.14
N GLU D 302 -13.51 45.36 3.17
CA GLU D 302 -13.99 46.11 4.33
C GLU D 302 -14.02 45.22 5.57
N LYS D 303 -14.43 43.96 5.42
CA LYS D 303 -14.46 43.04 6.54
C LYS D 303 -13.02 42.85 7.02
N ILE D 304 -12.13 42.51 6.08
CA ILE D 304 -10.72 42.31 6.40
C ILE D 304 -10.17 43.58 7.06
N ARG D 305 -10.58 44.74 6.55
CA ARG D 305 -10.14 46.01 7.11
C ARG D 305 -10.50 46.11 8.59
N GLU D 306 -11.76 45.85 8.90
CA GLU D 306 -12.21 45.93 10.27
C GLU D 306 -11.45 44.99 11.18
N LYS D 307 -11.29 43.74 10.73
CA LYS D 307 -10.62 42.72 11.51
C LYS D 307 -9.16 43.03 11.78
N VAL D 308 -8.48 43.63 10.81
CA VAL D 308 -7.07 44.00 10.97
C VAL D 308 -6.96 44.94 12.15
N LEU D 309 -7.93 45.85 12.27
CA LEU D 309 -7.93 46.82 13.34
C LEU D 309 -8.20 46.19 14.71
N ALA D 310 -8.66 44.95 14.73
CA ALA D 310 -8.93 44.27 16.00
C ALA D 310 -7.73 43.50 16.51
N LEU D 311 -6.75 43.29 15.65
CA LEU D 311 -5.54 42.57 16.04
C LEU D 311 -4.81 43.34 17.15
N THR D 312 -4.18 42.61 18.06
CA THR D 312 -3.43 43.25 19.12
C THR D 312 -2.01 43.41 18.62
N ILE D 313 -1.33 44.42 19.17
CA ILE D 313 0.04 44.76 18.80
C ILE D 313 0.82 44.98 20.09
N GLY D 314 1.99 44.35 20.21
CA GLY D 314 2.77 44.52 21.42
C GLY D 314 3.86 43.50 21.65
N ASN D 315 4.16 43.23 22.92
CA ASN D 315 5.22 42.30 23.28
C ASN D 315 4.83 40.84 23.37
N PRO D 316 5.79 39.95 23.11
CA PRO D 316 5.54 38.51 23.17
C PRO D 316 4.96 38.06 24.49
N GLU D 317 5.45 38.63 25.58
CA GLU D 317 4.99 38.24 26.91
C GLU D 317 3.52 38.62 27.14
N ASP D 318 3.00 39.53 26.32
CA ASP D 318 1.60 39.92 26.47
C ASP D 318 0.73 39.15 25.48
N ASP D 319 1.34 38.21 24.77
CA ASP D 319 0.64 37.37 23.80
C ASP D 319 -0.05 38.20 22.70
N ALA D 320 0.59 39.30 22.29
CA ALA D 320 0.03 40.16 21.26
C ALA D 320 -0.02 39.43 19.93
N ASP D 321 -0.97 39.79 19.07
CA ASP D 321 -1.11 39.18 17.76
C ASP D 321 0.11 39.57 16.93
N ILE D 322 0.39 40.87 16.92
CA ILE D 322 1.52 41.42 16.17
C ILE D 322 2.65 41.81 17.13
N THR D 323 3.78 41.12 17.00
CA THR D 323 4.95 41.36 17.83
C THR D 323 6.10 41.87 16.94
N PRO D 324 7.20 42.32 17.56
CA PRO D 324 8.33 42.82 16.75
C PRO D 324 8.96 41.75 15.84
N LEU D 325 9.32 42.17 14.62
CA LEU D 325 9.92 41.25 13.66
C LEU D 325 11.27 40.73 14.20
N ILE D 326 11.71 39.57 13.71
CA ILE D 326 12.92 38.94 14.18
C ILE D 326 14.17 39.84 14.25
N ASP D 327 14.29 40.80 13.34
CA ASP D 327 15.44 41.70 13.36
C ASP D 327 15.26 42.95 12.51
N THR D 328 16.16 43.91 12.69
CA THR D 328 16.12 45.18 11.98
C THR D 328 16.14 45.08 10.47
N LYS D 329 16.99 44.22 9.92
CA LYS D 329 17.07 44.05 8.47
C LYS D 329 15.72 43.61 7.89
N SER D 330 15.03 42.75 8.62
CA SER D 330 13.72 42.25 8.21
C SER D 330 12.69 43.38 8.19
N ALA D 331 12.63 44.15 9.26
CA ALA D 331 11.68 45.25 9.32
C ALA D 331 11.95 46.28 8.21
N ASP D 332 13.23 46.52 7.91
CA ASP D 332 13.61 47.47 6.87
C ASP D 332 13.15 46.95 5.51
N TYR D 333 13.36 45.65 5.28
CA TYR D 333 12.98 45.02 4.03
C TYR D 333 11.47 45.12 3.79
N VAL D 334 10.70 44.88 4.85
CA VAL D 334 9.24 44.95 4.75
C VAL D 334 8.84 46.37 4.45
N GLU D 335 9.47 47.33 5.13
CA GLU D 335 9.17 48.74 4.92
C GLU D 335 9.35 49.14 3.47
N GLY D 336 10.40 48.65 2.84
CA GLY D 336 10.63 48.95 1.44
C GLY D 336 9.49 48.41 0.57
N LEU D 337 8.93 47.27 0.95
CA LEU D 337 7.83 46.67 0.20
C LEU D 337 6.61 47.55 0.36
N ILE D 338 6.37 47.97 1.59
CA ILE D 338 5.26 48.85 1.91
C ILE D 338 5.38 50.14 1.08
N ASN D 339 6.61 50.66 1.02
CA ASN D 339 6.91 51.91 0.30
C ASN D 339 6.69 51.80 -1.20
N ASP D 340 7.25 50.77 -1.80
CA ASP D 340 7.09 50.52 -3.23
C ASP D 340 5.59 50.45 -3.57
N ALA D 341 4.81 49.73 -2.75
CA ALA D 341 3.39 49.62 -2.98
C ALA D 341 2.74 50.99 -2.91
N ASN D 342 2.92 51.65 -1.78
CA ASN D 342 2.34 52.96 -1.56
C ASN D 342 2.72 53.91 -2.69
N ASP D 343 4.01 54.16 -2.86
CA ASP D 343 4.45 55.09 -3.91
C ASP D 343 3.91 54.71 -5.27
N LYS D 344 3.57 53.44 -5.45
CA LYS D 344 3.06 53.00 -6.76
C LYS D 344 1.55 53.12 -6.90
N GLY D 345 0.87 53.54 -5.84
CA GLY D 345 -0.57 53.72 -5.93
C GLY D 345 -1.48 52.77 -5.17
N ALA D 346 -0.93 51.75 -4.53
CA ALA D 346 -1.79 50.83 -3.77
C ALA D 346 -2.52 51.68 -2.75
N THR D 347 -3.64 51.17 -2.25
CA THR D 347 -4.43 51.88 -1.25
C THR D 347 -4.22 51.28 0.12
N ALA D 348 -3.49 51.98 0.98
CA ALA D 348 -3.25 51.48 2.33
C ALA D 348 -4.53 51.73 3.13
N LEU D 349 -5.19 50.66 3.55
CA LEU D 349 -6.41 50.82 4.32
C LEU D 349 -6.14 50.80 5.80
N THR D 350 -4.86 50.69 6.14
CA THR D 350 -4.43 50.68 7.54
C THR D 350 -3.21 51.56 7.64
N GLU D 351 -3.04 52.17 8.81
CA GLU D 351 -1.93 53.08 9.04
C GLU D 351 -0.55 52.45 8.95
N ILE D 352 0.34 53.12 8.24
CA ILE D 352 1.70 52.65 8.13
C ILE D 352 2.43 53.19 9.34
N LYS D 353 2.83 52.31 10.25
CA LYS D 353 3.53 52.74 11.44
C LYS D 353 4.54 51.69 11.90
N ARG D 354 5.72 52.16 12.28
CA ARG D 354 6.78 51.28 12.75
C ARG D 354 7.47 51.91 13.95
N GLU D 355 7.69 51.11 14.98
CA GLU D 355 8.36 51.57 16.17
C GLU D 355 9.40 50.50 16.44
N GLY D 356 10.66 50.89 16.44
CA GLY D 356 11.69 49.89 16.64
C GLY D 356 11.54 48.98 15.44
N ASN D 357 11.36 47.69 15.68
CA ASN D 357 11.19 46.72 14.59
C ASN D 357 9.78 46.17 14.59
N LEU D 358 8.90 46.86 15.31
CA LEU D 358 7.51 46.45 15.38
C LEU D 358 6.73 47.21 14.30
N ILE D 359 6.18 46.47 13.36
CA ILE D 359 5.43 47.09 12.28
C ILE D 359 3.96 46.75 12.44
N CYS D 360 3.13 47.78 12.58
CA CYS D 360 1.71 47.56 12.74
C CYS D 360 1.19 46.87 11.49
N PRO D 361 0.12 46.08 11.62
CA PRO D 361 -0.45 45.37 10.47
C PRO D 361 -1.04 46.32 9.44
N ILE D 362 -0.76 46.08 8.17
CA ILE D 362 -1.28 46.96 7.12
C ILE D 362 -1.95 46.19 5.98
N LEU D 363 -3.14 46.66 5.59
CA LEU D 363 -3.90 46.06 4.51
C LEU D 363 -3.77 46.96 3.29
N PHE D 364 -3.38 46.38 2.16
CA PHE D 364 -3.20 47.12 0.92
C PHE D 364 -4.20 46.65 -0.11
N ASP D 365 -5.03 47.56 -0.60
CA ASP D 365 -6.01 47.21 -1.62
C ASP D 365 -5.46 47.75 -2.93
N LYS D 366 -6.02 47.34 -4.05
CA LYS D 366 -5.58 47.83 -5.35
C LYS D 366 -4.12 47.55 -5.65
N VAL D 367 -3.62 46.39 -5.21
CA VAL D 367 -2.25 46.01 -5.49
C VAL D 367 -2.26 45.47 -6.93
N THR D 368 -1.19 45.71 -7.67
CA THR D 368 -1.08 45.25 -9.05
C THR D 368 0.14 44.37 -9.20
N THR D 369 0.20 43.63 -10.29
CA THR D 369 1.33 42.74 -10.56
C THR D 369 2.58 43.54 -10.88
N ASP D 370 2.49 44.87 -10.77
CA ASP D 370 3.61 45.75 -11.05
C ASP D 370 4.36 46.09 -9.77
N MET D 371 3.76 45.81 -8.62
CA MET D 371 4.35 46.11 -7.33
C MET D 371 5.10 44.91 -6.77
N ARG D 372 6.20 45.17 -6.07
CA ARG D 372 7.01 44.09 -5.48
C ARG D 372 6.20 43.27 -4.49
N LEU D 373 5.36 43.93 -3.70
CA LEU D 373 4.49 43.30 -2.70
C LEU D 373 3.58 42.22 -3.26
N ALA D 374 3.36 42.22 -4.57
CA ALA D 374 2.53 41.20 -5.20
C ALA D 374 3.26 39.88 -5.35
N TRP D 375 4.60 39.92 -5.39
CA TRP D 375 5.40 38.73 -5.61
C TRP D 375 6.36 38.30 -4.49
N GLU D 376 7.10 39.25 -3.95
CA GLU D 376 8.07 38.97 -2.91
C GLU D 376 7.48 38.59 -1.54
N GLU D 377 8.05 37.57 -0.92
CA GLU D 377 7.63 37.12 0.42
C GLU D 377 8.17 38.16 1.41
N PRO D 378 7.28 38.89 2.06
CA PRO D 378 7.68 39.91 3.04
C PRO D 378 8.17 39.43 4.38
N PHE D 379 7.41 38.53 4.98
CA PHE D 379 7.69 38.01 6.31
C PHE D 379 7.53 39.19 7.27
N GLY D 380 6.39 39.84 7.14
CA GLY D 380 6.00 40.97 7.97
C GLY D 380 4.47 41.06 7.87
N PRO D 381 3.82 41.85 8.75
CA PRO D 381 2.37 42.00 8.75
C PRO D 381 1.78 42.90 7.66
N VAL D 382 2.02 42.53 6.40
CA VAL D 382 1.53 43.30 5.26
C VAL D 382 0.79 42.39 4.27
N LEU D 383 -0.48 42.70 4.04
CA LEU D 383 -1.29 41.89 3.13
C LEU D 383 -1.83 42.62 1.90
N PRO D 384 -1.43 42.18 0.71
CA PRO D 384 -1.89 42.81 -0.53
C PRO D 384 -3.17 42.15 -1.05
N ILE D 385 -4.09 42.97 -1.57
CA ILE D 385 -5.36 42.48 -2.13
C ILE D 385 -5.26 42.78 -3.62
N ILE D 386 -5.40 41.73 -4.44
CA ILE D 386 -5.32 41.88 -5.90
C ILE D 386 -6.64 41.42 -6.51
N ARG D 387 -7.40 42.38 -7.05
CA ARG D 387 -8.69 42.10 -7.65
C ARG D 387 -8.57 41.57 -9.07
N VAL D 388 -9.25 40.46 -9.37
CA VAL D 388 -9.23 39.88 -10.70
C VAL D 388 -10.65 39.89 -11.29
N THR D 389 -10.76 39.66 -12.60
CA THR D 389 -12.07 39.66 -13.23
C THR D 389 -12.53 38.28 -13.70
N SER D 390 -11.71 37.26 -13.45
CA SER D 390 -12.06 35.90 -13.83
C SER D 390 -11.21 34.87 -13.11
N VAL D 391 -11.78 33.68 -12.94
CA VAL D 391 -11.12 32.57 -12.28
C VAL D 391 -9.83 32.22 -13.01
N GLU D 392 -9.85 32.42 -14.33
CA GLU D 392 -8.70 32.11 -15.17
C GLU D 392 -7.55 33.05 -14.89
N GLU D 393 -7.87 34.30 -14.61
CA GLU D 393 -6.86 35.30 -14.32
C GLU D 393 -6.25 35.00 -12.95
N ALA D 394 -7.10 34.60 -12.01
CA ALA D 394 -6.67 34.27 -10.66
C ALA D 394 -5.61 33.19 -10.73
N ILE D 395 -5.91 32.15 -11.51
CA ILE D 395 -5.01 31.02 -11.70
C ILE D 395 -3.71 31.46 -12.36
N GLU D 396 -3.84 32.33 -13.37
CA GLU D 396 -2.69 32.86 -14.11
C GLU D 396 -1.73 33.61 -13.17
N ILE D 397 -2.28 34.57 -12.43
CA ILE D 397 -1.50 35.36 -11.50
C ILE D 397 -0.90 34.49 -10.40
N SER D 398 -1.65 33.49 -9.96
CA SER D 398 -1.19 32.57 -8.93
C SER D 398 0.03 31.80 -9.41
N ASN D 399 -0.17 31.02 -10.46
CA ASN D 399 0.90 30.21 -11.03
C ASN D 399 2.07 31.05 -11.54
N LYS D 400 1.88 32.35 -11.68
CA LYS D 400 2.94 33.23 -12.16
C LYS D 400 4.09 33.33 -11.16
N SER D 401 3.80 33.11 -9.88
CA SER D 401 4.81 33.17 -8.84
C SER D 401 5.76 31.98 -8.96
N GLU D 402 7.00 32.17 -8.52
CA GLU D 402 7.99 31.09 -8.55
C GLU D 402 7.80 30.23 -7.30
N TYR D 403 6.86 30.67 -6.45
CA TYR D 403 6.53 30.01 -5.20
C TYR D 403 5.31 29.11 -5.41
N GLY D 404 5.26 27.99 -4.70
CA GLY D 404 4.14 27.08 -4.85
C GLY D 404 3.98 26.15 -3.66
N LEU D 405 3.85 26.72 -2.46
CA LEU D 405 3.68 25.94 -1.25
C LEU D 405 2.23 25.44 -1.14
N GLN D 406 1.30 26.34 -0.81
CA GLN D 406 -0.10 26.03 -0.70
C GLN D 406 -0.98 27.11 -1.30
N ALA D 407 -2.28 26.90 -1.23
CA ALA D 407 -3.26 27.85 -1.74
C ALA D 407 -4.61 27.56 -1.10
N SER D 408 -5.45 28.58 -1.06
CA SER D 408 -6.80 28.44 -0.51
C SER D 408 -7.77 28.86 -1.58
N ILE D 409 -8.89 28.17 -1.65
CA ILE D 409 -9.90 28.54 -2.60
C ILE D 409 -11.17 28.66 -1.80
N PHE D 410 -11.76 29.86 -1.81
CA PHE D 410 -12.98 30.10 -1.07
C PHE D 410 -14.14 30.13 -2.06
N THR D 411 -14.98 29.11 -1.99
CA THR D 411 -16.12 28.97 -2.88
C THR D 411 -16.99 27.84 -2.33
N ASN D 412 -18.19 27.72 -2.88
CA ASN D 412 -19.10 26.67 -2.47
C ASN D 412 -19.31 25.64 -3.59
N ASP D 413 -18.54 25.80 -4.67
CA ASP D 413 -18.60 24.91 -5.83
C ASP D 413 -17.38 23.99 -5.77
N PHE D 414 -17.55 22.85 -5.13
CA PHE D 414 -16.48 21.86 -4.96
C PHE D 414 -15.92 21.25 -6.24
N PRO D 415 -16.79 20.77 -7.15
CA PRO D 415 -16.25 20.17 -8.38
C PRO D 415 -15.39 21.18 -9.15
N ARG D 416 -15.80 22.43 -9.10
CA ARG D 416 -15.07 23.50 -9.77
C ARG D 416 -13.80 23.76 -8.97
N ALA D 417 -13.94 23.83 -7.65
CA ALA D 417 -12.80 24.04 -6.77
C ALA D 417 -11.75 22.95 -7.00
N PHE D 418 -12.19 21.73 -7.27
CA PHE D 418 -11.26 20.63 -7.49
C PHE D 418 -10.58 20.78 -8.85
N GLY D 419 -11.30 21.34 -9.82
CA GLY D 419 -10.70 21.54 -11.14
C GLY D 419 -9.63 22.61 -11.07
N ILE D 420 -9.88 23.65 -10.28
CA ILE D 420 -8.93 24.75 -10.11
C ILE D 420 -7.69 24.20 -9.39
N ALA D 421 -7.91 23.48 -8.30
CA ALA D 421 -6.84 22.91 -7.51
C ALA D 421 -5.87 22.10 -8.36
N GLU D 422 -6.39 21.46 -9.40
CA GLU D 422 -5.56 20.64 -10.30
C GLU D 422 -4.58 21.50 -11.09
N GLN D 423 -4.98 22.73 -11.39
CA GLN D 423 -4.17 23.67 -12.16
C GLN D 423 -3.23 24.50 -11.32
N LEU D 424 -3.53 24.65 -10.02
CA LEU D 424 -2.68 25.43 -9.14
C LEU D 424 -1.35 24.72 -8.92
N GLU D 425 -0.25 25.39 -9.24
CA GLU D 425 1.07 24.80 -9.07
C GLU D 425 1.55 24.92 -7.62
N VAL D 426 0.93 24.13 -6.75
CA VAL D 426 1.24 24.12 -5.33
C VAL D 426 1.29 22.72 -4.74
N GLY D 427 1.60 22.64 -3.46
CA GLY D 427 1.63 21.33 -2.82
C GLY D 427 0.24 20.96 -2.30
N THR D 428 -0.36 21.87 -1.54
CA THR D 428 -1.67 21.62 -0.97
C THR D 428 -2.64 22.75 -1.25
N VAL D 429 -3.90 22.39 -1.49
CA VAL D 429 -4.96 23.36 -1.74
C VAL D 429 -6.03 23.16 -0.67
N HIS D 430 -6.26 24.21 0.11
CA HIS D 430 -7.27 24.16 1.18
C HIS D 430 -8.56 24.81 0.70
N ILE D 431 -9.66 24.08 0.78
CA ILE D 431 -10.95 24.61 0.36
C ILE D 431 -11.71 25.20 1.55
N ASN D 432 -11.92 26.51 1.52
CA ASN D 432 -12.63 27.24 2.55
C ASN D 432 -11.91 27.24 3.90
N ASN D 433 -10.58 27.26 3.83
CA ASN D 433 -9.74 27.29 5.01
C ASN D 433 -8.47 27.99 4.58
N LYS D 434 -7.76 28.55 5.56
CA LYS D 434 -6.50 29.20 5.27
C LYS D 434 -5.50 28.06 5.09
N THR D 435 -4.35 28.37 4.51
CA THR D 435 -3.31 27.37 4.30
C THR D 435 -2.63 27.00 5.62
N GLN D 436 -1.99 25.84 5.67
CA GLN D 436 -1.34 25.40 6.89
C GLN D 436 -0.62 24.07 6.66
N ARG D 437 0.37 23.78 7.50
CA ARG D 437 1.12 22.53 7.39
C ARG D 437 0.17 21.50 8.01
N GLY D 438 -0.76 22.05 8.78
CA GLY D 438 -1.81 21.34 9.49
C GLY D 438 -2.06 19.88 9.36
N THR D 439 -1.94 19.22 10.52
CA THR D 439 -2.08 17.78 10.70
C THR D 439 -0.90 17.18 9.95
N ASP D 440 0.13 16.89 10.74
CA ASP D 440 1.39 16.36 10.27
C ASP D 440 1.37 14.96 9.67
N ASN D 441 0.21 14.32 9.64
CA ASN D 441 0.14 13.01 9.04
C ASN D 441 -0.13 13.23 7.55
N PHE D 442 -0.57 14.45 7.23
CA PHE D 442 -0.89 14.89 5.85
C PHE D 442 0.42 15.25 5.13
N PRO D 443 0.47 15.04 3.81
CA PRO D 443 1.70 15.38 3.09
C PRO D 443 1.92 16.88 3.12
N PHE D 444 3.19 17.29 3.13
CA PHE D 444 3.53 18.70 3.13
C PHE D 444 4.68 18.86 2.14
N LEU D 445 4.42 19.58 1.06
CA LEU D 445 5.41 19.79 0.02
C LEU D 445 5.10 21.09 -0.69
N GLY D 446 6.05 21.58 -1.47
CA GLY D 446 5.85 22.80 -2.23
C GLY D 446 6.28 22.59 -3.67
N ALA D 447 5.71 23.36 -4.59
CA ALA D 447 6.08 23.24 -5.99
C ALA D 447 7.07 24.35 -6.36
N LYS D 448 7.64 24.26 -7.56
CA LYS D 448 8.60 25.24 -8.05
C LYS D 448 9.73 25.53 -7.05
N LYS D 449 9.94 26.79 -6.71
CA LYS D 449 11.02 27.14 -5.80
C LYS D 449 10.63 27.17 -4.34
N SER D 450 9.59 26.43 -4.00
CA SER D 450 9.12 26.39 -2.63
C SER D 450 9.68 25.15 -1.91
N GLY D 451 10.43 24.33 -2.64
CA GLY D 451 11.02 23.16 -2.01
C GLY D 451 11.37 21.94 -2.86
N ALA D 452 11.85 20.91 -2.17
CA ALA D 452 12.22 19.65 -2.78
C ALA D 452 11.85 18.55 -1.78
N GLY D 453 11.16 17.52 -2.26
CA GLY D 453 10.78 16.44 -1.35
C GLY D 453 9.41 16.65 -0.76
N ILE D 454 8.82 15.56 -0.25
CA ILE D 454 7.49 15.59 0.35
C ILE D 454 7.61 15.23 1.81
N GLN D 455 7.09 16.09 2.67
CA GLN D 455 7.16 15.82 4.09
C GLN D 455 5.82 15.36 4.67
N GLY D 456 5.66 15.49 5.98
CA GLY D 456 4.48 14.98 6.64
C GLY D 456 5.16 13.75 7.23
N VAL D 457 4.77 13.32 8.43
CA VAL D 457 5.46 12.20 9.05
C VAL D 457 5.86 11.01 8.18
N LYS D 458 4.88 10.27 7.67
CA LYS D 458 5.17 9.09 6.86
C LYS D 458 6.08 9.30 5.66
N TYR D 459 5.92 10.44 5.00
CA TYR D 459 6.73 10.74 3.84
C TYR D 459 8.17 11.08 4.22
N SER D 460 8.32 11.73 5.36
CA SER D 460 9.65 12.10 5.86
C SER D 460 10.44 10.84 6.10
N ILE D 461 9.80 9.88 6.77
CA ILE D 461 10.42 8.62 7.07
C ILE D 461 10.82 7.92 5.78
N GLU D 462 9.89 7.77 4.85
CA GLU D 462 10.18 7.13 3.57
C GLU D 462 11.34 7.81 2.85
N ALA D 463 11.40 9.14 2.95
CA ALA D 463 12.42 9.96 2.29
C ALA D 463 13.81 9.80 2.88
N MET D 464 13.89 9.54 4.18
CA MET D 464 15.19 9.40 4.82
C MET D 464 15.59 7.95 5.06
N THR D 465 15.06 7.05 4.24
CA THR D 465 15.41 5.64 4.30
C THR D 465 15.68 5.19 2.88
N THR D 466 16.33 4.05 2.77
CA THR D 466 16.61 3.50 1.45
C THR D 466 16.08 2.09 1.44
N VAL D 467 16.44 1.33 0.44
CA VAL D 467 15.93 -0.02 0.33
C VAL D 467 17.07 -0.98 0.10
N LYS D 468 16.92 -2.21 0.60
CA LYS D 468 17.90 -3.27 0.44
C LYS D 468 17.12 -4.45 -0.11
N SER D 469 17.39 -4.79 -1.37
CA SER D 469 16.70 -5.88 -2.03
C SER D 469 17.57 -7.13 -2.03
N VAL D 470 17.02 -8.24 -1.55
CA VAL D 470 17.73 -9.51 -1.53
C VAL D 470 16.95 -10.47 -2.40
N VAL D 471 17.55 -10.90 -3.50
CA VAL D 471 16.90 -11.80 -4.43
C VAL D 471 17.49 -13.22 -4.44
N PHE D 472 16.62 -14.23 -4.36
CA PHE D 472 17.05 -15.63 -4.39
C PHE D 472 15.99 -16.47 -5.09
N ASP D 473 16.34 -17.71 -5.44
CA ASP D 473 15.41 -18.61 -6.13
C ASP D 473 14.94 -19.74 -5.23
N ILE D 474 13.66 -20.08 -5.36
CA ILE D 474 13.07 -21.15 -4.58
C ILE D 474 13.15 -22.45 -5.35
N LYS D 475 13.60 -23.50 -4.69
CA LYS D 475 13.70 -24.81 -5.32
C LYS D 475 12.51 -25.59 -4.79
PA NAP E . -31.60 -15.43 -8.99
O1A NAP E . -31.32 -15.42 -7.54
O2A NAP E . -32.83 -16.00 -9.55
O5B NAP E . -30.40 -16.19 -9.73
C5B NAP E . -29.00 -15.83 -9.84
C4B NAP E . -28.28 -17.06 -10.34
O4B NAP E . -28.43 -18.09 -9.35
C3B NAP E . -28.73 -17.76 -11.63
O3B NAP E . -27.50 -18.07 -12.27
C2B NAP E . -29.54 -19.01 -11.26
O2B NAP E . -29.50 -20.10 -12.27
C1B NAP E . -28.84 -19.36 -9.95
N9A NAP E . -29.51 -20.24 -8.92
C8A NAP E . -30.83 -20.38 -8.62
N7A NAP E . -30.99 -21.07 -7.48
C5A NAP E . -29.75 -21.33 -7.05
C6A NAP E . -29.35 -22.17 -5.98
N6A NAP E . -30.21 -22.64 -5.07
N1A NAP E . -28.01 -22.49 -5.89
C2A NAP E . -27.10 -22.00 -6.75
N3A NAP E . -27.49 -21.21 -7.76
C4A NAP E . -28.80 -20.86 -7.95
O3 NAP E . -31.27 -13.95 -9.65
PN NAP E . -31.36 -13.30 -11.18
O1N NAP E . -32.80 -13.61 -11.42
O2N NAP E . -30.31 -13.86 -12.08
O5D NAP E . -30.98 -11.67 -11.08
C5D NAP E . -31.88 -10.67 -10.58
C4D NAP E . -31.53 -10.38 -9.12
O4D NAP E . -30.09 -10.22 -9.00
C3D NAP E . -32.16 -9.09 -8.58
O3D NAP E . -32.69 -9.17 -7.27
C2D NAP E . -31.01 -8.07 -8.70
O2D NAP E . -31.04 -6.76 -8.08
C1D NAP E . -29.78 -8.91 -8.47
N1N NAP E . -28.58 -8.31 -9.12
C2N NAP E . -27.49 -8.01 -8.25
C3N NAP E . -26.29 -7.50 -8.77
C7N NAP E . -25.26 -6.78 -7.86
O7N NAP E . -24.16 -6.48 -8.35
N7N NAP E . -25.60 -6.53 -6.59
C4N NAP E . -26.17 -7.41 -10.20
C5N NAP E . -27.24 -7.74 -11.09
C6N NAP E . -28.45 -8.17 -10.56
P2B NAP E . -31.03 -20.33 -12.90
O1X NAP E . -32.04 -20.18 -11.83
O2X NAP E . -31.18 -19.52 -14.12
O3X NAP E . -31.08 -21.91 -13.30
S SO4 F . 2.64 -17.66 20.70
O1 SO4 F . 3.69 -18.36 21.48
O2 SO4 F . 1.62 -17.11 21.61
O3 SO4 F . 2.01 -18.65 19.80
O4 SO4 F . 3.24 -16.54 19.95
S SO4 G . -16.19 -32.38 33.68
O1 SO4 G . -16.57 -33.69 34.24
O2 SO4 G . -17.30 -31.42 33.85
O3 SO4 G . -15.88 -32.51 32.25
O4 SO4 G . -14.99 -31.89 34.41
PA NAP H . -15.10 -24.22 22.34
O1A NAP H . -15.58 -24.71 21.04
O2A NAP H . -15.65 -24.84 23.55
O5B NAP H . -15.62 -22.71 22.40
C5B NAP H . -14.83 -21.53 22.64
C4B NAP H . -15.66 -20.38 23.15
O4B NAP H . -16.90 -20.36 22.42
C3B NAP H . -16.11 -20.45 24.60
O3B NAP H . -16.03 -19.09 25.03
C2B NAP H . -17.52 -21.09 24.66
O2B NAP H . -18.46 -20.72 25.72
C1B NAP H . -18.02 -20.59 23.32
N9A NAP H . -19.09 -21.39 22.70
C8A NAP H . -19.21 -22.72 22.57
N7A NAP H . -20.36 -22.99 21.95
C5A NAP H . -20.95 -21.82 21.68
C6A NAP H . -21.86 -21.57 20.62
N6A NAP H . -22.83 -22.42 20.33
N1A NAP H . -21.90 -20.32 20.05
C2A NAP H . -21.15 -19.31 20.52
N3A NAP H . -20.31 -19.53 21.57
C4A NAP H . -20.15 -20.77 22.12
O3 NAP H . -13.47 -24.18 22.39
PN NAP H . -12.43 -24.21 23.68
O1N NAP H . -12.61 -25.59 24.23
O2N NAP H . -12.67 -23.04 24.57
O5D NAP H . -10.90 -23.95 23.11
C5D NAP H . -10.03 -25.01 22.67
C4D NAP H . -10.34 -25.15 21.19
O4D NAP H . -10.15 -23.81 20.67
C3D NAP H . -9.41 -26.08 20.41
O3D NAP H . -10.06 -26.77 19.34
C2D NAP H . -8.32 -25.14 19.89
O2D NAP H . -7.53 -25.54 18.75
C1D NAP H . -9.06 -23.84 19.71
N1N NAP H . -8.20 -22.65 19.77
C2N NAP H . -7.95 -22.04 18.51
C3N NAP H . -7.10 -20.93 18.47
C7N NAP H . -6.62 -20.29 17.15
O7N NAP H . -6.00 -19.23 17.20
N7N NAP H . -6.93 -20.89 16.00
C4N NAP H . -6.58 -20.48 19.74
C5N NAP H . -6.80 -21.07 21.01
C6N NAP H . -7.65 -22.17 21.01
P2B NAP H . -18.41 -21.82 26.94
O1X NAP H . -18.99 -23.13 26.53
O2X NAP H . -17.08 -21.81 27.57
O3X NAP H . -19.40 -21.22 27.98
S SO4 I . 19.93 -7.75 -16.68
O1 SO4 I . 18.63 -7.44 -16.07
O2 SO4 I . 19.88 -7.37 -18.10
O3 SO4 I . 20.17 -9.22 -16.59
O4 SO4 I . 21.00 -7.01 -15.98
PA NAP J . 29.10 8.56 -20.02
O1A NAP J . 29.04 9.06 -18.63
O2A NAP J . 30.33 8.64 -20.86
O5B NAP J . 27.94 9.24 -20.85
C5B NAP J . 26.58 8.79 -20.67
C4B NAP J . 25.58 9.63 -21.41
O4B NAP J . 25.81 11.01 -21.02
C3B NAP J . 25.70 9.73 -22.91
O3B NAP J . 24.35 9.71 -23.36
C2B NAP J . 26.49 11.02 -23.22
O2B NAP J . 26.23 11.52 -24.53
C1B NAP J . 25.98 11.95 -22.12
N9A NAP J . 26.87 13.05 -21.58
C8A NAP J . 28.20 13.00 -21.38
N7A NAP J . 28.62 14.09 -20.74
C5A NAP J . 27.54 14.84 -20.57
C6A NAP J . 27.42 16.01 -19.75
N6A NAP J . 28.35 16.96 -19.74
N1A NAP J . 26.17 16.36 -19.33
C2A NAP J . 25.07 15.67 -19.72
N3A NAP J . 25.20 14.63 -20.57
C4A NAP J . 26.41 14.16 -21.01
O3 NAP J . 28.69 6.94 -19.87
PN NAP J . 28.73 5.67 -20.87
O1N NAP J . 30.17 5.63 -21.25
O2N NAP J . 27.72 5.90 -21.94
O5D NAP J . 28.27 4.22 -20.18
C5D NAP J . 29.13 3.45 -19.34
C4D NAP J . 28.98 3.96 -17.91
O4D NAP J . 27.55 3.93 -17.59
C3D NAP J . 29.73 3.11 -16.88
O3D NAP J . 30.38 3.89 -15.85
C2D NAP J . 28.61 2.18 -16.39
O2D NAP J . 28.67 1.27 -15.27
C1D NAP J . 27.39 3.08 -16.43
N1N NAP J . 26.15 2.29 -16.51
C2N NAP J . 25.30 2.48 -15.40
C3N NAP J . 24.06 1.82 -15.34
C7N NAP J . 23.38 1.65 -13.98
O7N NAP J . 22.19 1.34 -13.99
N7N NAP J . 24.06 1.96 -12.86
C4N NAP J . 23.66 1.06 -16.50
C5N NAP J . 24.50 0.83 -17.63
C6N NAP J . 25.78 1.44 -17.62
P2B NAP J . 27.63 11.39 -25.39
O1X NAP J . 27.90 9.96 -25.75
O2X NAP J . 27.55 12.40 -26.47
O3X NAP J . 28.79 11.86 -24.45
S SO4 K . 0.09 25.19 10.89
O1 SO4 K . -0.34 23.79 10.70
O2 SO4 K . 0.50 25.79 9.60
O3 SO4 K . 1.23 25.20 11.82
O4 SO4 K . -1.02 25.99 11.42
S SO4 L . 19.87 43.48 12.50
O1 SO4 L . 20.76 42.32 12.63
O2 SO4 L . 18.99 43.28 11.35
O3 SO4 L . 20.66 44.72 12.31
O4 SO4 L . 19.06 43.63 13.72
PA NAP M . 17.50 31.08 6.26
O1A NAP M . 17.57 30.38 4.96
O2A NAP M . 18.12 32.43 6.39
O5B NAP M . 18.23 30.12 7.31
C5B NAP M . 17.58 29.01 7.95
C4B NAP M . 18.62 28.06 8.49
O4B NAP M . 19.67 27.84 7.53
C3B NAP M . 19.39 28.48 9.72
O3B NAP M . 19.56 27.23 10.46
C2B NAP M . 20.69 29.17 9.25
O2B NAP M . 21.76 29.26 10.22
C1B NAP M . 20.94 28.23 8.09
N9A NAP M . 21.87 28.63 7.01
C8A NAP M . 22.19 29.84 6.50
N7A NAP M . 23.12 29.68 5.52
C5A NAP M . 23.34 28.36 5.44
C6A NAP M . 24.32 27.65 4.69
N6A NAP M . 24.80 28.05 3.52
N1A NAP M . 24.48 26.32 5.00
C2A NAP M . 23.73 25.66 5.92
N3A NAP M . 22.80 26.34 6.59
C4A NAP M . 22.58 27.68 6.38
O3 NAP M . 15.89 31.12 6.82
PN NAP M . 15.07 31.85 8.01
O1N NAP M . 15.27 33.29 7.78
O2N NAP M . 15.46 31.29 9.34
O5D NAP M . 13.49 31.44 7.81
C5D NAP M . 12.51 32.17 7.05
C4D NAP M . 12.41 31.52 5.67
O4D NAP M . 12.17 30.12 5.96
C3D NAP M . 11.27 31.95 4.74
O3D NAP M . 11.65 31.88 3.36
C2D NAP M . 10.14 30.97 5.03
O2D NAP M . 9.04 30.82 4.09
C1D NAP M . 10.97 29.72 5.28
N1N NAP M . 10.26 28.68 6.04
C2N NAP M . 9.93 27.53 5.24
C3N NAP M . 9.13 26.54 5.83
C7N NAP M . 8.46 25.45 4.98
O7N NAP M . 8.13 24.38 5.50
N7N NAP M . 8.30 25.68 3.66
C4N NAP M . 8.74 26.72 7.21
C5N NAP M . 9.05 27.87 8.00
C6N NAP M . 9.83 28.87 7.41
P2B NAP M . 21.85 30.81 10.73
O1X NAP M . 22.06 31.71 9.58
O2X NAP M . 20.71 31.16 11.64
O3X NAP M . 23.29 30.85 11.55
#